data_8ZRY
#
_entry.id   8ZRY
#
_cell.length_a   1.00
_cell.length_b   1.00
_cell.length_c   1.00
_cell.angle_alpha   90.00
_cell.angle_beta   90.00
_cell.angle_gamma   90.00
#
_symmetry.space_group_name_H-M   'P 1'
#
loop_
_entity.id
_entity.type
_entity.pdbx_description
1 polymer 'Enoyl-CoA hydratase, mitochondrial'
2 non-polymer 'S-[2-[3-[[(2R)-4-[[[(2R,3S,4R,5R)-5-(6-aminopurin-9-yl)-4-oxidanyl-3-phosphonooxy-oxolan-2-yl]methoxy-oxidanyl-phosphoryl]oxy-oxidanyl-phosphoryl]oxy-3,3-dimethyl-2-oxidanyl-butanoyl]amino]propanoylamino]ethyl] (E)-but-2-enethioate'
3 non-polymer 'MAGNESIUM ION'
4 water water
#
_entity_poly.entity_id   1
_entity_poly.type   'polypeptide(L)'
_entity_poly.pdbx_seq_one_letter_code
;ASGANFEYIIAEKRGKNNTVGLIQLNRPKALNALCDGLIDELNQALKTFEEDPAVGAIVLTGGDKAFAAGADIKEMQNLS
FQDCYSSKFLKHWDHLTQVKKPVIAAVNGYAFGGGCELAMMCDIIYAGEKAQFAQPEILIGTIPGAGGTQRLTRAVGKSL
AMEMVLTGDRISAQDAKQAGLVSKICPVETLVEEAIQCAEKIASNSKIVVAMAKESVNAAFEMTLTEGSKLEKKLFYSTF
ATDDRKEGMTAFVEKRKANFKDQ
;
_entity_poly.pdbx_strand_id   A,B,C,D,E,F
#
# COMPACT_ATOMS: atom_id res chain seq x y z
N ALA A 4 -8.18 -33.52 24.05
CA ALA A 4 -9.22 -33.60 25.07
C ALA A 4 -10.54 -34.09 24.48
N ASN A 5 -11.54 -34.29 25.35
CA ASN A 5 -12.85 -34.74 24.90
C ASN A 5 -13.67 -33.54 24.45
N PHE A 6 -13.98 -33.48 23.15
CA PHE A 6 -14.76 -32.40 22.58
C PHE A 6 -16.23 -32.79 22.50
N GLU A 7 -17.10 -31.80 22.70
CA GLU A 7 -18.54 -32.01 22.64
C GLU A 7 -19.20 -31.28 21.47
N TYR A 8 -18.52 -30.32 20.85
CA TYR A 8 -19.05 -29.61 19.70
C TYR A 8 -18.40 -30.00 18.38
N ILE A 9 -17.13 -30.41 18.41
CA ILE A 9 -16.40 -30.78 17.21
C ILE A 9 -15.91 -32.22 17.35
N ILE A 10 -15.40 -32.77 16.26
CA ILE A 10 -14.88 -34.13 16.22
C ILE A 10 -13.47 -34.04 15.63
N ALA A 11 -12.46 -34.17 16.48
CA ALA A 11 -11.06 -34.12 16.07
C ALA A 11 -10.51 -35.53 16.00
N GLU A 12 -10.09 -35.94 14.80
CA GLU A 12 -9.55 -37.28 14.59
C GLU A 12 -8.55 -37.25 13.46
N LYS A 13 -7.63 -38.21 13.48
CA LYS A 13 -6.61 -38.34 12.44
C LYS A 13 -7.11 -39.29 11.37
N ARG A 14 -7.23 -38.79 10.14
CA ARG A 14 -7.77 -39.54 9.02
C ARG A 14 -6.68 -39.72 7.97
N GLY A 15 -6.99 -40.52 6.95
CA GLY A 15 -6.06 -40.76 5.87
C GLY A 15 -5.05 -41.84 6.22
N LYS A 16 -4.23 -42.19 5.22
CA LYS A 16 -3.21 -43.21 5.41
C LYS A 16 -2.04 -42.63 6.21
N ASN A 17 -1.41 -43.49 7.01
CA ASN A 17 -0.26 -43.16 7.83
C ASN A 17 -0.56 -42.07 8.87
N ASN A 18 -1.82 -41.74 9.06
CA ASN A 18 -2.26 -40.73 10.04
C ASN A 18 -1.52 -39.41 9.84
N THR A 19 -1.68 -38.86 8.63
CA THR A 19 -1.04 -37.60 8.27
C THR A 19 -2.05 -36.48 8.01
N VAL A 20 -3.35 -36.74 8.17
CA VAL A 20 -4.38 -35.75 7.92
C VAL A 20 -5.24 -35.60 9.17
N GLY A 21 -5.44 -34.36 9.59
CA GLY A 21 -6.28 -34.06 10.74
C GLY A 21 -7.63 -33.51 10.27
N LEU A 22 -8.68 -34.22 10.64
CA LEU A 22 -10.04 -33.89 10.22
C LEU A 22 -10.81 -33.28 11.38
N ILE A 23 -11.25 -32.04 11.20
CA ILE A 23 -12.08 -31.35 12.19
C ILE A 23 -13.49 -31.28 11.61
N GLN A 24 -14.45 -31.89 12.30
CA GLN A 24 -15.83 -31.97 11.85
C GLN A 24 -16.73 -31.26 12.85
N LEU A 25 -17.37 -30.19 12.40
CA LEU A 25 -18.33 -29.48 13.24
C LEU A 25 -19.58 -30.33 13.41
N ASN A 26 -19.88 -30.71 14.65
CA ASN A 26 -21.01 -31.57 14.96
C ASN A 26 -21.99 -30.79 15.86
N ARG A 27 -22.91 -30.07 15.23
CA ARG A 27 -23.96 -29.34 15.93
C ARG A 27 -25.19 -29.27 15.03
N PRO A 28 -25.92 -30.39 14.88
CA PRO A 28 -27.13 -30.37 14.03
C PRO A 28 -28.32 -29.69 14.66
N LYS A 29 -28.22 -29.25 15.92
CA LYS A 29 -29.32 -28.60 16.61
C LYS A 29 -29.32 -27.10 16.43
N ALA A 30 -28.22 -26.52 15.93
CA ALA A 30 -28.13 -25.08 15.69
C ALA A 30 -27.48 -24.77 14.35
N LEU A 31 -27.39 -25.76 13.46
CA LEU A 31 -26.75 -25.62 12.15
C LEU A 31 -25.30 -25.15 12.29
N ASN A 32 -24.62 -25.74 13.28
CA ASN A 32 -23.21 -25.45 13.56
C ASN A 32 -23.00 -23.96 13.85
N ALA A 33 -23.64 -23.50 14.92
CA ALA A 33 -23.52 -22.11 15.34
C ALA A 33 -22.12 -21.86 15.91
N LEU A 34 -21.47 -20.81 15.40
CA LEU A 34 -20.11 -20.46 15.81
C LEU A 34 -20.15 -19.71 17.13
N CYS A 35 -20.38 -20.46 18.21
CA CYS A 35 -20.38 -19.89 19.55
C CYS A 35 -18.95 -19.81 20.08
N ASP A 36 -18.81 -19.32 21.31
CA ASP A 36 -17.49 -19.17 21.91
C ASP A 36 -16.82 -20.51 22.21
N GLY A 37 -17.57 -21.47 22.76
CA GLY A 37 -17.01 -22.78 23.08
C GLY A 37 -16.58 -23.55 21.85
N LEU A 38 -17.40 -23.47 20.80
CA LEU A 38 -17.05 -24.15 19.54
C LEU A 38 -15.77 -23.56 18.95
N ILE A 39 -15.64 -22.24 18.98
CA ILE A 39 -14.43 -21.60 18.44
C ILE A 39 -13.22 -21.92 19.30
N ASP A 40 -13.39 -21.98 20.62
CA ASP A 40 -12.29 -22.36 21.49
C ASP A 40 -11.83 -23.80 21.22
N GLU A 41 -12.79 -24.72 21.06
CA GLU A 41 -12.44 -26.10 20.72
C GLU A 41 -11.77 -26.19 19.36
N LEU A 42 -12.24 -25.42 18.38
CA LEU A 42 -11.61 -25.40 17.07
C LEU A 42 -10.17 -24.90 17.14
N ASN A 43 -9.94 -23.83 17.91
CA ASN A 43 -8.58 -23.33 18.08
C ASN A 43 -7.69 -24.33 18.81
N GLN A 44 -8.21 -25.02 19.82
CA GLN A 44 -7.43 -26.05 20.49
C GLN A 44 -7.08 -27.18 19.54
N ALA A 45 -8.03 -27.63 18.72
CA ALA A 45 -7.76 -28.68 17.75
C ALA A 45 -6.74 -28.23 16.72
N LEU A 46 -6.84 -26.99 16.24
CA LEU A 46 -5.85 -26.47 15.30
C LEU A 46 -4.46 -26.41 15.92
N LYS A 47 -4.36 -25.99 17.19
CA LYS A 47 -3.06 -25.96 17.86
C LYS A 47 -2.49 -27.36 18.02
N THR A 48 -3.35 -28.33 18.38
CA THR A 48 -2.89 -29.70 18.54
C THR A 48 -2.40 -30.26 17.21
N PHE A 49 -3.12 -29.96 16.12
CA PHE A 49 -2.72 -30.44 14.81
C PHE A 49 -1.50 -29.72 14.26
N GLU A 50 -1.24 -28.49 14.69
CA GLU A 50 -0.06 -27.74 14.28
C GLU A 50 1.17 -28.10 15.10
N GLU A 51 0.99 -28.59 16.34
CA GLU A 51 2.11 -29.02 17.16
C GLU A 51 2.38 -30.50 17.04
N ASP A 52 1.80 -31.17 16.03
CA ASP A 52 2.01 -32.59 15.82
C ASP A 52 2.95 -32.79 14.65
N PRO A 53 4.09 -33.46 14.83
CA PRO A 53 5.02 -33.65 13.72
C PRO A 53 4.55 -34.68 12.69
N ALA A 54 3.34 -35.23 12.83
CA ALA A 54 2.82 -36.20 11.89
C ALA A 54 1.73 -35.66 10.98
N VAL A 55 1.06 -34.58 11.37
CA VAL A 55 0.00 -33.98 10.57
C VAL A 55 0.62 -32.92 9.66
N GLY A 56 0.30 -33.01 8.37
CA GLY A 56 0.82 -32.05 7.40
C GLY A 56 -0.24 -31.14 6.82
N ALA A 57 -1.51 -31.50 7.00
CA ALA A 57 -2.61 -30.71 6.48
C ALA A 57 -3.85 -30.96 7.33
N ILE A 58 -4.74 -29.97 7.37
CA ILE A 58 -5.95 -30.02 8.16
C ILE A 58 -7.15 -29.87 7.23
N VAL A 59 -8.19 -30.66 7.47
CA VAL A 59 -9.41 -30.63 6.68
C VAL A 59 -10.55 -30.23 7.60
N LEU A 60 -11.03 -29.00 7.43
CA LEU A 60 -12.14 -28.48 8.23
C LEU A 60 -13.44 -28.71 7.48
N THR A 61 -14.35 -29.45 8.11
CA THR A 61 -15.64 -29.77 7.52
C THR A 61 -16.74 -29.62 8.56
N GLY A 62 -17.99 -29.67 8.08
CA GLY A 62 -19.14 -29.58 8.95
C GLY A 62 -20.05 -30.78 8.83
N GLY A 63 -21.30 -30.54 8.43
CA GLY A 63 -22.26 -31.62 8.25
C GLY A 63 -22.65 -31.81 6.79
N ASP A 64 -23.73 -32.55 6.56
CA ASP A 64 -24.21 -32.79 5.20
C ASP A 64 -25.30 -31.82 4.76
N LYS A 65 -25.87 -31.06 5.70
CA LYS A 65 -26.90 -30.09 5.39
C LYS A 65 -26.50 -28.65 5.70
N ALA A 66 -25.48 -28.45 6.54
CA ALA A 66 -25.04 -27.10 6.89
C ALA A 66 -23.63 -27.17 7.43
N PHE A 67 -22.75 -26.34 6.86
CA PHE A 67 -21.37 -26.25 7.32
C PHE A 67 -21.28 -25.40 8.58
N ALA A 68 -21.81 -24.18 8.53
CA ALA A 68 -21.88 -23.30 9.68
C ALA A 68 -22.87 -22.18 9.39
N ALA A 69 -23.76 -21.93 10.34
CA ALA A 69 -24.79 -20.91 10.19
C ALA A 69 -24.33 -19.52 10.62
N GLY A 70 -23.05 -19.38 10.94
CA GLY A 70 -22.49 -18.10 11.36
C GLY A 70 -22.35 -18.03 12.86
N ALA A 71 -22.09 -16.83 13.35
CA ALA A 71 -21.96 -16.59 14.78
C ALA A 71 -23.30 -16.79 15.48
N ASP A 72 -23.22 -17.21 16.74
CA ASP A 72 -24.42 -17.43 17.55
C ASP A 72 -25.10 -16.09 17.82
N ILE A 73 -26.27 -15.90 17.21
CA ILE A 73 -26.99 -14.63 17.40
C ILE A 73 -27.74 -14.63 18.73
N LYS A 74 -27.94 -15.80 19.33
CA LYS A 74 -28.63 -15.91 20.61
C LYS A 74 -27.73 -15.57 21.80
N GLU A 75 -26.48 -15.18 21.55
CA GLU A 75 -25.57 -14.80 22.62
C GLU A 75 -25.00 -13.39 22.46
N MET A 76 -25.08 -12.78 21.29
CA MET A 76 -24.60 -11.41 21.06
C MET A 76 -25.74 -10.42 20.94
N GLN A 77 -26.98 -10.82 21.26
CA GLN A 77 -28.11 -9.92 21.14
C GLN A 77 -28.05 -8.81 22.19
N ASN A 78 -27.82 -9.19 23.45
CA ASN A 78 -27.78 -8.21 24.55
C ASN A 78 -26.36 -7.67 24.73
N LEU A 79 -25.80 -7.18 23.62
CA LEU A 79 -24.47 -6.59 23.60
C LEU A 79 -24.55 -5.17 23.08
N SER A 80 -23.72 -4.30 23.65
CA SER A 80 -23.69 -2.89 23.30
C SER A 80 -22.33 -2.55 22.67
N PHE A 81 -22.15 -1.27 22.35
CA PHE A 81 -20.90 -0.83 21.74
C PHE A 81 -19.74 -0.94 22.72
N GLN A 82 -20.01 -0.74 24.01
CA GLN A 82 -18.95 -0.83 25.01
C GLN A 82 -18.61 -2.28 25.33
N ASP A 83 -19.58 -3.18 25.27
CA ASP A 83 -19.38 -4.59 25.56
C ASP A 83 -18.70 -5.33 24.43
N CYS A 84 -18.44 -4.67 23.30
CA CYS A 84 -17.79 -5.29 22.16
C CYS A 84 -16.44 -4.67 21.84
N TYR A 85 -16.34 -3.34 21.88
CA TYR A 85 -15.06 -2.69 21.57
C TYR A 85 -14.08 -2.81 22.73
N SER A 86 -14.58 -2.98 23.95
CA SER A 86 -13.71 -3.09 25.11
C SER A 86 -13.68 -4.53 25.62
N SER A 87 -14.06 -5.48 24.75
CA SER A 87 -14.02 -6.88 25.10
C SER A 87 -13.37 -7.69 23.98
N LYS A 88 -13.09 -7.01 22.86
CA LYS A 88 -12.47 -7.62 21.68
C LYS A 88 -13.27 -8.84 21.21
N PHE A 89 -14.50 -8.56 20.81
CA PHE A 89 -15.38 -9.60 20.32
C PHE A 89 -14.85 -10.16 18.99
N LEU A 90 -14.97 -11.47 18.81
CA LEU A 90 -14.50 -12.16 17.62
C LEU A 90 -12.98 -12.07 17.46
N LYS A 91 -12.27 -11.98 18.58
CA LYS A 91 -10.81 -11.94 18.56
C LYS A 91 -10.18 -13.32 18.42
N HIS A 92 -10.95 -14.39 18.66
CA HIS A 92 -10.46 -15.76 18.53
C HIS A 92 -10.78 -16.36 17.17
N TRP A 93 -11.24 -15.55 16.23
CA TRP A 93 -11.55 -16.02 14.88
C TRP A 93 -10.42 -15.76 13.89
N ASP A 94 -9.30 -15.21 14.35
CA ASP A 94 -8.14 -14.96 13.53
C ASP A 94 -7.01 -15.93 13.86
N HIS A 95 -7.38 -17.07 14.44
CA HIS A 95 -6.43 -18.13 14.77
C HIS A 95 -6.26 -19.12 13.62
N LEU A 96 -7.04 -18.98 12.55
CA LEU A 96 -6.92 -19.84 11.39
C LEU A 96 -5.96 -19.30 10.34
N THR A 97 -5.88 -17.97 10.20
CA THR A 97 -4.96 -17.35 9.26
C THR A 97 -3.53 -17.29 9.79
N GLN A 98 -3.30 -17.74 11.02
CA GLN A 98 -1.95 -17.77 11.61
C GLN A 98 -1.36 -19.18 11.62
N VAL A 99 -2.08 -20.17 11.10
CA VAL A 99 -1.60 -21.53 11.04
C VAL A 99 -0.70 -21.69 9.81
N LYS A 100 0.47 -22.30 10.01
CA LYS A 100 1.42 -22.51 8.92
C LYS A 100 1.08 -23.72 8.06
N LYS A 101 0.28 -24.66 8.56
CA LYS A 101 -0.10 -25.81 7.78
C LYS A 101 -1.35 -25.52 6.95
N PRO A 102 -1.45 -26.12 5.76
CA PRO A 102 -2.63 -25.85 4.91
C PRO A 102 -3.90 -26.39 5.54
N VAL A 103 -4.96 -25.58 5.45
CA VAL A 103 -6.28 -25.95 5.96
C VAL A 103 -7.23 -26.04 4.77
N ILE A 104 -7.93 -27.16 4.67
CA ILE A 104 -8.88 -27.40 3.59
C ILE A 104 -10.29 -27.33 4.16
N ALA A 105 -11.15 -26.59 3.46
CA ALA A 105 -12.54 -26.39 3.88
C ALA A 105 -13.46 -27.22 3.00
N ALA A 106 -14.24 -28.09 3.63
CA ALA A 106 -15.22 -28.93 2.96
C ALA A 106 -16.61 -28.44 3.33
N VAL A 107 -17.30 -27.81 2.38
CA VAL A 107 -18.60 -27.20 2.61
C VAL A 107 -19.66 -28.07 1.97
N ASN A 108 -20.56 -28.62 2.80
CA ASN A 108 -21.71 -29.40 2.34
C ASN A 108 -22.95 -28.82 3.01
N GLY A 109 -23.70 -28.01 2.26
CA GLY A 109 -24.93 -27.44 2.77
C GLY A 109 -24.90 -25.92 2.88
N TYR A 110 -25.41 -25.40 3.99
CA TYR A 110 -25.53 -23.96 4.19
C TYR A 110 -24.28 -23.42 4.84
N ALA A 111 -23.61 -22.50 4.17
CA ALA A 111 -22.46 -21.77 4.71
C ALA A 111 -22.79 -20.28 4.62
N PHE A 112 -23.46 -19.77 5.64
CA PHE A 112 -23.98 -18.40 5.65
C PHE A 112 -23.31 -17.61 6.76
N GLY A 113 -22.94 -16.37 6.47
CA GLY A 113 -22.35 -15.50 7.46
C GLY A 113 -20.96 -15.92 7.90
N GLY A 114 -20.84 -16.37 9.15
CA GLY A 114 -19.57 -16.82 9.66
C GLY A 114 -19.02 -18.07 9.00
N GLY A 115 -19.89 -18.88 8.39
CA GLY A 115 -19.41 -20.06 7.69
C GLY A 115 -18.57 -19.73 6.47
N CYS A 116 -19.06 -18.81 5.63
CA CYS A 116 -18.27 -18.38 4.47
C CYS A 116 -16.99 -17.67 4.91
N GLU A 117 -17.07 -16.89 6.00
CA GLU A 117 -15.88 -16.22 6.51
C GLU A 117 -14.83 -17.21 7.01
N LEU A 118 -15.28 -18.28 7.67
CA LEU A 118 -14.35 -19.31 8.12
C LEU A 118 -13.81 -20.12 6.95
N ALA A 119 -14.61 -20.32 5.91
CA ALA A 119 -14.15 -21.09 4.76
C ALA A 119 -13.15 -20.30 3.92
N MET A 120 -13.34 -18.98 3.82
CA MET A 120 -12.46 -18.15 3.02
C MET A 120 -11.10 -17.92 3.65
N MET A 121 -10.95 -18.16 4.95
CA MET A 121 -9.66 -18.05 5.62
C MET A 121 -8.80 -19.28 5.43
N CYS A 122 -9.28 -20.28 4.68
CA CYS A 122 -8.51 -21.48 4.38
C CYS A 122 -7.82 -21.33 3.03
N ASP A 123 -6.82 -22.18 2.81
CA ASP A 123 -6.08 -22.14 1.55
C ASP A 123 -6.91 -22.68 0.41
N ILE A 124 -7.45 -23.90 0.55
CA ILE A 124 -8.25 -24.55 -0.47
C ILE A 124 -9.68 -24.65 0.02
N ILE A 125 -10.63 -24.31 -0.85
CA ILE A 125 -12.04 -24.32 -0.52
C ILE A 125 -12.73 -25.33 -1.43
N TYR A 126 -13.18 -26.45 -0.85
CA TYR A 126 -13.88 -27.48 -1.57
C TYR A 126 -15.36 -27.47 -1.18
N ALA A 127 -16.23 -27.37 -2.17
CA ALA A 127 -17.67 -27.33 -1.96
C ALA A 127 -18.35 -28.54 -2.58
N GLY A 128 -19.53 -28.86 -2.05
CA GLY A 128 -20.31 -29.97 -2.56
C GLY A 128 -21.32 -29.53 -3.62
N GLU A 129 -22.10 -30.51 -4.07
CA GLU A 129 -23.12 -30.22 -5.08
C GLU A 129 -24.23 -29.34 -4.50
N LYS A 130 -24.78 -29.72 -3.35
CA LYS A 130 -25.81 -28.93 -2.69
C LYS A 130 -25.17 -28.04 -1.62
N ALA A 131 -24.42 -27.05 -2.10
CA ALA A 131 -23.73 -26.10 -1.25
C ALA A 131 -24.16 -24.69 -1.63
N GLN A 132 -24.42 -23.86 -0.62
CA GLN A 132 -24.89 -22.50 -0.84
C GLN A 132 -24.08 -21.55 0.03
N PHE A 133 -23.60 -20.46 -0.58
CA PHE A 133 -22.83 -19.44 0.11
C PHE A 133 -23.59 -18.11 0.03
N ALA A 134 -23.71 -17.44 1.17
CA ALA A 134 -24.42 -16.17 1.22
C ALA A 134 -23.96 -15.38 2.44
N GLN A 135 -24.35 -14.10 2.48
CA GLN A 135 -24.03 -13.20 3.58
C GLN A 135 -25.34 -12.60 4.10
N PRO A 136 -25.98 -13.26 5.07
CA PRO A 136 -27.28 -12.79 5.55
C PRO A 136 -27.16 -11.77 6.67
N GLU A 137 -25.97 -11.23 6.90
CA GLU A 137 -25.78 -10.23 7.95
C GLU A 137 -26.63 -8.99 7.69
N ILE A 138 -26.85 -8.62 6.43
CA ILE A 138 -27.64 -7.45 6.11
C ILE A 138 -29.11 -7.63 6.44
N LEU A 139 -29.56 -8.87 6.68
CA LEU A 139 -30.94 -9.16 7.03
C LEU A 139 -31.19 -9.13 8.53
N ILE A 140 -30.15 -9.02 9.35
CA ILE A 140 -30.29 -8.96 10.79
C ILE A 140 -29.81 -7.64 11.38
N GLY A 141 -29.46 -6.67 10.55
CA GLY A 141 -29.09 -5.35 11.02
C GLY A 141 -27.61 -5.11 11.24
N THR A 142 -26.75 -6.04 10.82
CA THR A 142 -25.32 -5.89 11.00
C THR A 142 -24.61 -6.13 9.68
N ILE A 143 -23.28 -6.10 9.72
CA ILE A 143 -22.44 -6.34 8.56
C ILE A 143 -21.47 -7.48 8.87
N PRO A 144 -20.91 -8.15 7.88
CA PRO A 144 -19.86 -9.14 8.17
C PRO A 144 -18.67 -8.49 8.87
N GLY A 145 -18.12 -9.20 9.85
CA GLY A 145 -17.04 -8.65 10.64
C GLY A 145 -15.84 -9.56 10.79
N ALA A 146 -15.84 -10.69 10.09
CA ALA A 146 -14.74 -11.64 10.20
C ALA A 146 -14.18 -11.98 8.82
N GLY A 147 -13.97 -10.96 7.99
CA GLY A 147 -13.43 -11.18 6.66
C GLY A 147 -14.45 -11.48 5.59
N GLY A 148 -15.69 -11.05 5.77
CA GLY A 148 -16.75 -11.28 4.81
C GLY A 148 -16.85 -10.26 3.69
N THR A 149 -16.18 -9.11 3.83
CA THR A 149 -16.21 -8.07 2.81
C THR A 149 -14.84 -7.80 2.21
N GLN A 150 -13.80 -8.50 2.66
CA GLN A 150 -12.44 -8.31 2.17
C GLN A 150 -11.95 -9.49 1.34
N ARG A 151 -12.02 -10.71 1.87
CA ARG A 151 -11.59 -11.88 1.12
C ARG A 151 -12.60 -12.29 0.06
N LEU A 152 -13.87 -11.92 0.21
CA LEU A 152 -14.87 -12.27 -0.78
C LEU A 152 -14.81 -11.35 -2.00
N THR A 153 -14.55 -10.06 -1.77
CA THR A 153 -14.52 -9.11 -2.88
C THR A 153 -13.33 -9.36 -3.80
N ARG A 154 -12.19 -9.75 -3.26
CA ARG A 154 -10.99 -10.01 -4.04
C ARG A 154 -10.99 -11.38 -4.70
N ALA A 155 -12.08 -12.14 -4.60
CA ALA A 155 -12.13 -13.48 -5.17
C ALA A 155 -13.20 -13.59 -6.24
N VAL A 156 -14.42 -13.14 -5.94
CA VAL A 156 -15.54 -13.28 -6.86
C VAL A 156 -15.80 -12.02 -7.68
N GLY A 157 -15.21 -10.89 -7.32
CA GLY A 157 -15.45 -9.65 -8.02
C GLY A 157 -16.21 -8.65 -7.17
N LYS A 158 -16.11 -7.38 -7.56
CA LYS A 158 -16.76 -6.32 -6.79
C LYS A 158 -18.28 -6.39 -6.92
N SER A 159 -18.78 -6.66 -8.12
CA SER A 159 -20.22 -6.65 -8.34
C SER A 159 -20.90 -7.80 -7.60
N LEU A 160 -20.36 -9.02 -7.73
CA LEU A 160 -20.96 -10.16 -7.06
C LEU A 160 -20.86 -10.04 -5.54
N ALA A 161 -19.75 -9.51 -5.03
CA ALA A 161 -19.63 -9.30 -3.59
C ALA A 161 -20.63 -8.27 -3.10
N MET A 162 -20.76 -7.15 -3.82
CA MET A 162 -21.76 -6.15 -3.46
C MET A 162 -23.16 -6.74 -3.46
N GLU A 163 -23.48 -7.56 -4.46
CA GLU A 163 -24.81 -8.18 -4.51
C GLU A 163 -25.01 -9.11 -3.31
N MET A 164 -24.06 -9.99 -3.05
CA MET A 164 -24.21 -10.95 -1.96
C MET A 164 -24.25 -10.27 -0.60
N VAL A 165 -23.65 -9.09 -0.48
CA VAL A 165 -23.65 -8.39 0.80
C VAL A 165 -24.89 -7.53 1.00
N LEU A 166 -25.35 -6.83 -0.04
CA LEU A 166 -26.47 -5.91 0.08
C LEU A 166 -27.82 -6.56 -0.21
N THR A 167 -27.84 -7.82 -0.68
CA THR A 167 -29.07 -8.54 -0.95
C THR A 167 -29.27 -9.78 -0.10
N GLY A 168 -28.20 -10.42 0.35
CA GLY A 168 -28.32 -11.65 1.09
C GLY A 168 -28.72 -12.86 0.28
N ASP A 169 -28.58 -12.79 -1.05
CA ASP A 169 -28.98 -13.89 -1.91
C ASP A 169 -27.97 -15.04 -1.81
N ARG A 170 -28.46 -16.25 -2.06
CA ARG A 170 -27.65 -17.46 -1.97
C ARG A 170 -27.19 -17.87 -3.36
N ILE A 171 -25.90 -18.19 -3.48
CA ILE A 171 -25.32 -18.63 -4.74
C ILE A 171 -25.06 -20.12 -4.67
N SER A 172 -24.97 -20.75 -5.84
CA SER A 172 -24.71 -22.17 -5.93
C SER A 172 -23.22 -22.44 -6.02
N ALA A 173 -22.86 -23.73 -5.99
CA ALA A 173 -21.45 -24.10 -6.10
C ALA A 173 -20.90 -23.79 -7.49
N GLN A 174 -21.74 -23.90 -8.53
CA GLN A 174 -21.29 -23.57 -9.88
C GLN A 174 -20.94 -22.09 -10.00
N ASP A 175 -21.71 -21.21 -9.37
CA ASP A 175 -21.38 -19.79 -9.39
C ASP A 175 -20.09 -19.50 -8.63
N ALA A 176 -19.89 -20.16 -7.49
CA ALA A 176 -18.65 -19.98 -6.74
C ALA A 176 -17.44 -20.53 -7.48
N LYS A 177 -17.64 -21.56 -8.31
CA LYS A 177 -16.54 -22.08 -9.12
C LYS A 177 -16.24 -21.18 -10.30
N GLN A 178 -17.28 -20.64 -10.95
CA GLN A 178 -17.07 -19.75 -12.08
C GLN A 178 -16.52 -18.39 -11.64
N ALA A 179 -16.82 -17.95 -10.42
CA ALA A 179 -16.33 -16.67 -9.92
C ALA A 179 -14.96 -16.77 -9.27
N GLY A 180 -14.63 -17.90 -8.66
CA GLY A 180 -13.33 -18.08 -8.04
C GLY A 180 -13.39 -18.26 -6.54
N LEU A 181 -14.59 -18.48 -6.00
CA LEU A 181 -14.71 -18.67 -4.55
C LEU A 181 -14.28 -20.07 -4.14
N VAL A 182 -14.67 -21.08 -4.90
CA VAL A 182 -14.29 -22.47 -4.63
C VAL A 182 -13.38 -22.94 -5.76
N SER A 183 -12.64 -24.01 -5.50
CA SER A 183 -11.66 -24.53 -6.45
C SER A 183 -12.11 -25.80 -7.17
N LYS A 184 -13.05 -26.56 -6.60
CA LYS A 184 -13.50 -27.80 -7.21
C LYS A 184 -14.90 -28.12 -6.71
N ILE A 185 -15.72 -28.68 -7.61
CA ILE A 185 -17.07 -29.11 -7.29
C ILE A 185 -17.06 -30.63 -7.17
N CYS A 186 -17.44 -31.15 -6.01
CA CYS A 186 -17.39 -32.56 -5.69
C CYS A 186 -18.75 -33.04 -5.20
N PRO A 187 -19.04 -34.33 -5.33
CA PRO A 187 -20.31 -34.85 -4.80
C PRO A 187 -20.38 -34.74 -3.30
N VAL A 188 -21.61 -34.81 -2.77
CA VAL A 188 -21.82 -34.65 -1.33
C VAL A 188 -21.31 -35.86 -0.56
N GLU A 189 -21.43 -37.05 -1.14
CA GLU A 189 -21.05 -38.28 -0.46
C GLU A 189 -19.58 -38.63 -0.63
N THR A 190 -18.83 -37.89 -1.45
CA THR A 190 -17.41 -38.13 -1.64
C THR A 190 -16.55 -36.89 -1.47
N LEU A 191 -17.10 -35.80 -0.93
CA LEU A 191 -16.30 -34.60 -0.73
C LEU A 191 -15.25 -34.80 0.36
N VAL A 192 -15.62 -35.50 1.43
CA VAL A 192 -14.69 -35.71 2.54
C VAL A 192 -13.52 -36.57 2.10
N GLU A 193 -13.77 -37.65 1.35
CA GLU A 193 -12.70 -38.51 0.89
C GLU A 193 -11.76 -37.80 -0.07
N GLU A 194 -12.29 -37.03 -1.01
CA GLU A 194 -11.44 -36.28 -1.93
C GLU A 194 -10.67 -35.17 -1.22
N ALA A 195 -11.26 -34.53 -0.22
CA ALA A 195 -10.51 -33.57 0.60
C ALA A 195 -9.39 -34.23 1.39
N ILE A 196 -9.62 -35.42 1.93
CA ILE A 196 -8.56 -36.15 2.62
C ILE A 196 -7.46 -36.54 1.65
N GLN A 197 -7.82 -36.93 0.43
CA GLN A 197 -6.82 -37.25 -0.58
C GLN A 197 -6.01 -36.03 -0.97
N CYS A 198 -6.66 -34.87 -1.12
CA CYS A 198 -5.94 -33.63 -1.41
C CYS A 198 -4.99 -33.27 -0.28
N ALA A 199 -5.44 -33.44 0.97
CA ALA A 199 -4.57 -33.19 2.11
C ALA A 199 -3.40 -34.16 2.16
N GLU A 200 -3.61 -35.42 1.74
CA GLU A 200 -2.50 -36.36 1.67
C GLU A 200 -1.50 -35.95 0.59
N LYS A 201 -1.99 -35.52 -0.57
CA LYS A 201 -1.09 -35.07 -1.63
C LYS A 201 -0.33 -33.82 -1.20
N ILE A 202 -0.96 -32.96 -0.41
CA ILE A 202 -0.26 -31.77 0.11
C ILE A 202 0.80 -32.18 1.13
N ALA A 203 0.45 -33.05 2.07
CA ALA A 203 1.36 -33.47 3.13
C ALA A 203 2.39 -34.49 2.65
N SER A 204 2.40 -34.84 1.37
CA SER A 204 3.39 -35.74 0.82
C SER A 204 4.69 -35.03 0.44
N ASN A 205 4.76 -33.72 0.67
CA ASN A 205 5.94 -32.92 0.36
C ASN A 205 6.56 -32.38 1.65
N SER A 206 7.61 -31.58 1.49
CA SER A 206 8.29 -30.99 2.63
C SER A 206 7.40 -29.95 3.30
N LYS A 207 7.41 -29.96 4.64
CA LYS A 207 6.55 -29.06 5.39
C LYS A 207 7.06 -27.63 5.38
N ILE A 208 8.38 -27.43 5.44
CA ILE A 208 8.93 -26.08 5.41
C ILE A 208 8.71 -25.43 4.05
N VAL A 209 8.89 -26.18 2.97
CA VAL A 209 8.63 -25.64 1.64
C VAL A 209 7.14 -25.37 1.44
N VAL A 210 6.28 -26.23 1.99
CA VAL A 210 4.85 -25.98 1.93
C VAL A 210 4.48 -24.70 2.66
N ALA A 211 5.05 -24.48 3.85
CA ALA A 211 4.79 -23.25 4.59
C ALA A 211 5.30 -22.02 3.85
N MET A 212 6.50 -22.10 3.28
CA MET A 212 7.01 -21.01 2.46
C MET A 212 6.12 -20.69 1.27
N ALA A 213 5.64 -21.71 0.56
CA ALA A 213 4.73 -21.47 -0.55
C ALA A 213 3.40 -20.87 -0.09
N LYS A 214 2.89 -21.34 1.06
CA LYS A 214 1.65 -20.78 1.60
C LYS A 214 1.82 -19.31 1.95
N GLU A 215 2.94 -18.96 2.57
CA GLU A 215 3.18 -17.55 2.90
C GLU A 215 3.39 -16.72 1.65
N SER A 216 4.06 -17.28 0.63
CA SER A 216 4.24 -16.56 -0.63
C SER A 216 2.91 -16.30 -1.33
N VAL A 217 1.99 -17.25 -1.26
CA VAL A 217 0.68 -17.04 -1.86
C VAL A 217 -0.17 -16.08 -1.04
N ASN A 218 -0.08 -16.14 0.30
CA ASN A 218 -0.82 -15.22 1.15
C ASN A 218 -0.30 -13.79 1.09
N ALA A 219 0.97 -13.60 0.73
CA ALA A 219 1.52 -12.26 0.61
C ALA A 219 1.05 -11.53 -0.64
N ALA A 220 0.19 -12.14 -1.46
CA ALA A 220 -0.33 -11.52 -2.67
C ALA A 220 -1.52 -10.60 -2.40
N PHE A 221 -2.01 -10.53 -1.15
CA PHE A 221 -3.09 -9.64 -0.80
C PHE A 221 -2.68 -8.56 0.20
N GLU A 222 -1.45 -8.59 0.71
CA GLU A 222 -0.99 -7.63 1.71
C GLU A 222 0.11 -6.72 1.18
N MET A 223 0.59 -6.95 -0.04
CA MET A 223 1.73 -6.21 -0.57
C MET A 223 1.45 -5.88 -2.03
N THR A 224 2.38 -5.16 -2.64
CA THR A 224 2.29 -4.83 -4.05
C THR A 224 2.94 -5.92 -4.90
N LEU A 225 2.72 -5.83 -6.22
CA LEU A 225 3.26 -6.85 -7.12
C LEU A 225 4.78 -6.78 -7.18
N THR A 226 5.34 -5.56 -7.22
CA THR A 226 6.80 -5.41 -7.27
C THR A 226 7.45 -5.94 -5.99
N GLU A 227 6.95 -5.54 -4.83
CA GLU A 227 7.51 -6.04 -3.58
C GLU A 227 7.12 -7.49 -3.32
N GLY A 228 5.97 -7.92 -3.86
CA GLY A 228 5.60 -9.32 -3.78
C GLY A 228 6.59 -10.19 -4.51
N SER A 229 7.01 -9.75 -5.70
CA SER A 229 8.04 -10.46 -6.45
C SER A 229 9.37 -10.51 -5.71
N LYS A 230 9.78 -9.42 -5.05
CA LYS A 230 10.98 -9.42 -4.25
C LYS A 230 10.91 -10.36 -3.05
N LEU A 231 9.81 -10.35 -2.31
CA LEU A 231 9.63 -11.29 -1.21
C LEU A 231 9.60 -12.74 -1.69
N GLU A 232 8.97 -13.01 -2.83
CA GLU A 232 8.98 -14.34 -3.41
C GLU A 232 10.38 -14.77 -3.83
N LYS A 233 11.17 -13.87 -4.44
CA LYS A 233 12.55 -14.20 -4.78
C LYS A 233 13.39 -14.44 -3.53
N LYS A 234 13.16 -13.68 -2.47
CA LYS A 234 13.88 -13.93 -1.22
C LYS A 234 13.51 -15.27 -0.60
N LEU A 235 12.23 -15.62 -0.58
CA LEU A 235 11.82 -16.92 -0.07
C LEU A 235 12.27 -18.06 -0.95
N PHE A 236 12.47 -17.82 -2.24
CA PHE A 236 13.05 -18.82 -3.14
C PHE A 236 14.55 -18.97 -2.92
N TYR A 237 15.25 -17.88 -2.61
CA TYR A 237 16.67 -17.99 -2.25
C TYR A 237 16.85 -18.70 -0.92
N SER A 238 15.93 -18.48 0.03
CA SER A 238 16.06 -19.02 1.38
C SER A 238 15.63 -20.48 1.48
N THR A 239 15.51 -21.20 0.36
CA THR A 239 15.18 -22.61 0.38
C THR A 239 16.30 -23.52 -0.10
N PHE A 240 17.39 -22.97 -0.62
CA PHE A 240 18.52 -23.76 -1.08
C PHE A 240 19.43 -24.22 0.06
N ALA A 241 19.06 -23.93 1.31
CA ALA A 241 19.85 -24.33 2.47
C ALA A 241 19.19 -25.46 3.25
N THR A 242 18.19 -26.12 2.67
CA THR A 242 17.48 -27.22 3.32
C THR A 242 17.93 -28.55 2.74
N ASP A 243 17.43 -29.63 3.33
CA ASP A 243 17.77 -30.98 2.91
C ASP A 243 16.75 -31.59 1.95
N ASP A 244 15.57 -30.99 1.83
CA ASP A 244 14.54 -31.53 0.93
C ASP A 244 14.64 -30.95 -0.47
N ARG A 245 15.12 -29.72 -0.63
CA ARG A 245 15.26 -29.13 -1.95
C ARG A 245 16.28 -29.89 -2.78
N LYS A 246 17.49 -30.09 -2.23
CA LYS A 246 18.52 -30.82 -2.96
C LYS A 246 18.11 -32.28 -3.16
N GLU A 247 17.41 -32.87 -2.20
CA GLU A 247 16.92 -34.24 -2.36
C GLU A 247 15.95 -34.34 -3.53
N GLY A 248 14.99 -33.41 -3.61
CA GLY A 248 14.06 -33.41 -4.72
C GLY A 248 14.72 -33.15 -6.05
N MET A 249 15.69 -32.22 -6.09
CA MET A 249 16.41 -31.97 -7.33
C MET A 249 17.23 -33.17 -7.78
N THR A 250 17.91 -33.86 -6.86
CA THR A 250 18.63 -35.08 -7.19
C THR A 250 17.71 -36.19 -7.66
N ALA A 251 16.53 -36.34 -7.03
CA ALA A 251 15.57 -37.34 -7.49
C ALA A 251 14.99 -37.00 -8.85
N PHE A 252 14.85 -35.72 -9.17
CA PHE A 252 14.36 -35.33 -10.50
C PHE A 252 15.44 -35.54 -11.55
N VAL A 253 16.71 -35.29 -11.20
CA VAL A 253 17.80 -35.50 -12.15
C VAL A 253 18.02 -36.98 -12.40
N GLU A 254 17.97 -37.81 -11.36
CA GLU A 254 18.20 -39.25 -11.48
C GLU A 254 16.91 -40.01 -11.77
N LYS A 255 15.79 -39.31 -11.94
CA LYS A 255 14.51 -39.92 -12.30
C LYS A 255 14.09 -40.96 -11.28
N ARG A 256 13.93 -40.51 -10.04
CA ARG A 256 13.49 -41.38 -8.95
C ARG A 256 12.58 -40.57 -8.03
N LYS A 257 12.13 -41.21 -6.96
CA LYS A 257 11.23 -40.58 -6.01
C LYS A 257 12.03 -39.89 -4.91
N ALA A 258 11.54 -38.72 -4.49
CA ALA A 258 12.21 -37.90 -3.49
C ALA A 258 11.61 -38.18 -2.11
N ASN A 259 12.47 -38.52 -1.16
CA ASN A 259 12.06 -38.81 0.21
C ASN A 259 12.38 -37.58 1.06
N PHE A 260 11.38 -36.73 1.27
CA PHE A 260 11.56 -35.52 2.05
C PHE A 260 11.51 -35.84 3.55
N LYS A 261 12.36 -35.15 4.31
CA LYS A 261 12.46 -35.37 5.76
C LYS A 261 12.06 -34.13 6.55
N ASP A 262 11.32 -33.20 5.93
CA ASP A 262 10.86 -31.99 6.58
C ASP A 262 12.02 -31.17 7.15
N GLN A 263 13.13 -31.12 6.42
CA GLN A 263 14.32 -30.38 6.86
C GLN A 263 15.16 -29.93 5.68
N ALA B 4 19.37 -14.04 -36.01
CA ALA B 4 20.80 -14.03 -35.76
C ALA B 4 21.34 -15.44 -35.55
N ASN B 5 22.49 -15.54 -34.89
CA ASN B 5 23.11 -16.83 -34.61
C ASN B 5 22.74 -17.34 -33.22
N PHE B 6 21.45 -17.61 -33.06
CA PHE B 6 20.90 -18.12 -31.81
C PHE B 6 20.73 -19.63 -31.89
N GLU B 7 21.23 -20.33 -30.87
CA GLU B 7 21.17 -21.78 -30.83
C GLU B 7 20.00 -22.32 -30.04
N TYR B 8 19.37 -21.49 -29.19
CA TYR B 8 18.25 -21.93 -28.37
C TYR B 8 16.92 -21.32 -28.76
N ILE B 9 16.91 -20.15 -29.43
CA ILE B 9 15.69 -19.50 -29.84
C ILE B 9 15.76 -19.19 -31.32
N ILE B 10 14.59 -18.90 -31.90
CA ILE B 10 14.47 -18.54 -33.31
C ILE B 10 13.79 -17.18 -33.37
N ALA B 11 14.52 -16.15 -33.78
CA ALA B 11 14.02 -14.80 -33.87
C ALA B 11 13.76 -14.45 -35.33
N GLU B 12 12.55 -13.95 -35.61
CA GLU B 12 12.17 -13.61 -36.97
C GLU B 12 11.01 -12.62 -36.92
N LYS B 13 10.89 -11.82 -37.97
CA LYS B 13 9.82 -10.84 -38.11
C LYS B 13 8.69 -11.45 -38.92
N ARG B 14 7.51 -11.55 -38.31
CA ARG B 14 6.34 -12.13 -38.95
C ARG B 14 5.24 -11.08 -39.04
N GLY B 15 4.10 -11.46 -39.61
CA GLY B 15 2.96 -10.59 -39.72
C GLY B 15 2.98 -9.77 -41.00
N LYS B 16 1.93 -8.99 -41.18
CA LYS B 16 1.80 -8.12 -42.34
C LYS B 16 2.68 -6.89 -42.17
N ASN B 17 3.38 -6.52 -43.25
CA ASN B 17 4.27 -5.36 -43.30
C ASN B 17 5.41 -5.46 -42.30
N ASN B 18 5.69 -6.65 -41.78
CA ASN B 18 6.78 -6.89 -40.84
C ASN B 18 6.65 -5.99 -39.62
N THR B 19 5.50 -6.11 -38.95
CA THR B 19 5.21 -5.35 -37.74
C THR B 19 5.12 -6.20 -36.49
N VAL B 20 5.31 -7.51 -36.61
CA VAL B 20 5.19 -8.44 -35.49
C VAL B 20 6.51 -9.16 -35.30
N GLY B 21 6.99 -9.21 -34.06
CA GLY B 21 8.20 -9.93 -33.75
C GLY B 21 7.92 -11.26 -33.08
N LEU B 22 8.20 -12.36 -33.78
CA LEU B 22 7.91 -13.70 -33.29
C LEU B 22 9.17 -14.29 -32.68
N ILE B 23 9.13 -14.57 -31.38
CA ILE B 23 10.22 -15.19 -30.66
C ILE B 23 9.78 -16.60 -30.28
N GLN B 24 10.41 -17.59 -30.89
CA GLN B 24 10.08 -18.98 -30.66
C GLN B 24 11.19 -19.68 -29.88
N LEU B 25 10.78 -20.46 -28.87
CA LEU B 25 11.71 -21.24 -28.07
C LEU B 25 11.87 -22.62 -28.70
N ASN B 26 13.06 -22.90 -29.21
CA ASN B 26 13.35 -24.13 -29.93
C ASN B 26 14.35 -24.94 -29.12
N ARG B 27 13.83 -25.83 -28.27
CA ARG B 27 14.65 -26.75 -27.48
C ARG B 27 13.83 -28.02 -27.22
N PRO B 28 13.70 -28.89 -28.21
CA PRO B 28 12.91 -30.12 -28.02
C PRO B 28 13.56 -31.16 -27.14
N LYS B 29 14.85 -31.03 -26.84
CA LYS B 29 15.57 -32.01 -26.04
C LYS B 29 15.37 -31.83 -24.54
N ALA B 30 14.94 -30.64 -24.09
CA ALA B 30 14.72 -30.36 -22.69
C ALA B 30 13.36 -29.73 -22.43
N LEU B 31 12.44 -29.83 -23.38
CA LEU B 31 11.11 -29.24 -23.28
C LEU B 31 11.20 -27.73 -23.05
N ASN B 32 12.12 -27.11 -23.77
CA ASN B 32 12.37 -25.66 -23.71
C ASN B 32 12.72 -25.23 -22.29
N ALA B 33 13.83 -25.76 -21.78
CA ALA B 33 14.29 -25.41 -20.45
C ALA B 33 14.83 -23.98 -20.43
N LEU B 34 14.49 -23.25 -19.37
CA LEU B 34 14.89 -21.85 -19.23
C LEU B 34 16.27 -21.80 -18.60
N CYS B 35 17.28 -22.05 -19.43
CA CYS B 35 18.67 -21.95 -18.99
C CYS B 35 19.16 -20.51 -19.13
N ASP B 36 20.38 -20.29 -18.63
CA ASP B 36 20.96 -18.94 -18.67
C ASP B 36 21.17 -18.42 -20.08
N GLY B 37 21.67 -19.27 -20.98
CA GLY B 37 21.88 -18.86 -22.36
C GLY B 37 20.59 -18.57 -23.08
N LEU B 38 19.56 -19.40 -22.85
CA LEU B 38 18.26 -19.16 -23.46
C LEU B 38 17.65 -17.86 -22.96
N ILE B 39 17.80 -17.57 -21.67
CA ILE B 39 17.26 -16.33 -21.11
C ILE B 39 18.02 -15.12 -21.66
N ASP B 40 19.34 -15.24 -21.79
CA ASP B 40 20.12 -14.16 -22.37
C ASP B 40 19.72 -13.89 -23.82
N GLU B 41 19.55 -14.95 -24.62
CA GLU B 41 19.09 -14.79 -25.99
C GLU B 41 17.69 -14.20 -26.07
N LEU B 42 16.79 -14.62 -25.18
CA LEU B 42 15.45 -14.05 -25.14
C LEU B 42 15.48 -12.56 -24.81
N ASN B 43 16.30 -12.16 -23.83
CA ASN B 43 16.45 -10.75 -23.51
C ASN B 43 17.06 -9.95 -24.66
N GLN B 44 18.06 -10.50 -25.35
CA GLN B 44 18.63 -9.82 -26.51
C GLN B 44 17.59 -9.65 -27.61
N ALA B 45 16.80 -10.69 -27.88
CA ALA B 45 15.75 -10.58 -28.89
C ALA B 45 14.69 -9.58 -28.51
N LEU B 46 14.28 -9.55 -27.24
CA LEU B 46 13.35 -8.54 -26.76
C LEU B 46 13.89 -7.14 -26.90
N LYS B 47 15.16 -6.91 -26.56
CA LYS B 47 15.76 -5.59 -26.73
C LYS B 47 15.83 -5.19 -28.20
N THR B 48 16.19 -6.13 -29.09
CA THR B 48 16.26 -5.82 -30.52
C THR B 48 14.87 -5.47 -31.04
N PHE B 49 13.85 -6.22 -30.63
CA PHE B 49 12.50 -5.95 -31.11
C PHE B 49 11.89 -4.69 -30.47
N GLU B 50 12.37 -4.28 -29.31
CA GLU B 50 11.89 -3.06 -28.66
C GLU B 50 12.63 -1.82 -29.16
N GLU B 51 13.84 -1.98 -29.70
CA GLU B 51 14.54 -0.84 -30.26
C GLU B 51 14.34 -0.72 -31.76
N ASP B 52 13.42 -1.47 -32.36
CA ASP B 52 13.15 -1.39 -33.78
C ASP B 52 11.90 -0.56 -34.01
N PRO B 53 11.97 0.54 -34.75
CA PRO B 53 10.76 1.37 -34.98
C PRO B 53 9.72 0.70 -35.86
N ALA B 54 10.00 -0.46 -36.42
CA ALA B 54 9.06 -1.18 -37.27
C ALA B 54 8.36 -2.33 -36.57
N VAL B 55 8.51 -2.42 -35.24
CA VAL B 55 7.89 -3.48 -34.44
C VAL B 55 6.95 -2.83 -33.44
N GLY B 56 5.71 -3.30 -33.40
CA GLY B 56 4.73 -2.75 -32.49
C GLY B 56 4.33 -3.70 -31.38
N ALA B 57 4.53 -4.99 -31.60
CA ALA B 57 4.18 -6.00 -30.61
C ALA B 57 5.07 -7.22 -30.79
N ILE B 58 5.25 -7.97 -29.71
CA ILE B 58 6.09 -9.16 -29.70
C ILE B 58 5.23 -10.36 -29.33
N VAL B 59 5.45 -11.47 -30.02
CA VAL B 59 4.71 -12.71 -29.78
C VAL B 59 5.71 -13.77 -29.35
N LEU B 60 5.68 -14.13 -28.07
CA LEU B 60 6.55 -15.16 -27.53
C LEU B 60 5.81 -16.50 -27.54
N THR B 61 6.47 -17.52 -28.10
CA THR B 61 5.87 -18.85 -28.20
C THR B 61 6.97 -19.90 -28.07
N GLY B 62 6.53 -21.16 -28.02
CA GLY B 62 7.45 -22.27 -27.94
C GLY B 62 7.20 -23.33 -28.99
N GLY B 63 6.98 -24.57 -28.56
CA GLY B 63 6.69 -25.66 -29.45
C GLY B 63 5.23 -26.09 -29.41
N ASP B 64 4.95 -27.20 -30.07
CA ASP B 64 3.60 -27.76 -30.11
C ASP B 64 3.33 -28.74 -28.99
N LYS B 65 4.37 -29.26 -28.32
CA LYS B 65 4.20 -30.19 -27.21
C LYS B 65 4.54 -29.60 -25.85
N ALA B 66 5.34 -28.53 -25.81
CA ALA B 66 5.71 -27.92 -24.54
C ALA B 66 6.18 -26.50 -24.80
N PHE B 67 5.58 -25.54 -24.09
CA PHE B 67 5.99 -24.15 -24.20
C PHE B 67 7.31 -23.92 -23.45
N ALA B 68 7.35 -24.28 -22.18
CA ALA B 68 8.57 -24.18 -21.38
C ALA B 68 8.39 -25.05 -20.14
N ALA B 69 9.41 -25.85 -19.84
CA ALA B 69 9.38 -26.76 -18.70
C ALA B 69 9.92 -26.13 -17.43
N GLY B 70 10.22 -24.83 -17.45
CA GLY B 70 10.73 -24.15 -16.27
C GLY B 70 12.23 -23.97 -16.29
N ALA B 71 12.80 -23.70 -15.12
CA ALA B 71 14.24 -23.51 -15.00
C ALA B 71 14.97 -24.84 -15.14
N ASP B 72 16.23 -24.76 -15.58
CA ASP B 72 17.06 -25.95 -15.78
C ASP B 72 17.51 -26.45 -14.41
N ILE B 73 17.01 -27.63 -14.02
CA ILE B 73 17.36 -28.20 -12.73
C ILE B 73 18.81 -28.71 -12.74
N LYS B 74 19.33 -29.05 -13.92
CA LYS B 74 20.67 -29.62 -14.01
C LYS B 74 21.77 -28.61 -13.70
N GLU B 75 21.47 -27.31 -13.68
CA GLU B 75 22.45 -26.28 -13.38
C GLU B 75 22.19 -25.59 -12.05
N MET B 76 21.17 -26.01 -11.31
CA MET B 76 20.85 -25.41 -10.01
C MET B 76 20.76 -26.45 -8.90
N GLN B 77 21.16 -27.70 -9.18
CA GLN B 77 21.10 -28.74 -8.16
C GLN B 77 22.22 -28.56 -7.13
N ASN B 78 23.42 -28.22 -7.58
CA ASN B 78 24.58 -28.08 -6.72
C ASN B 78 24.76 -26.64 -6.25
N LEU B 79 23.67 -25.91 -6.15
CA LEU B 79 23.69 -24.53 -5.67
C LEU B 79 23.24 -24.47 -4.22
N SER B 80 23.86 -23.54 -3.49
CA SER B 80 23.58 -23.33 -2.07
C SER B 80 23.06 -21.90 -1.87
N PHE B 81 22.85 -21.54 -0.60
CA PHE B 81 22.34 -20.22 -0.28
C PHE B 81 23.32 -19.13 -0.69
N GLN B 82 24.63 -19.42 -0.58
CA GLN B 82 25.64 -18.43 -0.97
C GLN B 82 25.66 -18.21 -2.47
N ASP B 83 25.37 -19.25 -3.25
CA ASP B 83 25.36 -19.13 -4.71
C ASP B 83 23.98 -18.75 -5.21
N CYS B 84 23.10 -18.35 -4.30
CA CYS B 84 21.76 -17.91 -4.68
C CYS B 84 21.45 -16.50 -4.21
N TYR B 85 21.91 -16.11 -3.02
CA TYR B 85 21.74 -14.72 -2.61
C TYR B 85 22.77 -13.82 -3.29
N SER B 86 23.99 -14.32 -3.45
CA SER B 86 25.03 -13.63 -4.20
C SER B 86 24.90 -13.96 -5.69
N SER B 87 25.40 -13.04 -6.52
CA SER B 87 25.34 -13.05 -7.98
C SER B 87 23.92 -12.80 -8.48
N LYS B 88 22.92 -12.71 -7.59
CA LYS B 88 21.55 -12.42 -7.98
C LYS B 88 21.06 -13.40 -9.04
N PHE B 89 21.01 -14.69 -8.69
CA PHE B 89 20.50 -15.70 -9.60
C PHE B 89 19.08 -15.38 -10.03
N LEU B 90 18.79 -15.63 -11.30
CA LEU B 90 17.48 -15.37 -11.92
C LEU B 90 17.14 -13.88 -11.96
N LYS B 91 18.14 -13.01 -12.05
CA LYS B 91 17.87 -11.58 -12.18
C LYS B 91 17.52 -11.18 -13.60
N HIS B 92 17.85 -12.00 -14.59
CA HIS B 92 17.56 -11.72 -15.99
C HIS B 92 16.14 -12.13 -16.39
N TRP B 93 15.37 -12.69 -15.47
CA TRP B 93 13.99 -13.06 -15.74
C TRP B 93 13.01 -11.91 -15.56
N ASP B 94 13.50 -10.72 -15.19
CA ASP B 94 12.67 -9.54 -14.99
C ASP B 94 12.90 -8.52 -16.10
N HIS B 95 13.32 -9.00 -17.27
CA HIS B 95 13.51 -8.15 -18.44
C HIS B 95 12.28 -8.10 -19.34
N LEU B 96 11.28 -8.95 -19.08
CA LEU B 96 10.04 -8.93 -19.84
C LEU B 96 9.03 -7.95 -19.29
N THR B 97 9.02 -7.72 -17.98
CA THR B 97 8.12 -6.76 -17.35
C THR B 97 8.63 -5.33 -17.46
N GLN B 98 9.76 -5.10 -18.12
CA GLN B 98 10.30 -3.76 -18.31
C GLN B 98 10.22 -3.32 -19.76
N VAL B 99 9.54 -4.09 -20.61
CA VAL B 99 9.36 -3.76 -22.01
C VAL B 99 8.11 -2.89 -22.16
N LYS B 100 8.25 -1.78 -22.88
CA LYS B 100 7.14 -0.86 -23.09
C LYS B 100 6.20 -1.32 -24.20
N LYS B 101 6.59 -2.32 -24.98
CA LYS B 101 5.75 -2.85 -26.05
C LYS B 101 5.00 -4.07 -25.57
N PRO B 102 3.80 -4.30 -26.09
CA PRO B 102 3.02 -5.47 -25.67
C PRO B 102 3.68 -6.77 -26.09
N VAL B 103 3.64 -7.75 -25.20
CA VAL B 103 4.20 -9.07 -25.44
C VAL B 103 3.07 -10.09 -25.34
N ILE B 104 2.78 -10.75 -26.44
CA ILE B 104 1.74 -11.78 -26.48
C ILE B 104 2.41 -13.14 -26.27
N ALA B 105 1.75 -13.99 -25.47
CA ALA B 105 2.27 -15.31 -25.15
C ALA B 105 1.37 -16.38 -25.76
N ALA B 106 1.96 -17.24 -26.58
CA ALA B 106 1.26 -18.37 -27.19
C ALA B 106 1.72 -19.65 -26.51
N VAL B 107 0.83 -20.28 -25.76
CA VAL B 107 1.15 -21.44 -24.94
C VAL B 107 0.52 -22.67 -25.58
N ASN B 108 1.36 -23.53 -26.16
CA ASN B 108 0.93 -24.82 -26.69
C ASN B 108 1.70 -25.93 -25.97
N GLY B 109 0.96 -26.84 -25.34
CA GLY B 109 1.58 -27.96 -24.65
C GLY B 109 1.77 -27.72 -23.17
N TYR B 110 2.92 -28.15 -22.65
CA TYR B 110 3.20 -28.04 -21.22
C TYR B 110 3.78 -26.68 -20.89
N ALA B 111 3.22 -26.04 -19.86
CA ALA B 111 3.73 -24.78 -19.33
C ALA B 111 3.83 -24.96 -17.82
N PHE B 112 4.96 -25.50 -17.36
CA PHE B 112 5.16 -25.86 -15.96
C PHE B 112 6.28 -25.02 -15.38
N GLY B 113 6.05 -24.46 -14.19
CA GLY B 113 7.06 -23.69 -13.50
C GLY B 113 7.36 -22.36 -14.15
N GLY B 114 8.56 -22.22 -14.72
CA GLY B 114 8.96 -21.00 -15.38
C GLY B 114 8.13 -20.61 -16.58
N GLY B 115 7.54 -21.59 -17.27
CA GLY B 115 6.70 -21.26 -18.41
C GLY B 115 5.45 -20.49 -18.05
N CYS B 116 4.74 -20.92 -17.00
CA CYS B 116 3.57 -20.19 -16.54
C CYS B 116 3.94 -18.80 -16.02
N GLU B 117 5.10 -18.68 -15.37
CA GLU B 117 5.56 -17.37 -14.90
C GLU B 117 5.86 -16.44 -16.07
N LEU B 118 6.58 -16.91 -17.08
CA LEU B 118 6.85 -16.10 -18.26
C LEU B 118 5.58 -15.76 -19.02
N ALA B 119 4.58 -16.65 -19.01
CA ALA B 119 3.31 -16.35 -19.64
C ALA B 119 2.52 -15.29 -18.87
N MET B 120 2.54 -15.35 -17.54
CA MET B 120 1.86 -14.37 -16.71
C MET B 120 2.55 -13.02 -16.69
N MET B 121 3.86 -12.97 -16.94
CA MET B 121 4.54 -11.70 -17.05
C MET B 121 4.20 -10.95 -18.34
N CYS B 122 3.54 -11.62 -19.28
CA CYS B 122 3.11 -10.97 -20.52
C CYS B 122 1.75 -10.33 -20.34
N ASP B 123 1.41 -9.42 -21.26
CA ASP B 123 0.14 -8.72 -21.20
C ASP B 123 -1.01 -9.65 -21.55
N ILE B 124 -1.00 -10.21 -22.76
CA ILE B 124 -2.05 -11.09 -23.26
C ILE B 124 -1.54 -12.51 -23.26
N ILE B 125 -2.35 -13.43 -22.73
CA ILE B 125 -2.00 -14.84 -22.65
C ILE B 125 -2.95 -15.62 -23.55
N TYR B 126 -2.39 -16.28 -24.55
CA TYR B 126 -3.16 -17.12 -25.47
C TYR B 126 -2.72 -18.57 -25.33
N ALA B 127 -3.63 -19.43 -24.92
CA ALA B 127 -3.35 -20.84 -24.71
C ALA B 127 -4.05 -21.68 -25.77
N GLY B 128 -3.52 -22.89 -25.99
CA GLY B 128 -4.11 -23.80 -26.94
C GLY B 128 -5.11 -24.75 -26.31
N GLU B 129 -5.78 -25.52 -27.16
CA GLU B 129 -6.76 -26.48 -26.66
C GLU B 129 -6.10 -27.65 -25.95
N LYS B 130 -4.81 -27.87 -26.18
CA LYS B 130 -4.05 -28.93 -25.54
C LYS B 130 -2.96 -28.38 -24.63
N ALA B 131 -3.24 -27.23 -24.01
CA ALA B 131 -2.28 -26.59 -23.12
C ALA B 131 -2.61 -26.90 -21.66
N GLN B 132 -1.57 -26.97 -20.84
CA GLN B 132 -1.69 -27.29 -19.42
C GLN B 132 -0.79 -26.35 -18.63
N PHE B 133 -1.36 -25.75 -17.59
CA PHE B 133 -0.63 -24.84 -16.71
C PHE B 133 -0.52 -25.45 -15.33
N ALA B 134 0.68 -25.37 -14.74
CA ALA B 134 0.91 -25.93 -13.42
C ALA B 134 2.18 -25.31 -12.85
N GLN B 135 2.30 -25.40 -11.52
CA GLN B 135 3.47 -24.93 -10.77
C GLN B 135 4.02 -26.09 -9.98
N PRO B 136 4.77 -27.00 -10.62
CA PRO B 136 5.26 -28.19 -9.91
C PRO B 136 6.59 -27.93 -9.21
N GLU B 137 6.68 -26.85 -8.44
CA GLU B 137 7.86 -26.61 -7.62
C GLU B 137 7.82 -27.35 -6.29
N ILE B 138 6.63 -27.61 -5.75
CA ILE B 138 6.52 -28.31 -4.47
C ILE B 138 6.91 -29.77 -4.57
N LEU B 139 7.00 -30.32 -5.77
CA LEU B 139 7.38 -31.71 -5.96
C LEU B 139 8.89 -31.92 -6.03
N ILE B 140 9.66 -30.85 -6.22
CA ILE B 140 11.11 -30.93 -6.28
C ILE B 140 11.77 -30.28 -5.07
N GLY B 141 10.98 -29.72 -4.15
CA GLY B 141 11.51 -29.18 -2.91
C GLY B 141 11.71 -27.68 -2.89
N THR B 142 11.25 -26.95 -3.90
CA THR B 142 11.43 -25.51 -3.97
C THR B 142 10.07 -24.83 -4.14
N ILE B 143 10.10 -23.52 -4.32
CA ILE B 143 8.91 -22.73 -4.54
C ILE B 143 9.14 -21.87 -5.77
N PRO B 144 8.07 -21.39 -6.41
CA PRO B 144 8.24 -20.44 -7.52
C PRO B 144 8.94 -19.18 -7.04
N GLY B 145 9.76 -18.59 -7.92
CA GLY B 145 10.52 -17.41 -7.56
C GLY B 145 10.56 -16.34 -8.63
N ALA B 146 9.65 -16.43 -9.60
CA ALA B 146 9.59 -15.46 -10.70
C ALA B 146 8.15 -15.05 -10.97
N GLY B 147 7.35 -14.93 -9.92
CA GLY B 147 5.98 -14.51 -10.06
C GLY B 147 4.96 -15.63 -10.14
N GLY B 148 5.28 -16.82 -9.62
CA GLY B 148 4.36 -17.94 -9.68
C GLY B 148 3.42 -17.99 -8.50
N THR B 149 3.60 -17.09 -7.53
CA THR B 149 2.75 -17.01 -6.36
C THR B 149 2.16 -15.62 -6.13
N GLN B 150 2.41 -14.67 -7.03
CA GLN B 150 1.88 -13.31 -6.90
C GLN B 150 0.89 -12.99 -8.01
N ARG B 151 1.24 -13.22 -9.27
CA ARG B 151 0.32 -12.94 -10.36
C ARG B 151 -0.74 -14.03 -10.48
N LEU B 152 -0.38 -15.29 -10.23
CA LEU B 152 -1.34 -16.38 -10.33
C LEU B 152 -2.43 -16.25 -9.27
N THR B 153 -2.07 -15.81 -8.05
CA THR B 153 -3.06 -15.66 -7.00
C THR B 153 -4.07 -14.57 -7.33
N ARG B 154 -3.59 -13.46 -7.92
CA ARG B 154 -4.50 -12.37 -8.26
C ARG B 154 -5.26 -12.66 -9.55
N ALA B 155 -4.77 -13.59 -10.36
CA ALA B 155 -5.40 -13.90 -11.65
C ALA B 155 -6.54 -14.91 -11.49
N VAL B 156 -6.22 -16.11 -10.99
CA VAL B 156 -7.22 -17.17 -10.91
C VAL B 156 -7.91 -17.25 -9.55
N GLY B 157 -7.38 -16.58 -8.54
CA GLY B 157 -7.96 -16.63 -7.22
C GLY B 157 -7.02 -17.24 -6.19
N LYS B 158 -7.39 -17.09 -4.92
CA LYS B 158 -6.55 -17.60 -3.84
C LYS B 158 -6.60 -19.12 -3.75
N SER B 159 -7.80 -19.69 -3.85
CA SER B 159 -7.97 -21.13 -3.65
C SER B 159 -7.31 -21.93 -4.75
N LEU B 160 -7.55 -21.56 -6.01
CA LEU B 160 -6.97 -22.29 -7.12
C LEU B 160 -5.45 -22.16 -7.14
N ALA B 161 -4.92 -20.98 -6.84
CA ALA B 161 -3.48 -20.79 -6.78
C ALA B 161 -2.87 -21.62 -5.66
N MET B 162 -3.50 -21.61 -4.48
CA MET B 162 -3.04 -22.44 -3.38
C MET B 162 -3.00 -23.91 -3.77
N GLU B 163 -4.06 -24.38 -4.42
CA GLU B 163 -4.11 -25.79 -4.84
C GLU B 163 -3.00 -26.10 -5.83
N MET B 164 -2.85 -25.26 -6.85
CA MET B 164 -1.85 -25.51 -7.88
C MET B 164 -0.43 -25.47 -7.32
N VAL B 165 -0.20 -24.64 -6.30
CA VAL B 165 1.14 -24.52 -5.75
C VAL B 165 1.44 -25.63 -4.74
N LEU B 166 0.47 -26.02 -3.93
CA LEU B 166 0.68 -27.02 -2.88
C LEU B 166 0.44 -28.44 -3.36
N THR B 167 -0.09 -28.63 -4.56
CA THR B 167 -0.33 -29.96 -5.10
C THR B 167 0.40 -30.24 -6.41
N GLY B 168 0.71 -29.23 -7.21
CA GLY B 168 1.34 -29.45 -8.49
C GLY B 168 0.41 -29.99 -9.56
N ASP B 169 -0.90 -29.95 -9.35
CA ASP B 169 -1.84 -30.49 -10.31
C ASP B 169 -1.91 -29.61 -11.56
N ARG B 170 -2.23 -30.23 -12.68
CA ARG B 170 -2.31 -29.54 -13.96
C ARG B 170 -3.74 -29.14 -14.26
N ILE B 171 -3.91 -27.92 -14.76
CA ILE B 171 -5.22 -27.41 -15.14
C ILE B 171 -5.30 -27.34 -16.66
N SER B 172 -6.53 -27.23 -17.16
CA SER B 172 -6.79 -27.15 -18.58
C SER B 172 -6.97 -25.70 -19.01
N ALA B 173 -7.07 -25.51 -20.34
CA ALA B 173 -7.26 -24.16 -20.87
C ALA B 173 -8.62 -23.61 -20.48
N GLN B 174 -9.64 -24.46 -20.43
CA GLN B 174 -10.98 -24.02 -20.03
C GLN B 174 -11.01 -23.53 -18.59
N ASP B 175 -10.32 -24.23 -17.68
CA ASP B 175 -10.25 -23.78 -16.29
C ASP B 175 -9.49 -22.46 -16.18
N ALA B 176 -8.39 -22.31 -16.92
CA ALA B 176 -7.64 -21.06 -16.90
C ALA B 176 -8.44 -19.91 -17.50
N LYS B 177 -9.34 -20.20 -18.44
CA LYS B 177 -10.16 -19.13 -19.02
C LYS B 177 -11.31 -18.75 -18.10
N GLN B 178 -11.96 -19.74 -17.47
CA GLN B 178 -13.06 -19.43 -16.57
C GLN B 178 -12.55 -18.83 -15.26
N ALA B 179 -11.29 -19.07 -14.92
CA ALA B 179 -10.72 -18.49 -13.70
C ALA B 179 -10.09 -17.12 -13.94
N GLY B 180 -9.63 -16.85 -15.15
CA GLY B 180 -9.03 -15.57 -15.49
C GLY B 180 -7.56 -15.60 -15.83
N LEU B 181 -6.99 -16.76 -16.13
CA LEU B 181 -5.57 -16.82 -16.47
C LEU B 181 -5.33 -16.50 -17.95
N VAL B 182 -6.13 -17.10 -18.84
CA VAL B 182 -6.00 -16.86 -20.27
C VAL B 182 -7.25 -16.12 -20.74
N SER B 183 -7.14 -15.53 -21.94
CA SER B 183 -8.21 -14.72 -22.49
C SER B 183 -8.90 -15.33 -23.70
N LYS B 184 -8.29 -16.31 -24.36
CA LYS B 184 -8.87 -16.91 -25.55
C LYS B 184 -8.31 -18.31 -25.75
N ILE B 185 -9.18 -19.25 -26.10
CA ILE B 185 -8.78 -20.63 -26.37
C ILE B 185 -8.79 -20.83 -27.88
N CYS B 186 -7.65 -21.24 -28.43
CA CYS B 186 -7.48 -21.43 -29.85
C CYS B 186 -6.93 -22.82 -30.14
N PRO B 187 -7.13 -23.35 -31.34
CA PRO B 187 -6.53 -24.64 -31.70
C PRO B 187 -5.01 -24.58 -31.67
N VAL B 188 -4.40 -25.77 -31.66
CA VAL B 188 -2.95 -25.85 -31.54
C VAL B 188 -2.27 -25.38 -32.82
N GLU B 189 -2.82 -25.72 -33.99
CA GLU B 189 -2.20 -25.40 -35.26
C GLU B 189 -2.51 -23.99 -35.75
N THR B 190 -3.46 -23.30 -35.11
CA THR B 190 -3.84 -21.95 -35.53
C THR B 190 -3.65 -20.91 -34.42
N LEU B 191 -3.03 -21.29 -33.30
CA LEU B 191 -2.80 -20.33 -32.22
C LEU B 191 -1.81 -19.26 -32.64
N VAL B 192 -0.77 -19.65 -33.38
CA VAL B 192 0.25 -18.70 -33.80
C VAL B 192 -0.35 -17.66 -34.76
N GLU B 193 -1.23 -18.08 -35.67
CA GLU B 193 -1.83 -17.14 -36.60
C GLU B 193 -2.74 -16.15 -35.88
N GLU B 194 -3.53 -16.61 -34.92
CA GLU B 194 -4.37 -15.70 -34.15
C GLU B 194 -3.55 -14.76 -33.27
N ALA B 195 -2.45 -15.24 -32.69
CA ALA B 195 -1.57 -14.35 -31.93
C ALA B 195 -0.93 -13.30 -32.83
N ILE B 196 -0.52 -13.68 -34.05
CA ILE B 196 0.03 -12.71 -34.98
C ILE B 196 -1.03 -11.69 -35.40
N GLN B 197 -2.27 -12.13 -35.60
CA GLN B 197 -3.33 -11.18 -35.93
C GLN B 197 -3.62 -10.23 -34.77
N CYS B 198 -3.60 -10.74 -33.54
CA CYS B 198 -3.78 -9.87 -32.38
C CYS B 198 -2.65 -8.85 -32.28
N ALA B 199 -1.41 -9.28 -32.52
CA ALA B 199 -0.28 -8.37 -32.51
C ALA B 199 -0.37 -7.33 -33.63
N GLU B 200 -0.90 -7.71 -34.79
CA GLU B 200 -1.14 -6.75 -35.86
C GLU B 200 -2.20 -5.74 -35.48
N LYS B 201 -3.30 -6.19 -34.87
CA LYS B 201 -4.34 -5.26 -34.44
C LYS B 201 -3.83 -4.33 -33.34
N ILE B 202 -2.91 -4.81 -32.50
CA ILE B 202 -2.34 -3.95 -31.48
C ILE B 202 -1.38 -2.93 -32.09
N ALA B 203 -0.52 -3.37 -33.03
CA ALA B 203 0.45 -2.49 -33.65
C ALA B 203 -0.17 -1.50 -34.61
N SER B 204 -1.46 -1.64 -34.92
CA SER B 204 -2.15 -0.73 -35.81
C SER B 204 -2.53 0.59 -35.14
N ASN B 205 -2.06 0.82 -33.92
CA ASN B 205 -2.35 2.04 -33.19
C ASN B 205 -1.04 2.75 -32.84
N SER B 206 -1.17 3.90 -32.17
CA SER B 206 0.00 4.67 -31.78
C SER B 206 0.81 3.94 -30.72
N LYS B 207 2.12 3.85 -30.93
CA LYS B 207 2.99 3.11 -30.01
C LYS B 207 3.08 3.77 -28.65
N ILE B 208 3.16 5.11 -28.61
CA ILE B 208 3.25 5.80 -27.32
C ILE B 208 1.94 5.69 -26.54
N VAL B 209 0.79 5.80 -27.23
CA VAL B 209 -0.49 5.63 -26.55
C VAL B 209 -0.66 4.21 -26.06
N VAL B 210 -0.23 3.22 -26.84
CA VAL B 210 -0.30 1.83 -26.39
C VAL B 210 0.60 1.61 -25.19
N ALA B 211 1.79 2.22 -25.18
CA ALA B 211 2.68 2.08 -24.02
C ALA B 211 2.07 2.72 -22.78
N MET B 212 1.48 3.90 -22.93
CA MET B 212 0.79 4.54 -21.80
C MET B 212 -0.36 3.70 -21.29
N ALA B 213 -1.15 3.11 -22.18
CA ALA B 213 -2.24 2.24 -21.76
C ALA B 213 -1.71 1.00 -21.04
N LYS B 214 -0.62 0.41 -21.53
CA LYS B 214 -0.02 -0.74 -20.86
C LYS B 214 0.47 -0.38 -19.46
N GLU B 215 1.09 0.80 -19.33
CA GLU B 215 1.54 1.24 -18.02
C GLU B 215 0.37 1.49 -17.08
N SER B 216 -0.71 2.09 -17.59
CA SER B 216 -1.89 2.34 -16.76
C SER B 216 -2.55 1.03 -16.32
N VAL B 217 -2.53 0.02 -17.18
CA VAL B 217 -3.10 -1.28 -16.79
C VAL B 217 -2.20 -1.98 -15.79
N ASN B 218 -0.88 -1.94 -15.99
CA ASN B 218 0.06 -2.55 -15.05
C ASN B 218 0.09 -1.85 -13.70
N ALA B 219 -0.29 -0.58 -13.64
CA ALA B 219 -0.33 0.16 -12.38
C ALA B 219 -1.51 -0.25 -11.50
N ALA B 220 -2.30 -1.23 -11.91
CA ALA B 220 -3.44 -1.70 -11.13
C ALA B 220 -3.06 -2.78 -10.11
N PHE B 221 -1.83 -3.29 -10.16
CA PHE B 221 -1.36 -4.26 -9.19
C PHE B 221 -0.28 -3.70 -8.28
N GLU B 222 0.03 -2.40 -8.38
CA GLU B 222 1.08 -1.79 -7.58
C GLU B 222 0.58 -0.61 -6.76
N MET B 223 -0.63 -0.11 -7.01
CA MET B 223 -1.15 1.06 -6.33
C MET B 223 -2.58 0.78 -5.89
N THR B 224 -3.17 1.76 -5.21
CA THR B 224 -4.54 1.64 -4.72
C THR B 224 -5.52 2.07 -5.82
N LEU B 225 -6.81 1.93 -5.51
CA LEU B 225 -7.84 2.27 -6.48
C LEU B 225 -7.88 3.77 -6.75
N THR B 226 -7.84 4.59 -5.70
CA THR B 226 -7.88 6.03 -5.88
C THR B 226 -6.61 6.54 -6.53
N GLU B 227 -5.45 6.10 -6.04
CA GLU B 227 -4.18 6.51 -6.63
C GLU B 227 -4.03 6.00 -8.06
N GLY B 228 -4.49 4.78 -8.33
CA GLY B 228 -4.52 4.27 -9.69
C GLY B 228 -5.41 5.06 -10.62
N SER B 229 -6.60 5.43 -10.17
CA SER B 229 -7.49 6.25 -10.99
C SER B 229 -6.90 7.64 -11.23
N LYS B 230 -6.24 8.22 -10.22
CA LYS B 230 -5.58 9.51 -10.40
C LYS B 230 -4.41 9.43 -11.37
N LEU B 231 -3.60 8.38 -11.31
CA LEU B 231 -2.52 8.20 -12.28
C LEU B 231 -3.08 7.98 -13.68
N GLU B 232 -4.18 7.24 -13.79
CA GLU B 232 -4.85 7.07 -15.09
C GLU B 232 -5.36 8.39 -15.64
N LYS B 233 -5.93 9.24 -14.78
CA LYS B 233 -6.38 10.55 -15.22
C LYS B 233 -5.22 11.44 -15.63
N LYS B 234 -4.10 11.38 -14.90
CA LYS B 234 -2.91 12.13 -15.30
C LYS B 234 -2.37 11.66 -16.64
N LEU B 235 -2.34 10.35 -16.88
CA LEU B 235 -1.93 9.84 -18.18
C LEU B 235 -2.90 10.24 -19.29
N PHE B 236 -4.20 10.23 -19.02
CA PHE B 236 -5.18 10.70 -19.99
C PHE B 236 -4.99 12.16 -20.32
N TYR B 237 -4.67 12.99 -19.32
CA TYR B 237 -4.40 14.40 -19.59
C TYR B 237 -3.11 14.58 -20.38
N SER B 238 -2.09 13.77 -20.08
CA SER B 238 -0.84 13.85 -20.82
C SER B 238 -0.96 13.35 -22.26
N THR B 239 -1.92 12.46 -22.54
CA THR B 239 -2.11 12.00 -23.90
C THR B 239 -2.52 13.11 -24.87
N PHE B 240 -2.96 14.26 -24.36
CA PHE B 240 -3.33 15.39 -25.21
C PHE B 240 -2.15 16.19 -25.71
N ALA B 241 -0.93 15.69 -25.51
CA ALA B 241 0.29 16.37 -25.96
C ALA B 241 0.89 15.74 -27.20
N THR B 242 0.21 14.77 -27.81
CA THR B 242 0.68 14.10 -29.01
C THR B 242 -0.24 14.42 -30.18
N ASP B 243 0.21 14.04 -31.38
CA ASP B 243 -0.56 14.25 -32.60
C ASP B 243 -1.48 13.09 -32.94
N ASP B 244 -1.17 11.89 -32.46
CA ASP B 244 -2.00 10.72 -32.76
C ASP B 244 -3.39 10.82 -32.15
N ARG B 245 -3.51 11.37 -30.93
CA ARG B 245 -4.82 11.56 -30.33
C ARG B 245 -5.67 12.52 -31.15
N LYS B 246 -5.09 13.65 -31.56
CA LYS B 246 -5.82 14.61 -32.38
C LYS B 246 -6.20 14.01 -33.73
N GLU B 247 -5.29 13.23 -34.33
CA GLU B 247 -5.59 12.59 -35.61
C GLU B 247 -6.74 11.60 -35.46
N GLY B 248 -6.72 10.79 -34.40
CA GLY B 248 -7.80 9.83 -34.19
C GLY B 248 -9.14 10.52 -33.95
N MET B 249 -9.14 11.57 -33.13
CA MET B 249 -10.37 12.31 -32.90
C MET B 249 -10.90 13.00 -34.16
N THR B 250 -10.01 13.57 -34.98
CA THR B 250 -10.45 14.17 -36.24
C THR B 250 -11.00 13.12 -37.19
N ALA B 251 -10.38 11.94 -37.24
CA ALA B 251 -10.87 10.87 -38.10
C ALA B 251 -12.23 10.36 -37.60
N PHE B 252 -12.42 10.33 -36.29
CA PHE B 252 -13.71 9.91 -35.75
C PHE B 252 -14.81 10.95 -36.04
N VAL B 253 -14.46 12.23 -35.95
CA VAL B 253 -15.44 13.28 -36.21
C VAL B 253 -15.79 13.35 -37.69
N GLU B 254 -14.81 13.18 -38.59
CA GLU B 254 -15.04 13.24 -40.02
C GLU B 254 -15.31 11.86 -40.62
N LYS B 255 -15.45 10.84 -39.78
CA LYS B 255 -15.79 9.49 -40.22
C LYS B 255 -14.80 8.97 -41.27
N ARG B 256 -13.54 8.86 -40.90
CA ARG B 256 -12.52 8.33 -41.79
C ARG B 256 -11.53 7.51 -40.97
N LYS B 257 -10.54 6.94 -41.66
CA LYS B 257 -9.53 6.11 -41.01
C LYS B 257 -8.40 6.97 -40.49
N ALA B 258 -7.96 6.68 -39.27
CA ALA B 258 -6.92 7.47 -38.62
C ALA B 258 -5.55 6.91 -38.95
N ASN B 259 -4.64 7.81 -39.35
CA ASN B 259 -3.27 7.46 -39.70
C ASN B 259 -2.35 7.95 -38.59
N PHE B 260 -1.85 7.02 -37.78
CA PHE B 260 -0.99 7.34 -36.66
C PHE B 260 0.47 7.29 -37.09
N LYS B 261 1.26 8.23 -36.56
CA LYS B 261 2.68 8.33 -36.90
C LYS B 261 3.58 8.19 -35.67
N ASP B 262 3.03 7.66 -34.57
CA ASP B 262 3.80 7.43 -33.34
C ASP B 262 4.42 8.72 -32.82
N GLN B 263 3.61 9.78 -32.78
CA GLN B 263 4.07 11.07 -32.27
C GLN B 263 2.89 11.95 -31.86
N ALA C 4 -38.66 16.31 -14.70
CA ALA C 4 -38.42 17.72 -14.39
C ALA C 4 -38.08 18.50 -15.65
N ASN C 5 -37.01 19.29 -15.58
CA ASN C 5 -36.56 20.10 -16.70
C ASN C 5 -35.25 19.58 -17.31
N PHE C 6 -34.97 18.29 -17.12
CA PHE C 6 -33.76 17.70 -17.67
C PHE C 6 -33.96 17.37 -19.14
N GLU C 7 -33.02 17.80 -19.98
CA GLU C 7 -33.13 17.59 -21.42
C GLU C 7 -32.32 16.39 -21.90
N TYR C 8 -31.44 15.83 -21.07
CA TYR C 8 -30.61 14.70 -21.46
C TYR C 8 -30.93 13.43 -20.68
N ILE C 9 -31.46 13.53 -19.47
CA ILE C 9 -31.76 12.36 -18.65
C ILE C 9 -33.23 12.42 -18.24
N ILE C 10 -33.75 11.26 -17.85
CA ILE C 10 -35.13 11.13 -17.38
C ILE C 10 -35.07 10.61 -15.95
N ALA C 11 -35.42 11.47 -15.00
CA ALA C 11 -35.39 11.13 -13.58
C ALA C 11 -36.80 10.86 -13.09
N GLU C 12 -36.99 9.75 -12.40
CA GLU C 12 -38.30 9.36 -11.89
C GLU C 12 -38.12 8.41 -10.72
N LYS C 13 -39.16 8.31 -9.90
CA LYS C 13 -39.18 7.42 -8.74
C LYS C 13 -40.01 6.20 -9.08
N ARG C 14 -39.36 5.05 -9.22
CA ARG C 14 -40.00 3.79 -9.56
C ARG C 14 -39.91 2.84 -8.37
N GLY C 15 -40.53 1.67 -8.55
CA GLY C 15 -40.49 0.63 -7.54
C GLY C 15 -41.69 0.68 -6.62
N LYS C 16 -41.69 -0.23 -5.65
CA LYS C 16 -42.75 -0.33 -4.66
C LYS C 16 -42.56 0.75 -3.59
N ASN C 17 -43.65 1.47 -3.30
CA ASN C 17 -43.67 2.54 -2.31
C ASN C 17 -42.73 3.69 -2.65
N ASN C 18 -42.32 3.81 -3.90
CA ASN C 18 -41.45 4.88 -4.38
C ASN C 18 -40.16 4.94 -3.57
N THR C 19 -39.47 3.79 -3.51
CA THR C 19 -38.22 3.67 -2.79
C THR C 19 -37.02 3.45 -3.70
N VAL C 20 -37.21 3.51 -5.02
CA VAL C 20 -36.13 3.27 -5.97
C VAL C 20 -36.06 4.45 -6.93
N GLY C 21 -34.86 4.96 -7.15
CA GLY C 21 -34.62 6.02 -8.11
C GLY C 21 -34.11 5.47 -9.43
N LEU C 22 -34.74 5.90 -10.52
CA LEU C 22 -34.43 5.41 -11.86
C LEU C 22 -33.91 6.56 -12.70
N ILE C 23 -32.62 6.56 -13.00
CA ILE C 23 -31.99 7.57 -13.85
C ILE C 23 -31.75 6.94 -15.21
N GLN C 24 -32.49 7.40 -16.22
CA GLN C 24 -32.37 6.87 -17.57
C GLN C 24 -31.73 7.91 -18.49
N LEU C 25 -30.70 7.49 -19.22
CA LEU C 25 -30.03 8.36 -20.18
C LEU C 25 -30.83 8.37 -21.48
N ASN C 26 -31.33 9.55 -21.85
CA ASN C 26 -32.18 9.71 -23.03
C ASN C 26 -31.46 10.60 -24.03
N ARG C 27 -30.69 9.99 -24.91
CA ARG C 27 -29.99 10.69 -26.00
C ARG C 27 -29.85 9.73 -27.18
N PRO C 28 -30.94 9.48 -27.91
CA PRO C 28 -30.90 8.52 -29.02
C PRO C 28 -30.14 9.01 -30.25
N LYS C 29 -29.59 10.19 -30.23
CA LYS C 29 -28.95 10.67 -31.41
C LYS C 29 -27.49 10.51 -31.32
N ALA C 30 -26.98 10.49 -30.12
CA ALA C 30 -25.54 10.42 -29.90
C ALA C 30 -25.16 9.17 -29.11
N LEU C 31 -26.07 8.21 -28.99
CA LEU C 31 -25.84 6.99 -28.22
C LEU C 31 -25.45 7.30 -26.77
N ASN C 32 -26.14 8.28 -26.20
CA ASN C 32 -25.93 8.71 -24.82
C ASN C 32 -24.49 9.16 -24.60
N ALA C 33 -24.09 10.22 -25.30
CA ALA C 33 -22.75 10.76 -25.15
C ALA C 33 -22.60 11.45 -23.81
N LEU C 34 -21.49 11.18 -23.12
CA LEU C 34 -21.24 11.72 -21.78
C LEU C 34 -20.69 13.13 -21.92
N CYS C 35 -21.58 14.06 -22.25
CA CYS C 35 -21.22 15.46 -22.35
C CYS C 35 -21.26 16.12 -20.97
N ASP C 36 -20.89 17.41 -20.94
CA ASP C 36 -20.90 18.14 -19.67
C ASP C 36 -22.30 18.30 -19.10
N GLY C 37 -23.28 18.64 -19.94
CA GLY C 37 -24.64 18.82 -19.47
C GLY C 37 -25.26 17.54 -18.94
N LEU C 38 -25.03 16.43 -19.65
CA LEU C 38 -25.56 15.15 -19.20
C LEU C 38 -24.96 14.74 -17.87
N ILE C 39 -23.64 14.95 -17.70
CA ILE C 39 -23.00 14.60 -16.44
C ILE C 39 -23.48 15.51 -15.32
N ASP C 40 -23.68 16.80 -15.59
CA ASP C 40 -24.20 17.69 -14.58
C ASP C 40 -25.61 17.29 -14.15
N GLU C 41 -26.46 16.93 -15.12
CA GLU C 41 -27.80 16.46 -14.77
C GLU C 41 -27.76 15.16 -13.99
N LEU C 42 -26.86 14.24 -14.35
CA LEU C 42 -26.71 13.00 -13.60
C LEU C 42 -26.28 13.27 -12.17
N ASN C 43 -25.31 14.17 -11.97
CA ASN C 43 -24.89 14.54 -10.63
C ASN C 43 -26.00 15.21 -9.82
N GLN C 44 -26.80 16.08 -10.45
CA GLN C 44 -27.92 16.69 -9.76
C GLN C 44 -28.96 15.65 -9.37
N ALA C 45 -29.25 14.70 -10.25
CA ALA C 45 -30.19 13.63 -9.91
C ALA C 45 -29.66 12.76 -8.78
N LEU C 46 -28.37 12.44 -8.79
CA LEU C 46 -27.77 11.69 -7.70
C LEU C 46 -27.85 12.45 -6.38
N LYS C 47 -27.60 13.76 -6.40
CA LYS C 47 -27.72 14.56 -5.19
C LYS C 47 -29.15 14.59 -4.67
N THR C 48 -30.12 14.72 -5.59
CA THR C 48 -31.52 14.72 -5.19
C THR C 48 -31.91 13.38 -4.57
N PHE C 49 -31.45 12.28 -5.17
CA PHE C 49 -31.76 10.97 -4.63
C PHE C 49 -31.00 10.67 -3.34
N GLU C 50 -29.88 11.34 -3.10
CA GLU C 50 -29.15 11.21 -1.86
C GLU C 50 -29.66 12.12 -0.76
N GLU C 51 -30.46 13.14 -1.12
CA GLU C 51 -31.08 14.02 -0.14
C GLU C 51 -32.57 13.70 0.02
N ASP C 52 -32.93 12.44 -0.19
CA ASP C 52 -34.32 11.98 -0.07
C ASP C 52 -34.35 10.77 0.85
N PRO C 53 -34.97 10.87 2.03
CA PRO C 53 -34.99 9.72 2.94
C PRO C 53 -35.87 8.57 2.44
N ALA C 54 -36.69 8.79 1.42
CA ALA C 54 -37.55 7.74 0.90
C ALA C 54 -36.85 6.84 -0.11
N VAL C 55 -35.75 7.29 -0.70
CA VAL C 55 -35.01 6.50 -1.69
C VAL C 55 -33.91 5.72 -0.97
N GLY C 56 -33.83 4.43 -1.25
CA GLY C 56 -32.82 3.59 -0.64
C GLY C 56 -31.81 3.03 -1.62
N ALA C 57 -32.12 3.13 -2.91
CA ALA C 57 -31.23 2.61 -3.95
C ALA C 57 -31.52 3.34 -5.25
N ILE C 58 -30.50 3.43 -6.10
CA ILE C 58 -30.58 4.12 -7.39
C ILE C 58 -30.29 3.10 -8.48
N VAL C 59 -31.03 3.21 -9.58
CA VAL C 59 -30.86 2.33 -10.74
C VAL C 59 -30.54 3.21 -11.94
N LEU C 60 -29.29 3.16 -12.39
CA LEU C 60 -28.84 3.92 -13.55
C LEU C 60 -28.91 3.04 -14.78
N THR C 61 -29.72 3.45 -15.75
CA THR C 61 -29.92 2.70 -16.98
C THR C 61 -29.83 3.63 -18.18
N GLY C 62 -29.86 3.04 -19.37
CA GLY C 62 -29.82 3.80 -20.60
C GLY C 62 -30.94 3.44 -21.56
N GLY C 63 -30.59 3.04 -22.76
CA GLY C 63 -31.59 2.65 -23.75
C GLY C 63 -31.54 1.17 -24.07
N ASP C 64 -32.33 0.75 -25.07
CA ASP C 64 -32.36 -0.65 -25.46
C ASP C 64 -31.28 -1.01 -26.47
N LYS C 65 -30.64 -0.03 -27.11
CA LYS C 65 -29.59 -0.28 -28.08
C LYS C 65 -28.22 0.21 -27.62
N ALA C 66 -28.15 1.18 -26.72
CA ALA C 66 -26.87 1.70 -26.25
C ALA C 66 -27.06 2.34 -24.89
N PHE C 67 -26.21 1.95 -23.93
CA PHE C 67 -26.22 2.55 -22.60
C PHE C 67 -25.47 3.88 -22.58
N ALA C 68 -24.24 3.88 -23.10
CA ALA C 68 -23.44 5.09 -23.20
C ALA C 68 -22.32 4.85 -24.20
N ALA C 69 -22.07 5.83 -25.06
CA ALA C 69 -21.04 5.74 -26.08
C ALA C 69 -19.70 6.29 -25.61
N GLY C 70 -19.61 6.75 -24.37
CA GLY C 70 -18.39 7.29 -23.82
C GLY C 70 -18.42 8.80 -23.81
N ALA C 71 -17.23 9.39 -23.69
CA ALA C 71 -17.10 10.84 -23.70
C ALA C 71 -17.44 11.39 -25.07
N ASP C 72 -18.08 12.56 -25.08
CA ASP C 72 -18.48 13.19 -26.33
C ASP C 72 -17.25 13.71 -27.07
N ILE C 73 -17.06 13.24 -28.30
CA ILE C 73 -15.87 13.59 -29.07
C ILE C 73 -15.96 14.96 -29.71
N LYS C 74 -17.16 15.43 -30.04
CA LYS C 74 -17.36 16.70 -30.73
C LYS C 74 -17.11 17.91 -29.83
N GLU C 75 -16.68 17.68 -28.59
CA GLU C 75 -16.39 18.78 -27.67
C GLU C 75 -15.02 18.70 -27.03
N MET C 76 -14.28 17.61 -27.20
CA MET C 76 -12.94 17.46 -26.63
C MET C 76 -11.87 17.32 -27.70
N GLN C 77 -12.22 17.51 -28.98
CA GLN C 77 -11.23 17.39 -30.05
C GLN C 77 -10.27 18.57 -30.03
N ASN C 78 -10.80 19.80 -29.92
CA ASN C 78 -9.96 20.99 -29.94
C ASN C 78 -9.49 21.34 -28.53
N LEU C 79 -8.90 20.38 -27.84
CA LEU C 79 -8.35 20.57 -26.51
C LEU C 79 -6.89 20.17 -26.49
N SER C 80 -6.09 20.97 -25.78
CA SER C 80 -4.66 20.74 -25.64
C SER C 80 -4.34 20.31 -24.21
N PHE C 81 -3.05 20.19 -23.93
CA PHE C 81 -2.61 19.78 -22.59
C PHE C 81 -2.96 20.84 -21.54
N GLN C 82 -2.83 22.11 -21.91
CA GLN C 82 -3.15 23.21 -20.99
C GLN C 82 -4.65 23.40 -20.82
N ASP C 83 -5.48 22.75 -21.64
CA ASP C 83 -6.92 22.81 -21.50
C ASP C 83 -7.50 21.53 -20.91
N CYS C 84 -6.66 20.53 -20.67
CA CYS C 84 -7.09 19.28 -20.06
C CYS C 84 -6.48 19.03 -18.69
N TYR C 85 -5.23 19.42 -18.46
CA TYR C 85 -4.65 19.29 -17.13
C TYR C 85 -5.16 20.38 -16.19
N SER C 86 -5.46 21.56 -16.72
CA SER C 86 -6.03 22.64 -15.93
C SER C 86 -7.55 22.58 -16.00
N SER C 87 -8.18 23.16 -14.97
CA SER C 87 -9.63 23.27 -14.83
C SER C 87 -10.28 21.91 -14.58
N LYS C 88 -9.47 20.84 -14.58
CA LYS C 88 -9.93 19.49 -14.24
C LYS C 88 -11.16 19.07 -15.04
N PHE C 89 -10.99 18.89 -16.35
CA PHE C 89 -12.07 18.46 -17.23
C PHE C 89 -12.83 17.25 -16.67
N LEU C 90 -12.10 16.23 -16.25
CA LEU C 90 -12.72 15.01 -15.70
C LEU C 90 -12.73 15.07 -14.16
N LYS C 91 -13.47 16.06 -13.63
CA LYS C 91 -13.66 16.17 -12.20
C LYS C 91 -15.10 15.93 -11.77
N HIS C 92 -16.05 15.95 -12.69
CA HIS C 92 -17.46 15.71 -12.39
C HIS C 92 -17.86 14.27 -12.66
N TRP C 93 -16.91 13.41 -13.01
CA TRP C 93 -17.19 12.01 -13.27
C TRP C 93 -16.91 11.11 -12.07
N ASP C 94 -16.38 11.65 -10.98
CA ASP C 94 -16.09 10.85 -9.79
C ASP C 94 -17.11 11.12 -8.69
N HIS C 95 -18.31 11.55 -9.08
CA HIS C 95 -19.38 11.82 -8.14
C HIS C 95 -20.28 10.61 -7.92
N LEU C 96 -19.94 9.47 -8.52
CA LEU C 96 -20.66 8.23 -8.30
C LEU C 96 -20.02 7.34 -7.24
N THR C 97 -18.71 7.45 -7.04
CA THR C 97 -18.02 6.70 -6.00
C THR C 97 -18.08 7.37 -4.64
N GLN C 98 -18.68 8.56 -4.55
CA GLN C 98 -18.84 9.28 -3.29
C GLN C 98 -20.28 9.24 -2.83
N VAL C 99 -21.06 8.27 -3.34
CA VAL C 99 -22.46 8.10 -3.00
C VAL C 99 -22.57 6.91 -2.06
N LYS C 100 -23.22 7.11 -0.92
CA LYS C 100 -23.38 6.06 0.07
C LYS C 100 -24.60 5.18 -0.19
N LYS C 101 -25.51 5.60 -1.07
CA LYS C 101 -26.61 4.73 -1.44
C LYS C 101 -26.21 3.82 -2.60
N PRO C 102 -26.68 2.57 -2.59
CA PRO C 102 -26.31 1.65 -3.68
C PRO C 102 -26.84 2.12 -5.02
N VAL C 103 -25.98 2.04 -6.04
CA VAL C 103 -26.32 2.43 -7.39
C VAL C 103 -26.20 1.20 -8.28
N ILE C 104 -27.30 0.83 -8.94
CA ILE C 104 -27.32 -0.30 -9.84
C ILE C 104 -27.16 0.22 -11.27
N ALA C 105 -26.25 -0.40 -12.02
CA ALA C 105 -25.94 0.00 -13.37
C ALA C 105 -26.54 -1.02 -14.34
N ALA C 106 -27.71 -0.69 -14.87
CA ALA C 106 -28.37 -1.55 -15.85
C ALA C 106 -27.80 -1.23 -17.23
N VAL C 107 -27.00 -2.15 -17.76
CA VAL C 107 -26.30 -1.96 -19.03
C VAL C 107 -27.03 -2.78 -20.09
N ASN C 108 -27.68 -2.08 -21.02
CA ASN C 108 -28.39 -2.72 -22.11
C ASN C 108 -27.94 -2.09 -23.42
N GLY C 109 -27.22 -2.87 -24.23
CA GLY C 109 -26.74 -2.38 -25.52
C GLY C 109 -25.27 -2.05 -25.51
N TYR C 110 -24.90 -1.01 -26.27
CA TYR C 110 -23.50 -0.62 -26.40
C TYR C 110 -23.04 0.12 -25.15
N ALA C 111 -21.98 -0.38 -24.52
CA ALA C 111 -21.32 0.27 -23.39
C ALA C 111 -19.84 0.34 -23.70
N PHE C 112 -19.44 1.42 -24.38
CA PHE C 112 -18.08 1.58 -24.86
C PHE C 112 -17.47 2.83 -24.25
N GLY C 113 -16.20 2.74 -23.87
CA GLY C 113 -15.47 3.88 -23.34
C GLY C 113 -15.93 4.30 -21.95
N GLY C 114 -16.56 5.46 -21.87
CA GLY C 114 -17.05 5.97 -20.60
C GLY C 114 -18.22 5.21 -20.02
N GLY C 115 -18.96 4.47 -20.84
CA GLY C 115 -20.06 3.67 -20.32
C GLY C 115 -19.61 2.52 -19.45
N CYS C 116 -18.56 1.81 -19.87
CA CYS C 116 -18.03 0.72 -19.06
C CYS C 116 -17.48 1.26 -17.73
N GLU C 117 -16.83 2.42 -17.77
CA GLU C 117 -16.33 3.02 -16.54
C GLU C 117 -17.46 3.45 -15.62
N LEU C 118 -18.51 4.07 -16.19
CA LEU C 118 -19.65 4.48 -15.39
C LEU C 118 -20.36 3.27 -14.78
N ALA C 119 -20.38 2.15 -15.50
CA ALA C 119 -20.96 0.93 -14.95
C ALA C 119 -20.10 0.34 -13.84
N MET C 120 -18.78 0.33 -14.03
CA MET C 120 -17.87 -0.22 -13.03
C MET C 120 -17.75 0.66 -11.78
N MET C 121 -18.10 1.94 -11.87
CA MET C 121 -18.12 2.82 -10.72
C MET C 121 -19.37 2.63 -9.86
N CYS C 122 -20.16 1.59 -10.14
CA CYS C 122 -21.36 1.27 -9.37
C CYS C 122 -21.13 -0.01 -8.57
N ASP C 123 -22.06 -0.28 -7.66
CA ASP C 123 -21.93 -1.47 -6.82
C ASP C 123 -22.30 -2.74 -7.58
N ILE C 124 -23.45 -2.75 -8.23
CA ILE C 124 -23.95 -3.92 -8.95
C ILE C 124 -24.13 -3.56 -10.42
N ILE C 125 -23.63 -4.42 -11.30
CA ILE C 125 -23.71 -4.22 -12.75
C ILE C 125 -24.60 -5.30 -13.32
N TYR C 126 -25.73 -4.89 -13.89
CA TYR C 126 -26.67 -5.80 -14.55
C TYR C 126 -26.61 -5.58 -16.05
N ALA C 127 -26.33 -6.65 -16.78
CA ALA C 127 -26.22 -6.58 -18.23
C ALA C 127 -27.34 -7.38 -18.88
N GLY C 128 -27.71 -6.96 -20.10
CA GLY C 128 -28.75 -7.63 -20.83
C GLY C 128 -28.22 -8.73 -21.75
N GLU C 129 -29.13 -9.27 -22.56
CA GLU C 129 -28.74 -10.33 -23.49
C GLU C 129 -27.82 -9.80 -24.59
N LYS C 130 -28.21 -8.73 -25.27
CA LYS C 130 -27.41 -8.12 -26.33
C LYS C 130 -26.56 -6.99 -25.79
N ALA C 131 -25.69 -7.29 -24.83
CA ALA C 131 -24.82 -6.30 -24.21
C ALA C 131 -23.38 -6.50 -24.67
N GLN C 132 -22.65 -5.39 -24.78
CA GLN C 132 -21.27 -5.41 -25.24
C GLN C 132 -20.46 -4.41 -24.42
N PHE C 133 -19.26 -4.85 -24.00
CA PHE C 133 -18.33 -4.02 -23.25
C PHE C 133 -17.00 -3.96 -24.00
N ALA C 134 -16.46 -2.75 -24.14
CA ALA C 134 -15.21 -2.57 -24.86
C ALA C 134 -14.59 -1.23 -24.47
N GLN C 135 -13.31 -1.08 -24.77
CA GLN C 135 -12.55 0.15 -24.52
C GLN C 135 -11.99 0.63 -25.87
N PRO C 136 -12.76 1.42 -26.61
CA PRO C 136 -12.31 1.83 -27.95
C PRO C 136 -11.49 3.10 -27.94
N GLU C 137 -11.02 3.52 -26.76
CA GLU C 137 -10.20 4.72 -26.68
C GLU C 137 -8.89 4.56 -27.44
N ILE C 138 -8.35 3.33 -27.51
CA ILE C 138 -7.10 3.10 -28.22
C ILE C 138 -7.27 3.28 -29.72
N LEU C 139 -8.50 3.24 -30.22
CA LEU C 139 -8.76 3.40 -31.65
C LEU C 139 -8.82 4.86 -32.09
N ILE C 140 -8.91 5.80 -31.15
CA ILE C 140 -8.94 7.21 -31.45
C ILE C 140 -7.69 7.92 -30.94
N GLY C 141 -6.67 7.16 -30.51
CA GLY C 141 -5.41 7.72 -30.10
C GLY C 141 -5.32 8.15 -28.65
N THR C 142 -6.28 7.77 -27.81
CA THR C 142 -6.28 8.14 -26.41
C THR C 142 -6.38 6.89 -25.55
N ILE C 143 -6.47 7.09 -24.24
CA ILE C 143 -6.60 6.00 -23.28
C ILE C 143 -7.77 6.33 -22.35
N PRO C 144 -8.35 5.32 -21.71
CA PRO C 144 -9.37 5.60 -20.69
C PRO C 144 -8.82 6.46 -19.57
N GLY C 145 -9.68 7.30 -19.00
CA GLY C 145 -9.25 8.21 -17.96
C GLY C 145 -10.23 8.38 -16.82
N ALA C 146 -11.18 7.45 -16.70
CA ALA C 146 -12.17 7.51 -15.63
C ALA C 146 -12.39 6.13 -15.00
N GLY C 147 -11.33 5.33 -14.91
CA GLY C 147 -11.41 4.02 -14.30
C GLY C 147 -11.48 2.86 -15.27
N GLY C 148 -11.05 3.03 -16.51
CA GLY C 148 -11.07 1.99 -17.51
C GLY C 148 -9.89 1.04 -17.48
N THR C 149 -8.84 1.35 -16.73
CA THR C 149 -7.67 0.49 -16.62
C THR C 149 -7.36 0.10 -15.18
N GLN C 150 -8.20 0.46 -14.22
CA GLN C 150 -7.97 0.13 -12.82
C GLN C 150 -9.00 -0.86 -12.29
N ARG C 151 -10.29 -0.57 -12.46
CA ARG C 151 -11.33 -1.49 -12.00
C ARG C 151 -11.51 -2.67 -12.94
N LEU C 152 -11.41 -2.45 -14.26
CA LEU C 152 -11.53 -3.56 -15.20
C LEU C 152 -10.39 -4.55 -15.04
N THR C 153 -9.19 -4.07 -14.73
CA THR C 153 -8.06 -4.97 -14.54
C THR C 153 -8.22 -5.83 -13.30
N ARG C 154 -8.76 -5.25 -12.22
CA ARG C 154 -8.98 -6.00 -10.99
C ARG C 154 -10.27 -6.82 -11.00
N ALA C 155 -11.14 -6.60 -11.98
CA ALA C 155 -12.42 -7.30 -12.07
C ALA C 155 -12.36 -8.52 -12.98
N VAL C 156 -11.96 -8.34 -14.23
CA VAL C 156 -11.96 -9.45 -15.18
C VAL C 156 -10.60 -10.12 -15.32
N GLY C 157 -9.54 -9.53 -14.77
CA GLY C 157 -8.22 -10.09 -14.88
C GLY C 157 -7.29 -9.19 -15.68
N LYS C 158 -5.99 -9.49 -15.59
CA LYS C 158 -4.99 -8.68 -16.26
C LYS C 158 -5.00 -8.93 -17.76
N SER C 159 -5.05 -10.20 -18.17
CA SER C 159 -4.96 -10.55 -19.58
C SER C 159 -6.15 -10.01 -20.36
N LEU C 160 -7.37 -10.25 -19.85
CA LEU C 160 -8.57 -9.80 -20.56
C LEU C 160 -8.63 -8.28 -20.64
N ALA C 161 -8.27 -7.60 -19.55
CA ALA C 161 -8.25 -6.14 -19.57
C ALA C 161 -7.19 -5.62 -20.54
N MET C 162 -6.00 -6.25 -20.53
CA MET C 162 -4.97 -5.87 -21.49
C MET C 162 -5.46 -6.01 -22.92
N GLU C 163 -6.14 -7.12 -23.23
CA GLU C 163 -6.66 -7.32 -24.57
C GLU C 163 -7.69 -6.28 -24.93
N MET C 164 -8.65 -6.04 -24.02
CA MET C 164 -9.71 -5.08 -24.30
C MET C 164 -9.20 -3.65 -24.39
N VAL C 165 -8.05 -3.34 -23.78
CA VAL C 165 -7.52 -1.99 -23.81
C VAL C 165 -6.64 -1.79 -25.04
N LEU C 166 -5.82 -2.79 -25.37
CA LEU C 166 -4.88 -2.65 -26.48
C LEU C 166 -5.47 -3.02 -27.83
N THR C 167 -6.64 -3.67 -27.86
CA THR C 167 -7.28 -4.05 -29.11
C THR C 167 -8.62 -3.36 -29.35
N GLY C 168 -9.36 -3.03 -28.30
CA GLY C 168 -10.68 -2.44 -28.47
C GLY C 168 -11.76 -3.41 -28.88
N ASP C 169 -11.54 -4.71 -28.71
CA ASP C 169 -12.52 -5.71 -29.11
C ASP C 169 -13.69 -5.72 -28.13
N ARG C 170 -14.85 -6.14 -28.64
CA ARG C 170 -16.08 -6.16 -27.85
C ARG C 170 -16.29 -7.55 -27.26
N ILE C 171 -16.70 -7.60 -26.00
CA ILE C 171 -17.01 -8.85 -25.31
C ILE C 171 -18.51 -8.93 -25.09
N SER C 172 -19.00 -10.16 -24.99
CA SER C 172 -20.42 -10.40 -24.78
C SER C 172 -20.74 -10.37 -23.29
N ALA C 173 -22.03 -10.44 -22.96
CA ALA C 173 -22.45 -10.45 -21.56
C ALA C 173 -22.05 -11.75 -20.88
N GLN C 174 -22.04 -12.86 -21.61
CA GLN C 174 -21.62 -14.14 -21.02
C GLN C 174 -20.16 -14.12 -20.63
N ASP C 175 -19.29 -13.53 -21.47
CA ASP C 175 -17.89 -13.41 -21.12
C ASP C 175 -17.69 -12.50 -19.91
N ALA C 176 -18.46 -11.42 -19.83
CA ALA C 176 -18.36 -10.53 -18.67
C ALA C 176 -18.84 -11.21 -17.39
N LYS C 177 -19.83 -12.10 -17.51
CA LYS C 177 -20.30 -12.83 -16.33
C LYS C 177 -19.29 -13.89 -15.91
N GLN C 178 -18.70 -14.59 -16.88
CA GLN C 178 -17.70 -15.61 -16.55
C GLN C 178 -16.42 -14.99 -16.01
N ALA C 179 -16.09 -13.77 -16.44
CA ALA C 179 -14.87 -13.12 -15.97
C ALA C 179 -15.08 -12.44 -14.62
N GLY C 180 -16.22 -11.77 -14.44
CA GLY C 180 -16.51 -11.12 -13.18
C GLY C 180 -16.95 -9.68 -13.32
N LEU C 181 -17.14 -9.22 -14.56
CA LEU C 181 -17.57 -7.84 -14.78
C LEU C 181 -19.01 -7.64 -14.34
N VAL C 182 -19.91 -8.53 -14.73
CA VAL C 182 -21.30 -8.48 -14.32
C VAL C 182 -21.61 -9.67 -13.43
N SER C 183 -22.69 -9.57 -12.67
CA SER C 183 -23.06 -10.59 -11.70
C SER C 183 -24.32 -11.35 -12.04
N LYS C 184 -25.14 -10.85 -12.98
CA LYS C 184 -26.38 -11.53 -13.35
C LYS C 184 -26.80 -11.07 -14.73
N ILE C 185 -27.08 -12.02 -15.62
CA ILE C 185 -27.54 -11.72 -16.97
C ILE C 185 -29.07 -11.78 -16.97
N CYS C 186 -29.69 -10.73 -17.47
CA CYS C 186 -31.14 -10.60 -17.50
C CYS C 186 -31.61 -10.37 -18.93
N PRO C 187 -32.86 -10.71 -19.25
CA PRO C 187 -33.39 -10.43 -20.59
C PRO C 187 -33.43 -8.93 -20.86
N VAL C 188 -33.47 -8.60 -22.15
CA VAL C 188 -33.44 -7.19 -22.56
C VAL C 188 -34.72 -6.49 -22.15
N GLU C 189 -35.87 -7.15 -22.31
CA GLU C 189 -37.15 -6.52 -22.02
C GLU C 189 -37.46 -6.46 -20.53
N THR C 190 -36.79 -7.28 -19.72
CA THR C 190 -37.04 -7.32 -18.28
C THR C 190 -35.80 -6.96 -17.46
N LEU C 191 -34.80 -6.34 -18.07
CA LEU C 191 -33.60 -5.95 -17.32
C LEU C 191 -33.93 -4.85 -16.31
N VAL C 192 -34.67 -3.84 -16.74
CA VAL C 192 -35.01 -2.73 -15.84
C VAL C 192 -35.89 -3.20 -14.69
N GLU C 193 -36.82 -4.12 -14.97
CA GLU C 193 -37.71 -4.61 -13.91
C GLU C 193 -36.94 -5.41 -12.87
N GLU C 194 -36.03 -6.27 -13.30
CA GLU C 194 -35.23 -7.04 -12.34
C GLU C 194 -34.26 -6.14 -11.60
N ALA C 195 -33.73 -5.10 -12.25
CA ALA C 195 -32.89 -4.14 -11.53
C ALA C 195 -33.68 -3.39 -10.47
N ILE C 196 -34.92 -3.01 -10.78
CA ILE C 196 -35.78 -2.35 -9.80
C ILE C 196 -36.10 -3.29 -8.65
N GLN C 197 -36.34 -4.57 -8.95
CA GLN C 197 -36.60 -5.53 -7.88
C GLN C 197 -35.38 -5.73 -6.98
N CYS C 198 -34.19 -5.78 -7.58
CA CYS C 198 -32.96 -5.87 -6.78
C CYS C 198 -32.77 -4.62 -5.92
N ALA C 199 -33.05 -3.44 -6.46
CA ALA C 199 -32.98 -2.21 -5.68
C ALA C 199 -34.00 -2.19 -4.55
N GLU C 200 -35.19 -2.74 -4.77
CA GLU C 200 -36.18 -2.85 -3.70
C GLU C 200 -35.71 -3.81 -2.61
N LYS C 201 -35.14 -4.95 -3.00
CA LYS C 201 -34.62 -5.89 -2.00
C LYS C 201 -33.46 -5.28 -1.22
N ILE C 202 -32.67 -4.42 -1.86
CA ILE C 202 -31.58 -3.74 -1.16
C ILE C 202 -32.14 -2.69 -0.21
N ALA C 203 -33.10 -1.89 -0.65
CA ALA C 203 -33.63 -0.81 0.16
C ALA C 203 -34.48 -1.32 1.33
N SER C 204 -34.84 -2.60 1.34
CA SER C 204 -35.64 -3.16 2.42
C SER C 204 -34.84 -3.33 3.72
N ASN C 205 -33.55 -3.01 3.69
CA ASN C 205 -32.68 -3.11 4.87
C ASN C 205 -32.35 -1.71 5.38
N SER C 206 -31.72 -1.67 6.56
CA SER C 206 -31.33 -0.42 7.18
C SER C 206 -30.33 0.33 6.32
N LYS C 207 -30.56 1.63 6.13
CA LYS C 207 -29.71 2.44 5.27
C LYS C 207 -28.31 2.62 5.82
N ILE C 208 -28.18 2.82 7.14
CA ILE C 208 -26.86 2.99 7.74
C ILE C 208 -26.06 1.69 7.66
N VAL C 209 -26.71 0.56 7.89
CA VAL C 209 -26.03 -0.73 7.80
C VAL C 209 -25.61 -1.02 6.38
N VAL C 210 -26.48 -0.70 5.41
CA VAL C 210 -26.13 -0.90 4.00
C VAL C 210 -24.96 -0.01 3.62
N ALA C 211 -24.94 1.23 4.12
CA ALA C 211 -23.82 2.12 3.82
C ALA C 211 -22.52 1.62 4.43
N MET C 212 -22.56 1.13 5.67
CA MET C 212 -21.37 0.56 6.28
C MET C 212 -20.88 -0.67 5.52
N ALA C 213 -21.80 -1.52 5.07
CA ALA C 213 -21.41 -2.69 4.27
C ALA C 213 -20.80 -2.27 2.94
N LYS C 214 -21.38 -1.25 2.29
CA LYS C 214 -20.81 -0.77 1.03
C LYS C 214 -19.41 -0.21 1.24
N GLU C 215 -19.21 0.54 2.33
CA GLU C 215 -17.87 1.04 2.64
C GLU C 215 -16.89 -0.10 2.91
N SER C 216 -17.32 -1.12 3.64
CA SER C 216 -16.47 -2.27 3.90
C SER C 216 -16.08 -3.00 2.62
N VAL C 217 -17.02 -3.15 1.69
CA VAL C 217 -16.72 -3.81 0.42
C VAL C 217 -15.80 -2.96 -0.43
N ASN C 218 -16.03 -1.64 -0.47
CA ASN C 218 -15.18 -0.74 -1.24
C ASN C 218 -13.78 -0.60 -0.65
N ALA C 219 -13.61 -0.85 0.65
CA ALA C 219 -12.30 -0.80 1.27
C ALA C 219 -11.39 -1.96 0.87
N ALA C 220 -11.84 -2.84 -0.03
CA ALA C 220 -11.05 -3.97 -0.48
C ALA C 220 -10.18 -3.64 -1.69
N PHE C 221 -10.27 -2.41 -2.22
CA PHE C 221 -9.42 -1.99 -3.33
C PHE C 221 -8.54 -0.81 -2.97
N GLU C 222 -8.55 -0.37 -1.71
CA GLU C 222 -7.75 0.76 -1.28
C GLU C 222 -6.80 0.45 -0.14
N MET C 223 -6.93 -0.72 0.49
CA MET C 223 -6.13 -1.08 1.66
C MET C 223 -5.62 -2.51 1.49
N THR C 224 -4.91 -2.99 2.50
CA THR C 224 -4.42 -4.36 2.54
C THR C 224 -5.41 -5.25 3.26
N LEU C 225 -5.21 -6.57 3.13
CA LEU C 225 -6.11 -7.52 3.76
C LEU C 225 -6.02 -7.45 5.29
N THR C 226 -4.81 -7.27 5.82
CA THR C 226 -4.64 -7.16 7.27
C THR C 226 -5.36 -5.94 7.82
N GLU C 227 -5.16 -4.78 7.21
CA GLU C 227 -5.86 -3.58 7.65
C GLU C 227 -7.32 -3.55 7.21
N GLY C 228 -7.64 -4.20 6.09
CA GLY C 228 -9.03 -4.37 5.71
C GLY C 228 -9.85 -5.15 6.71
N SER C 229 -9.30 -6.24 7.25
CA SER C 229 -9.98 -6.98 8.31
C SER C 229 -10.16 -6.16 9.57
N LYS C 230 -9.17 -5.35 9.95
CA LYS C 230 -9.31 -4.47 11.10
C LYS C 230 -10.38 -3.40 10.89
N LEU C 231 -10.42 -2.77 9.71
CA LEU C 231 -11.47 -1.80 9.42
C LEU C 231 -12.85 -2.46 9.39
N GLU C 232 -12.95 -3.67 8.84
CA GLU C 232 -14.19 -4.42 8.87
C GLU C 232 -14.64 -4.75 10.29
N LYS C 233 -13.74 -4.93 11.23
CA LYS C 233 -14.10 -5.30 12.59
C LYS C 233 -14.49 -4.08 13.29
N LYS C 234 -13.82 -3.02 13.00
CA LYS C 234 -14.22 -1.76 13.60
C LYS C 234 -15.62 -1.33 13.15
N LEU C 235 -15.92 -1.46 11.86
CA LEU C 235 -17.26 -1.15 11.38
C LEU C 235 -18.31 -2.14 11.87
N PHE C 236 -17.91 -3.37 12.17
CA PHE C 236 -18.82 -4.33 12.80
C PHE C 236 -19.07 -3.99 14.26
N TYR C 237 -18.05 -3.48 14.94
CA TYR C 237 -18.24 -3.01 16.32
C TYR C 237 -19.13 -1.77 16.37
N SER C 238 -18.99 -0.88 15.38
CA SER C 238 -19.70 0.39 15.37
C SER C 238 -21.18 0.24 15.03
N THR C 239 -21.70 -0.99 14.86
CA THR C 239 -23.11 -1.19 14.57
C THR C 239 -23.92 -1.66 15.78
N PHE C 240 -23.27 -1.99 16.88
CA PHE C 240 -23.96 -2.43 18.09
C PHE C 240 -24.56 -1.27 18.88
N ALA C 241 -24.43 -0.04 18.39
CA ALA C 241 -24.98 1.13 19.07
C ALA C 241 -26.23 1.68 18.40
N THR C 242 -26.73 1.02 17.37
CA THR C 242 -27.93 1.44 16.65
C THR C 242 -29.11 0.59 17.08
N ASP C 243 -30.30 0.96 16.57
CA ASP C 243 -31.52 0.24 16.87
C ASP C 243 -31.85 -0.84 15.85
N ASP C 244 -31.42 -0.69 14.60
CA ASP C 244 -31.71 -1.67 13.57
C ASP C 244 -31.01 -3.00 13.82
N ARG C 245 -29.78 -2.99 14.33
CA ARG C 245 -29.09 -4.23 14.66
C ARG C 245 -29.84 -5.01 15.73
N LYS C 246 -30.24 -4.33 16.81
CA LYS C 246 -31.00 -4.99 17.87
C LYS C 246 -32.35 -5.48 17.37
N GLU C 247 -33.01 -4.69 16.51
CA GLU C 247 -34.29 -5.10 15.96
C GLU C 247 -34.15 -6.36 15.10
N GLY C 248 -33.10 -6.41 14.28
CA GLY C 248 -32.88 -7.58 13.46
C GLY C 248 -32.53 -8.81 14.27
N MET C 249 -31.69 -8.65 15.30
CA MET C 249 -31.38 -9.77 16.18
C MET C 249 -32.60 -10.25 16.95
N THR C 250 -33.47 -9.36 17.39
CA THR C 250 -34.71 -9.75 18.04
C THR C 250 -35.66 -10.47 17.09
N ALA C 251 -35.79 -9.99 15.85
CA ALA C 251 -36.61 -10.66 14.86
C ALA C 251 -36.01 -11.98 14.39
N PHE C 252 -34.71 -12.19 14.61
CA PHE C 252 -34.10 -13.50 14.35
C PHE C 252 -34.33 -14.46 15.51
N VAL C 253 -34.21 -13.96 16.74
CA VAL C 253 -34.43 -14.81 17.91
C VAL C 253 -35.90 -15.23 17.98
N GLU C 254 -36.80 -14.26 18.02
CA GLU C 254 -38.23 -14.52 18.02
C GLU C 254 -38.72 -14.56 16.58
N LYS C 255 -39.53 -15.57 16.24
CA LYS C 255 -39.93 -15.78 14.86
C LYS C 255 -40.89 -14.69 14.39
N ARG C 256 -40.36 -13.64 13.77
CA ARG C 256 -41.16 -12.54 13.25
C ARG C 256 -40.33 -11.80 12.20
N LYS C 257 -40.93 -10.76 11.63
CA LYS C 257 -40.27 -9.96 10.61
C LYS C 257 -39.61 -8.74 11.24
N ALA C 258 -38.52 -8.31 10.62
CA ALA C 258 -37.71 -7.20 11.12
C ALA C 258 -38.13 -5.91 10.43
N ASN C 259 -38.53 -4.93 11.23
CA ASN C 259 -38.91 -3.60 10.74
C ASN C 259 -37.84 -2.61 11.20
N PHE C 260 -37.04 -2.14 10.26
CA PHE C 260 -35.92 -1.24 10.54
C PHE C 260 -36.40 0.20 10.51
N LYS C 261 -35.84 1.03 11.40
CA LYS C 261 -36.18 2.44 11.50
C LYS C 261 -35.11 3.33 10.91
N ASP C 262 -34.13 2.76 10.21
CA ASP C 262 -33.02 3.50 9.62
C ASP C 262 -32.25 4.30 10.68
N GLN C 263 -32.09 3.73 11.87
CA GLN C 263 -31.38 4.41 12.95
C GLN C 263 -30.74 3.40 13.91
N ALA D 4 40.26 3.87 -14.94
CA ALA D 4 40.19 3.71 -16.38
C ALA D 4 40.39 5.06 -17.08
N ASN D 5 40.00 5.12 -18.35
CA ASN D 5 40.14 6.34 -19.15
C ASN D 5 38.83 7.13 -19.15
N PHE D 6 38.49 7.65 -17.97
CA PHE D 6 37.29 8.45 -17.77
C PHE D 6 37.64 9.93 -17.89
N GLU D 7 36.79 10.67 -18.61
CA GLU D 7 37.04 12.10 -18.84
C GLU D 7 36.26 12.99 -17.89
N TYR D 8 35.16 12.51 -17.32
CA TYR D 8 34.33 13.33 -16.44
C TYR D 8 34.39 12.92 -14.97
N ILE D 9 34.85 11.71 -14.66
CA ILE D 9 34.94 11.24 -13.28
C ILE D 9 36.33 10.67 -13.05
N ILE D 10 36.67 10.50 -11.77
CA ILE D 10 37.94 9.94 -11.35
C ILE D 10 37.64 8.75 -10.45
N ALA D 11 37.97 7.54 -10.92
CA ALA D 11 37.75 6.31 -10.18
C ALA D 11 39.06 5.81 -9.59
N GLU D 12 39.05 5.50 -8.30
CA GLU D 12 40.24 5.02 -7.62
C GLU D 12 39.82 4.24 -6.38
N LYS D 13 40.70 3.32 -5.97
CA LYS D 13 40.47 2.49 -4.79
C LYS D 13 41.21 3.10 -3.61
N ARG D 14 40.47 3.75 -2.71
CA ARG D 14 41.02 4.40 -1.53
C ARG D 14 40.74 3.55 -0.30
N GLY D 15 41.17 4.03 0.85
CA GLY D 15 40.92 3.37 2.11
C GLY D 15 42.01 2.38 2.47
N LYS D 16 41.86 1.77 3.65
CA LYS D 16 42.81 0.79 4.15
C LYS D 16 42.60 -0.55 3.44
N ASN D 17 43.70 -1.15 2.98
CA ASN D 17 43.71 -2.42 2.27
C ASN D 17 42.90 -2.38 0.97
N ASN D 18 42.66 -1.19 0.44
CA ASN D 18 41.92 -0.99 -0.81
C ASN D 18 40.54 -1.65 -0.73
N THR D 19 39.77 -1.22 0.27
CA THR D 19 38.43 -1.72 0.49
C THR D 19 37.36 -0.67 0.26
N VAL D 20 37.73 0.53 -0.19
CA VAL D 20 36.79 1.63 -0.40
C VAL D 20 36.91 2.10 -1.84
N GLY D 21 35.76 2.26 -2.50
CA GLY D 21 35.71 2.78 -3.85
C GLY D 21 35.26 4.23 -3.85
N LEU D 22 36.18 5.12 -4.21
CA LEU D 22 35.93 6.55 -4.22
C LEU D 22 35.65 7.01 -5.65
N ILE D 23 34.42 7.46 -5.89
CA ILE D 23 34.01 7.97 -7.19
C ILE D 23 33.86 9.48 -7.05
N GLN D 24 34.77 10.22 -7.68
CA GLN D 24 34.77 11.67 -7.63
C GLN D 24 34.28 12.25 -8.95
N LEU D 25 33.44 13.27 -8.85
CA LEU D 25 32.92 13.98 -10.01
C LEU D 25 33.80 15.18 -10.30
N ASN D 26 34.53 15.13 -11.40
CA ASN D 26 35.49 16.17 -11.78
C ASN D 26 34.98 16.89 -13.01
N ARG D 27 34.22 17.97 -12.79
CA ARG D 27 33.73 18.84 -13.85
C ARG D 27 33.59 20.25 -13.32
N PRO D 28 34.70 20.97 -13.14
CA PRO D 28 34.63 22.32 -12.58
C PRO D 28 34.07 23.36 -13.53
N LYS D 29 33.89 23.04 -14.81
CA LYS D 29 33.42 23.99 -15.79
C LYS D 29 31.90 24.14 -15.81
N ALA D 30 31.16 23.12 -15.37
CA ALA D 30 29.70 23.16 -15.34
C ALA D 30 29.14 22.81 -13.97
N LEU D 31 29.96 22.94 -12.91
CA LEU D 31 29.57 22.63 -11.54
C LEU D 31 29.06 21.19 -11.44
N ASN D 32 29.80 20.28 -12.10
CA ASN D 32 29.50 18.85 -12.11
C ASN D 32 28.08 18.59 -12.63
N ALA D 33 27.86 18.99 -13.89
CA ALA D 33 26.56 18.79 -14.52
C ALA D 33 26.34 17.31 -14.81
N LEU D 34 25.13 16.83 -14.51
CA LEU D 34 24.80 15.42 -14.69
C LEU D 34 24.33 15.21 -16.13
N CYS D 35 25.30 15.09 -17.04
CA CYS D 35 25.01 14.81 -18.43
C CYS D 35 24.93 13.31 -18.67
N ASP D 36 24.64 12.92 -19.91
CA ASP D 36 24.52 11.50 -20.24
C ASP D 36 25.84 10.76 -20.10
N GLY D 37 26.95 11.33 -20.60
CA GLY D 37 28.23 10.66 -20.47
C GLY D 37 28.72 10.54 -19.04
N LEU D 38 28.51 11.58 -18.23
CA LEU D 38 28.90 11.51 -16.83
C LEU D 38 28.11 10.42 -16.10
N ILE D 39 26.80 10.31 -16.37
CA ILE D 39 26.00 9.28 -15.73
C ILE D 39 26.41 7.90 -16.22
N ASP D 40 26.74 7.76 -17.50
CA ASP D 40 27.19 6.48 -18.01
C ASP D 40 28.50 6.06 -17.36
N GLU D 41 29.44 7.00 -17.21
CA GLU D 41 30.69 6.70 -16.52
C GLU D 41 30.46 6.36 -15.05
N LEU D 42 29.53 7.06 -14.40
CA LEU D 42 29.20 6.75 -13.01
C LEU D 42 28.64 5.34 -12.88
N ASN D 43 27.73 4.95 -13.79
CA ASN D 43 27.19 3.60 -13.79
C ASN D 43 28.25 2.54 -14.07
N GLN D 44 29.17 2.81 -15.00
CA GLN D 44 30.28 1.89 -15.25
C GLN D 44 31.18 1.73 -14.03
N ALA D 45 31.51 2.84 -13.35
CA ALA D 45 32.30 2.76 -12.13
C ALA D 45 31.58 2.00 -11.03
N LEU D 46 30.28 2.24 -10.86
CA LEU D 46 29.49 1.47 -9.90
C LEU D 46 29.45 -0.02 -10.22
N LYS D 47 29.29 -0.39 -11.49
CA LYS D 47 29.32 -1.80 -11.87
C LYS D 47 30.69 -2.42 -11.63
N THR D 48 31.76 -1.68 -11.91
CA THR D 48 33.10 -2.21 -11.67
C THR D 48 33.33 -2.42 -10.18
N PHE D 49 32.91 -1.46 -9.35
CA PHE D 49 33.09 -1.61 -7.91
C PHE D 49 32.15 -2.65 -7.32
N GLU D 50 31.03 -2.94 -7.98
CA GLU D 50 30.13 -4.00 -7.54
C GLU D 50 30.61 -5.39 -7.92
N GLU D 51 31.26 -5.54 -9.07
CA GLU D 51 31.79 -6.82 -9.53
C GLU D 51 33.21 -7.07 -9.00
N ASP D 52 33.63 -6.33 -7.98
CA ASP D 52 34.94 -6.52 -7.38
C ASP D 52 34.79 -7.07 -5.98
N PRO D 53 35.36 -8.24 -5.66
CA PRO D 53 35.20 -8.80 -4.32
C PRO D 53 35.98 -8.08 -3.24
N ALA D 54 36.81 -7.10 -3.59
CA ALA D 54 37.63 -6.39 -2.63
C ALA D 54 37.04 -5.05 -2.19
N VAL D 55 35.88 -4.69 -2.72
CA VAL D 55 35.20 -3.44 -2.36
C VAL D 55 33.98 -3.78 -1.53
N GLY D 56 33.85 -3.14 -0.37
CA GLY D 56 32.71 -3.37 0.50
C GLY D 56 31.78 -2.18 0.61
N ALA D 57 32.27 -1.00 0.22
CA ALA D 57 31.47 0.21 0.27
C ALA D 57 32.00 1.20 -0.76
N ILE D 58 31.10 2.02 -1.29
CA ILE D 58 31.42 3.02 -2.30
C ILE D 58 31.17 4.39 -1.72
N VAL D 59 32.05 5.34 -2.03
CA VAL D 59 31.95 6.71 -1.57
C VAL D 59 31.86 7.61 -2.80
N LEU D 60 30.71 8.25 -2.98
CA LEU D 60 30.49 9.16 -4.09
C LEU D 60 30.64 10.60 -3.61
N THR D 61 31.52 11.36 -4.26
CA THR D 61 31.76 12.75 -3.90
C THR D 61 31.98 13.57 -5.15
N GLY D 62 32.03 14.89 -4.97
CA GLY D 62 32.28 15.81 -6.07
C GLY D 62 33.46 16.72 -5.82
N GLY D 63 33.22 18.03 -5.85
CA GLY D 63 34.28 18.99 -5.59
C GLY D 63 34.10 19.72 -4.28
N ASP D 64 34.97 20.69 -4.00
CA ASP D 64 34.89 21.46 -2.77
C ASP D 64 33.97 22.66 -2.88
N LYS D 65 33.48 22.99 -4.08
CA LYS D 65 32.58 24.10 -4.28
C LYS D 65 31.20 23.70 -4.80
N ALA D 66 31.07 22.52 -5.41
CA ALA D 66 29.79 22.07 -5.93
C ALA D 66 29.82 20.57 -6.11
N PHE D 67 28.87 19.87 -5.49
CA PHE D 67 28.77 18.42 -5.65
C PHE D 67 28.19 18.08 -7.03
N ALA D 68 27.02 18.63 -7.34
CA ALA D 68 26.39 18.45 -8.63
C ALA D 68 25.32 19.51 -8.80
N ALA D 69 25.36 20.21 -9.94
CA ALA D 69 24.41 21.28 -10.24
C ALA D 69 23.14 20.77 -10.92
N GLY D 70 22.92 19.47 -10.90
CA GLY D 70 21.75 18.87 -11.50
C GLY D 70 22.00 18.39 -12.92
N ALA D 71 20.93 18.17 -13.64
CA ALA D 71 21.00 17.74 -15.03
C ALA D 71 21.49 18.87 -15.92
N ASP D 72 22.17 18.50 -17.00
CA ASP D 72 22.73 19.47 -17.94
C ASP D 72 21.58 20.08 -18.73
N ILE D 73 21.34 21.38 -18.52
CA ILE D 73 20.25 22.06 -19.22
C ILE D 73 20.55 22.19 -20.70
N LYS D 74 21.84 22.21 -21.08
CA LYS D 74 22.22 22.38 -22.48
C LYS D 74 21.89 21.16 -23.32
N GLU D 75 21.58 20.02 -22.71
CA GLU D 75 21.23 18.81 -23.44
C GLU D 75 19.76 18.44 -23.30
N MET D 76 18.96 19.30 -22.65
CA MET D 76 17.54 19.03 -22.50
C MET D 76 16.68 20.26 -22.78
N GLN D 77 17.25 21.32 -23.35
CA GLN D 77 16.46 22.52 -23.63
C GLN D 77 15.59 22.34 -24.87
N ASN D 78 16.07 21.59 -25.86
CA ASN D 78 15.34 21.45 -27.12
C ASN D 78 14.62 20.12 -27.18
N LEU D 79 14.11 19.66 -26.05
CA LEU D 79 13.35 18.41 -25.97
C LEU D 79 11.86 18.71 -25.85
N SER D 80 11.06 17.78 -26.35
CA SER D 80 9.61 17.89 -26.36
C SER D 80 9.00 16.72 -25.60
N PHE D 81 7.67 16.65 -25.61
CA PHE D 81 6.98 15.56 -24.92
C PHE D 81 7.22 14.23 -25.61
N GLN D 82 7.39 14.23 -26.93
CA GLN D 82 7.64 12.99 -27.66
C GLN D 82 9.05 12.46 -27.43
N ASP D 83 9.99 13.33 -27.03
CA ASP D 83 11.36 12.92 -26.75
C ASP D 83 11.55 12.49 -25.29
N CYS D 84 10.47 12.24 -24.57
CA CYS D 84 10.57 11.80 -23.18
C CYS D 84 9.98 10.40 -22.97
N TYR D 85 8.88 10.10 -23.58
CA TYR D 85 8.41 8.76 -23.45
C TYR D 85 9.32 7.94 -24.37
N SER D 86 9.40 8.23 -25.65
CA SER D 86 10.30 7.52 -26.54
C SER D 86 11.72 8.02 -26.32
N SER D 87 12.67 7.08 -26.31
CA SER D 87 14.03 7.35 -25.86
C SER D 87 14.01 7.99 -24.47
N LYS D 88 13.60 7.18 -23.49
CA LYS D 88 13.31 7.66 -22.14
C LYS D 88 14.49 8.38 -21.53
N PHE D 89 14.25 9.58 -21.02
CA PHE D 89 15.27 10.37 -20.34
C PHE D 89 15.32 10.00 -18.87
N LEU D 90 16.50 10.20 -18.26
CA LEU D 90 16.73 9.91 -16.85
C LEU D 90 16.47 8.44 -16.50
N LYS D 91 16.57 7.55 -17.49
CA LYS D 91 16.36 6.13 -17.26
C LYS D 91 17.60 5.42 -16.76
N HIS D 92 18.78 6.02 -16.93
CA HIS D 92 20.03 5.47 -16.41
C HIS D 92 20.39 6.02 -15.05
N TRP D 93 19.54 6.88 -14.48
CA TRP D 93 19.76 7.44 -13.15
C TRP D 93 19.26 6.54 -12.04
N ASP D 94 18.61 5.42 -12.38
CA ASP D 94 18.09 4.47 -11.40
C ASP D 94 19.01 3.27 -11.26
N HIS D 95 20.31 3.48 -11.48
CA HIS D 95 21.32 2.44 -11.31
C HIS D 95 22.00 2.51 -9.96
N LEU D 96 21.82 3.60 -9.22
CA LEU D 96 22.38 3.72 -7.87
C LEU D 96 21.54 3.02 -6.82
N THR D 97 20.22 2.96 -7.02
CA THR D 97 19.31 2.27 -6.10
C THR D 97 19.24 0.77 -6.36
N GLN D 98 20.07 0.25 -7.26
CA GLN D 98 20.11 -1.18 -7.55
C GLN D 98 21.43 -1.80 -7.11
N VAL D 99 22.30 -1.01 -6.49
CA VAL D 99 23.58 -1.50 -5.98
C VAL D 99 23.36 -2.08 -4.59
N LYS D 100 23.79 -3.32 -4.39
CA LYS D 100 23.61 -4.00 -3.12
C LYS D 100 24.65 -3.60 -2.09
N LYS D 101 25.71 -2.91 -2.49
CA LYS D 101 26.71 -2.43 -1.56
C LYS D 101 26.39 -1.01 -1.10
N PRO D 102 26.76 -0.65 0.13
CA PRO D 102 26.46 0.69 0.62
C PRO D 102 27.19 1.77 -0.17
N VAL D 103 26.49 2.86 -0.44
CA VAL D 103 27.04 4.00 -1.15
C VAL D 103 26.97 5.21 -0.24
N ILE D 104 28.13 5.76 0.10
CA ILE D 104 28.21 6.95 0.95
C ILE D 104 28.35 8.18 0.07
N ALA D 105 27.64 9.24 0.43
CA ALA D 105 27.63 10.48 -0.32
C ALA D 105 28.34 11.57 0.48
N ALA D 106 29.34 12.19 -0.12
CA ALA D 106 30.08 13.30 0.48
C ALA D 106 29.75 14.56 -0.31
N VAL D 107 28.97 15.45 0.31
CA VAL D 107 28.46 16.65 -0.34
C VAL D 107 29.23 17.86 0.19
N ASN D 108 30.00 18.50 -0.68
CA ASN D 108 30.70 19.74 -0.37
C ASN D 108 30.33 20.78 -1.40
N GLY D 109 29.78 21.90 -0.93
CA GLY D 109 29.41 22.98 -1.82
C GLY D 109 27.94 22.97 -2.22
N TYR D 110 27.68 23.19 -3.51
CA TYR D 110 26.32 23.28 -4.00
C TYR D 110 25.82 21.90 -4.43
N ALA D 111 24.65 21.52 -3.93
CA ALA D 111 23.96 20.29 -4.32
C ALA D 111 22.54 20.69 -4.70
N PHE D 112 22.35 21.07 -5.96
CA PHE D 112 21.08 21.59 -6.45
C PHE D 112 20.51 20.66 -7.50
N GLY D 113 19.21 20.42 -7.42
CA GLY D 113 18.52 19.59 -8.40
C GLY D 113 18.93 18.12 -8.35
N GLY D 114 19.64 17.67 -9.37
CA GLY D 114 20.07 16.29 -9.44
C GLY D 114 21.09 15.89 -8.39
N GLY D 115 21.82 16.85 -7.81
CA GLY D 115 22.76 16.53 -6.76
C GLY D 115 22.10 16.00 -5.50
N CYS D 116 21.08 16.71 -5.00
CA CYS D 116 20.35 16.21 -3.85
C CYS D 116 19.61 14.91 -4.17
N GLU D 117 19.13 14.76 -5.41
CA GLU D 117 18.47 13.52 -5.82
C GLU D 117 19.43 12.34 -5.78
N LEU D 118 20.65 12.52 -6.29
CA LEU D 118 21.64 11.44 -6.23
C LEU D 118 22.15 11.20 -4.81
N ALA D 119 22.17 12.26 -3.98
CA ALA D 119 22.59 12.09 -2.60
C ALA D 119 21.55 11.32 -1.79
N MET D 120 20.27 11.55 -2.03
CA MET D 120 19.21 10.87 -1.30
C MET D 120 19.04 9.42 -1.70
N MET D 121 19.52 9.03 -2.88
CA MET D 121 19.50 7.63 -3.27
C MET D 121 20.58 6.82 -2.58
N CYS D 122 21.52 7.48 -1.90
CA CYS D 122 22.55 6.80 -1.15
C CYS D 122 22.05 6.44 0.24
N ASP D 123 22.72 5.46 0.86
CA ASP D 123 22.35 5.02 2.20
C ASP D 123 22.70 6.08 3.23
N ILE D 124 23.97 6.45 3.30
CA ILE D 124 24.46 7.45 4.25
C ILE D 124 24.80 8.72 3.49
N ILE D 125 24.41 9.86 4.06
CA ILE D 125 24.65 11.16 3.45
C ILE D 125 25.51 11.98 4.40
N TYR D 126 26.68 12.39 3.93
CA TYR D 126 27.61 13.21 4.70
C TYR D 126 27.80 14.55 3.99
N ALA D 127 27.48 15.63 4.69
CA ALA D 127 27.59 16.97 4.15
C ALA D 127 28.65 17.77 4.90
N GLY D 128 29.14 18.82 4.24
CA GLY D 128 30.15 19.69 4.83
C GLY D 128 29.53 20.82 5.63
N GLU D 129 30.41 21.60 6.29
CA GLU D 129 29.96 22.72 7.09
C GLU D 129 29.36 23.83 6.23
N LYS D 130 29.73 23.85 4.97
CA LYS D 130 29.32 24.87 4.06
C LYS D 130 28.63 24.28 2.87
N ALA D 131 27.79 23.31 3.08
CA ALA D 131 27.03 22.65 2.04
C ALA D 131 25.59 23.14 2.03
N GLN D 132 25.00 23.20 0.83
CA GLN D 132 23.65 23.72 0.64
C GLN D 132 22.88 22.76 -0.24
N PHE D 133 21.71 22.33 0.24
CA PHE D 133 20.82 21.45 -0.50
C PHE D 133 19.59 22.23 -0.93
N ALA D 134 19.18 22.06 -2.19
CA ALA D 134 18.01 22.76 -2.71
C ALA D 134 17.52 22.04 -3.95
N GLN D 135 16.25 22.30 -4.29
CA GLN D 135 15.60 21.76 -5.49
C GLN D 135 15.11 22.92 -6.33
N PRO D 136 16.01 23.57 -7.08
CA PRO D 136 15.60 24.74 -7.86
C PRO D 136 15.07 24.38 -9.25
N GLU D 137 14.13 23.43 -9.31
CA GLU D 137 13.46 23.12 -10.56
C GLU D 137 12.31 24.07 -10.87
N ILE D 138 11.68 24.63 -9.84
CA ILE D 138 10.55 25.55 -10.04
C ILE D 138 10.97 26.88 -10.64
N LEU D 139 12.27 27.19 -10.63
CA LEU D 139 12.76 28.44 -11.19
C LEU D 139 13.05 28.36 -12.68
N ILE D 140 13.00 27.16 -13.27
CA ILE D 140 13.24 26.97 -14.69
C ILE D 140 12.02 26.40 -15.41
N GLY D 141 10.91 26.21 -14.70
CA GLY D 141 9.67 25.77 -15.29
C GLY D 141 9.42 24.29 -15.25
N THR D 142 10.23 23.52 -14.53
CA THR D 142 10.07 22.08 -14.45
C THR D 142 9.95 21.65 -13.00
N ILE D 143 9.87 20.32 -12.81
CA ILE D 143 9.79 19.72 -11.48
C ILE D 143 10.87 18.67 -11.36
N PRO D 144 11.25 18.25 -10.15
CA PRO D 144 12.19 17.13 -10.03
C PRO D 144 11.64 15.87 -10.67
N GLY D 145 12.54 15.04 -11.18
CA GLY D 145 12.13 13.83 -11.87
C GLY D 145 12.98 12.62 -11.55
N ALA D 146 13.74 12.68 -10.47
CA ALA D 146 14.60 11.56 -10.06
C ALA D 146 14.54 11.34 -8.55
N GLY D 147 13.40 11.66 -7.94
CA GLY D 147 13.22 11.47 -6.52
C GLY D 147 13.38 12.69 -5.66
N GLY D 148 13.12 13.89 -6.20
CA GLY D 148 13.28 15.10 -5.43
C GLY D 148 12.02 15.51 -4.68
N THR D 149 10.94 14.74 -4.86
CA THR D 149 9.69 15.01 -4.16
C THR D 149 9.16 13.80 -3.41
N GLN D 150 9.87 12.67 -3.43
CA GLN D 150 9.44 11.46 -2.72
C GLN D 150 10.32 11.16 -1.52
N ARG D 151 11.65 11.08 -1.71
CA ARG D 151 12.53 10.84 -0.58
C ARG D 151 12.70 12.08 0.29
N LEU D 152 12.76 13.26 -0.34
CA LEU D 152 12.91 14.49 0.43
C LEU D 152 11.69 14.75 1.31
N THR D 153 10.50 14.43 0.81
CA THR D 153 9.29 14.64 1.60
C THR D 153 9.25 13.72 2.82
N ARG D 154 9.66 12.46 2.64
CA ARG D 154 9.67 11.52 3.76
C ARG D 154 10.87 11.73 4.67
N ALA D 155 11.89 12.45 4.23
CA ALA D 155 13.10 12.65 5.03
C ALA D 155 13.00 13.88 5.93
N VAL D 156 12.81 15.05 5.32
CA VAL D 156 12.82 16.29 6.09
C VAL D 156 11.42 16.69 6.56
N GLY D 157 10.38 16.13 5.96
CA GLY D 157 9.02 16.47 6.31
C GLY D 157 8.27 17.08 5.14
N LYS D 158 6.94 17.12 5.28
CA LYS D 158 6.08 17.63 4.23
C LYS D 158 6.26 19.13 4.04
N SER D 159 6.28 19.87 5.15
CA SER D 159 6.32 21.33 5.07
C SER D 159 7.63 21.82 4.48
N LEU D 160 8.76 21.30 4.98
CA LEU D 160 10.06 21.75 4.49
C LEU D 160 10.28 21.35 3.04
N ALA D 161 9.83 20.16 2.65
CA ALA D 161 9.95 19.74 1.25
C ALA D 161 9.09 20.61 0.35
N MET D 162 7.85 20.89 0.77
CA MET D 162 6.99 21.80 0.01
C MET D 162 7.65 23.16 -0.17
N GLU D 163 8.23 23.70 0.91
CA GLU D 163 8.90 25.00 0.82
C GLU D 163 10.07 24.94 -0.15
N MET D 164 10.94 23.93 -0.01
CA MET D 164 12.12 23.84 -0.86
C MET D 164 11.75 23.63 -2.32
N VAL D 165 10.63 22.98 -2.60
CA VAL D 165 10.24 22.72 -3.98
C VAL D 165 9.50 23.89 -4.60
N LEU D 166 8.63 24.57 -3.85
CA LEU D 166 7.81 25.65 -4.39
C LEU D 166 8.46 27.02 -4.24
N THR D 167 9.60 27.11 -3.56
CA THR D 167 10.29 28.39 -3.41
C THR D 167 11.70 28.40 -3.99
N GLY D 168 12.37 27.26 -4.10
CA GLY D 168 13.72 27.23 -4.62
C GLY D 168 14.77 27.82 -3.70
N ASP D 169 14.50 27.86 -2.41
CA ASP D 169 15.45 28.40 -1.44
C ASP D 169 16.46 27.33 -1.02
N ARG D 170 17.61 27.79 -0.54
CA ARG D 170 18.70 26.91 -0.13
C ARG D 170 18.73 26.76 1.38
N ILE D 171 18.92 25.54 1.85
CA ILE D 171 19.01 25.24 3.27
C ILE D 171 20.47 24.95 3.61
N SER D 172 20.77 25.00 4.90
CA SER D 172 22.11 24.74 5.40
C SER D 172 22.25 23.29 5.85
N ALA D 173 23.49 22.90 6.15
CA ALA D 173 23.74 21.54 6.63
C ALA D 173 23.12 21.31 8.00
N GLN D 174 23.10 22.35 8.84
CA GLN D 174 22.49 22.22 10.16
C GLN D 174 20.99 21.95 10.08
N ASP D 175 20.28 22.67 9.20
CA ASP D 175 18.86 22.42 9.03
C ASP D 175 18.59 21.05 8.43
N ALA D 176 19.43 20.61 7.49
CA ALA D 176 19.26 19.27 6.91
C ALA D 176 19.52 18.19 7.93
N LYS D 177 20.46 18.41 8.86
CA LYS D 177 20.70 17.42 9.91
C LYS D 177 19.58 17.43 10.93
N GLN D 178 19.07 18.61 11.29
CA GLN D 178 17.98 18.69 12.25
C GLN D 178 16.70 18.09 11.70
N ALA D 179 16.44 18.25 10.40
CA ALA D 179 15.24 17.70 9.80
C ALA D 179 15.38 16.22 9.48
N GLY D 180 16.59 15.74 9.24
CA GLY D 180 16.84 14.35 8.95
C GLY D 180 17.35 14.04 7.56
N LEU D 181 17.91 15.01 6.84
CA LEU D 181 18.44 14.76 5.50
C LEU D 181 19.85 14.19 5.52
N VAL D 182 20.72 14.72 6.39
CA VAL D 182 22.07 14.20 6.54
C VAL D 182 22.22 13.64 7.95
N SER D 183 23.25 12.81 8.12
CA SER D 183 23.48 12.11 9.36
C SER D 183 24.64 12.65 10.19
N LYS D 184 25.56 13.40 9.58
CA LYS D 184 26.71 13.92 10.31
C LYS D 184 27.28 15.11 9.57
N ILE D 185 27.63 16.16 10.31
CA ILE D 185 28.24 17.36 9.76
C ILE D 185 29.74 17.29 10.00
N CYS D 186 30.53 17.39 8.93
CA CYS D 186 31.97 17.28 9.00
C CYS D 186 32.62 18.48 8.32
N PRO D 187 33.85 18.82 8.71
CA PRO D 187 34.54 19.93 8.04
C PRO D 187 34.77 19.62 6.56
N VAL D 188 34.92 20.68 5.77
CA VAL D 188 35.08 20.52 4.33
C VAL D 188 36.41 19.83 4.01
N GLU D 189 37.48 20.21 4.70
CA GLU D 189 38.79 19.65 4.41
C GLU D 189 38.97 18.23 4.94
N THR D 190 38.05 17.73 5.77
CA THR D 190 38.15 16.40 6.34
C THR D 190 36.89 15.56 6.12
N LEU D 191 36.00 15.96 5.21
CA LEU D 191 34.81 15.17 4.95
C LEU D 191 35.13 13.88 4.23
N VAL D 192 36.06 13.93 3.26
CA VAL D 192 36.42 12.74 2.50
C VAL D 192 37.07 11.70 3.41
N GLU D 193 37.93 12.13 4.34
CA GLU D 193 38.57 11.18 5.25
C GLU D 193 37.56 10.50 6.16
N GLU D 194 36.60 11.25 6.71
CA GLU D 194 35.56 10.64 7.54
C GLU D 194 34.65 9.73 6.75
N ALA D 195 34.31 10.08 5.50
CA ALA D 195 33.53 9.19 4.66
C ALA D 195 34.29 7.90 4.35
N ILE D 196 35.59 7.99 4.09
CA ILE D 196 36.39 6.80 3.86
C ILE D 196 36.47 5.95 5.12
N GLN D 197 36.59 6.57 6.29
CA GLN D 197 36.60 5.80 7.53
C GLN D 197 35.26 5.12 7.79
N CYS D 198 34.16 5.79 7.48
CA CYS D 198 32.84 5.16 7.61
C CYS D 198 32.70 3.99 6.65
N ALA D 199 33.18 4.14 5.42
CA ALA D 199 33.17 3.04 4.47
C ALA D 199 34.04 1.88 4.91
N GLU D 200 35.18 2.15 5.55
CA GLU D 200 36.02 1.09 6.09
C GLU D 200 35.32 0.37 7.25
N LYS D 201 34.66 1.11 8.14
CA LYS D 201 33.93 0.47 9.23
C LYS D 201 32.75 -0.34 8.71
N ILE D 202 32.14 0.09 7.60
CA ILE D 202 31.07 -0.70 7.00
C ILE D 202 31.61 -1.96 6.36
N ALA D 203 32.69 -1.85 5.58
CA ALA D 203 33.25 -3.00 4.88
C ALA D 203 33.95 -3.98 5.82
N SER D 204 34.10 -3.62 7.09
CA SER D 204 34.72 -4.50 8.08
C SER D 204 33.79 -5.62 8.54
N ASN D 205 32.62 -5.75 7.93
CA ASN D 205 31.65 -6.79 8.28
C ASN D 205 31.35 -7.65 7.06
N SER D 206 30.50 -8.65 7.27
CA SER D 206 30.13 -9.56 6.18
C SER D 206 29.31 -8.82 5.13
N LYS D 207 29.64 -9.08 3.87
CA LYS D 207 28.96 -8.41 2.76
C LYS D 207 27.53 -8.88 2.57
N ILE D 208 27.25 -10.17 2.75
CA ILE D 208 25.89 -10.67 2.59
C ILE D 208 24.99 -10.14 3.70
N VAL D 209 25.48 -10.09 4.94
CA VAL D 209 24.69 -9.54 6.04
C VAL D 209 24.47 -8.04 5.84
N VAL D 210 25.48 -7.32 5.37
CA VAL D 210 25.31 -5.90 5.08
C VAL D 210 24.28 -5.68 3.99
N ALA D 211 24.30 -6.52 2.94
CA ALA D 211 23.30 -6.39 1.89
C ALA D 211 21.90 -6.69 2.40
N MET D 212 21.76 -7.72 3.24
CA MET D 212 20.46 -8.02 3.84
C MET D 212 19.95 -6.86 4.69
N ALA D 213 20.84 -6.25 5.48
CA ALA D 213 20.45 -5.11 6.30
C ALA D 213 20.06 -3.92 5.42
N LYS D 214 20.81 -3.67 4.35
CA LYS D 214 20.47 -2.57 3.45
C LYS D 214 19.11 -2.78 2.81
N GLU D 215 18.82 -4.01 2.37
CA GLU D 215 17.52 -4.29 1.77
C GLU D 215 16.40 -4.18 2.80
N SER D 216 16.63 -4.64 4.03
CA SER D 216 15.61 -4.52 5.07
C SER D 216 15.34 -3.07 5.42
N VAL D 217 16.37 -2.21 5.39
CA VAL D 217 16.14 -0.79 5.67
C VAL D 217 15.45 -0.11 4.50
N ASN D 218 15.82 -0.46 3.27
CA ASN D 218 15.19 0.12 2.09
C ASN D 218 13.75 -0.35 1.90
N ALA D 219 13.38 -1.49 2.47
CA ALA D 219 12.01 -2.00 2.39
C ALA D 219 11.06 -1.28 3.33
N ALA D 220 11.51 -0.22 4.00
CA ALA D 220 10.67 0.54 4.90
C ALA D 220 9.88 1.65 4.19
N PHE D 221 10.18 1.91 2.92
CA PHE D 221 9.45 2.90 2.13
C PHE D 221 8.65 2.25 1.00
N GLU D 222 8.62 0.92 0.94
CA GLU D 222 7.93 0.20 -0.12
C GLU D 222 6.82 -0.71 0.38
N MET D 223 6.72 -0.92 1.69
CA MET D 223 5.72 -1.82 2.26
C MET D 223 5.12 -1.16 3.49
N THR D 224 4.23 -1.89 4.16
CA THR D 224 3.62 -1.43 5.39
C THR D 224 4.46 -1.86 6.59
N LEU D 225 4.05 -1.41 7.78
CA LEU D 225 4.77 -1.76 8.99
C LEU D 225 4.59 -3.23 9.34
N THR D 226 3.37 -3.76 9.23
CA THR D 226 3.15 -5.17 9.52
C THR D 226 3.87 -6.08 8.54
N GLU D 227 3.81 -5.77 7.25
CA GLU D 227 4.53 -6.56 6.26
C GLU D 227 6.04 -6.33 6.35
N GLY D 228 6.45 -5.11 6.69
CA GLY D 228 7.86 -4.84 6.91
C GLY D 228 8.45 -5.64 8.05
N SER D 229 7.72 -5.77 9.16
CA SER D 229 8.18 -6.59 10.27
C SER D 229 8.31 -8.06 9.89
N LYS D 230 7.38 -8.61 9.13
CA LYS D 230 7.48 -9.99 8.67
C LYS D 230 8.61 -10.20 7.68
N LEU D 231 8.82 -9.28 6.75
CA LEU D 231 9.97 -9.35 5.86
C LEU D 231 11.29 -9.26 6.61
N GLU D 232 11.36 -8.41 7.65
CA GLU D 232 12.55 -8.35 8.48
C GLU D 232 12.78 -9.64 9.26
N LYS D 233 11.70 -10.26 9.78
CA LYS D 233 11.84 -11.55 10.42
C LYS D 233 12.30 -12.62 9.45
N LYS D 234 11.82 -12.58 8.20
CA LYS D 234 12.29 -13.51 7.19
C LYS D 234 13.77 -13.33 6.87
N LEU D 235 14.21 -12.08 6.69
CA LEU D 235 15.61 -11.80 6.44
C LEU D 235 16.49 -12.15 7.64
N PHE D 236 15.95 -12.09 8.85
CA PHE D 236 16.69 -12.50 10.03
C PHE D 236 16.77 -14.03 10.14
N TYR D 237 15.72 -14.72 9.72
CA TYR D 237 15.76 -16.18 9.69
C TYR D 237 16.70 -16.69 8.61
N SER D 238 16.81 -15.97 7.50
CA SER D 238 17.60 -16.41 6.35
C SER D 238 19.09 -16.10 6.49
N THR D 239 19.56 -15.83 7.71
CA THR D 239 20.98 -15.59 7.95
C THR D 239 21.64 -16.65 8.83
N PHE D 240 20.88 -17.57 9.42
CA PHE D 240 21.44 -18.63 10.24
C PHE D 240 22.09 -19.73 9.42
N ALA D 241 21.96 -19.68 8.09
CA ALA D 241 22.53 -20.69 7.20
C ALA D 241 23.89 -20.27 6.64
N THR D 242 24.47 -19.19 7.16
CA THR D 242 25.76 -18.70 6.72
C THR D 242 26.81 -18.96 7.80
N ASP D 243 28.07 -18.73 7.43
CA ASP D 243 29.17 -18.93 8.36
C ASP D 243 29.56 -17.66 9.11
N ASP D 244 29.34 -16.49 8.52
CA ASP D 244 29.67 -15.23 9.18
C ASP D 244 28.83 -14.98 10.43
N ARG D 245 27.54 -15.35 10.39
CA ARG D 245 26.69 -15.18 11.57
C ARG D 245 27.22 -16.01 12.74
N LYS D 246 27.49 -17.29 12.50
CA LYS D 246 28.00 -18.15 13.56
C LYS D 246 29.37 -17.70 14.03
N GLU D 247 30.21 -17.22 13.10
CA GLU D 247 31.52 -16.71 13.48
C GLU D 247 31.40 -15.50 14.40
N GLY D 248 30.50 -14.57 14.05
CA GLY D 248 30.31 -13.40 14.89
C GLY D 248 29.72 -13.75 16.24
N MET D 249 28.77 -14.67 16.29
CA MET D 249 28.22 -15.12 17.56
C MET D 249 29.25 -15.82 18.43
N THR D 250 30.13 -16.63 17.83
CA THR D 250 31.22 -17.25 18.59
C THR D 250 32.22 -16.22 19.10
N ALA D 251 32.56 -15.23 18.27
CA ALA D 251 33.46 -14.17 18.70
C ALA D 251 32.83 -13.23 19.72
N PHE D 252 31.50 -13.22 19.83
CA PHE D 252 30.83 -12.45 20.88
C PHE D 252 30.74 -13.25 22.18
N VAL D 253 30.66 -14.58 22.11
CA VAL D 253 30.58 -15.46 23.30
C VAL D 253 31.96 -15.81 23.81
N GLU D 254 32.88 -16.12 22.92
CA GLU D 254 34.27 -16.39 23.28
C GLU D 254 34.80 -15.09 22.88
N LYS D 255 35.00 -14.19 23.78
CA LYS D 255 35.34 -12.83 23.44
C LYS D 255 36.56 -12.63 22.60
N ARG D 256 36.42 -12.42 21.30
CA ARG D 256 37.59 -12.37 20.43
C ARG D 256 37.42 -11.62 19.14
N LYS D 257 38.49 -11.53 18.33
CA LYS D 257 38.20 -10.76 17.12
C LYS D 257 37.44 -11.62 16.12
N ALA D 258 36.41 -11.04 15.50
CA ALA D 258 35.60 -11.73 14.52
C ALA D 258 36.21 -11.58 13.13
N ASN D 259 36.40 -12.70 12.44
CA ASN D 259 36.93 -12.74 11.08
C ASN D 259 35.89 -13.35 10.17
N PHE D 260 35.23 -12.53 9.37
CA PHE D 260 34.16 -12.97 8.49
C PHE D 260 34.74 -13.39 7.14
N LYS D 261 34.16 -14.43 6.54
CA LYS D 261 34.60 -14.95 5.25
C LYS D 261 33.73 -14.48 4.09
N ASP D 262 32.84 -13.52 4.34
CA ASP D 262 31.93 -12.98 3.32
C ASP D 262 31.09 -14.09 2.69
N GLN D 263 30.68 -15.04 3.51
CA GLN D 263 29.85 -16.16 3.04
C GLN D 263 29.03 -16.75 4.18
N ALA E 4 5.67 -11.14 42.59
CA ALA E 4 5.27 -12.54 42.54
C ALA E 4 6.48 -13.46 42.49
N ASN E 5 6.40 -14.52 41.68
CA ASN E 5 7.48 -15.47 41.52
C ASN E 5 8.28 -15.25 40.25
N PHE E 6 8.31 -14.02 39.75
CA PHE E 6 9.08 -13.72 38.53
C PHE E 6 10.56 -13.77 38.83
N GLU E 7 11.34 -14.30 37.88
CA GLU E 7 12.77 -14.48 38.04
C GLU E 7 13.60 -13.36 37.43
N TYR E 8 13.17 -12.78 36.32
CA TYR E 8 13.95 -11.77 35.61
C TYR E 8 13.32 -10.39 35.63
N ILE E 9 12.04 -10.26 35.98
CA ILE E 9 11.36 -8.98 35.99
C ILE E 9 10.76 -8.75 37.36
N ILE E 10 10.46 -7.48 37.65
CA ILE E 10 9.81 -7.08 38.89
C ILE E 10 8.52 -6.36 38.53
N ALA E 11 7.39 -6.98 38.83
CA ALA E 11 6.08 -6.42 38.51
C ALA E 11 5.49 -5.79 39.77
N GLU E 12 5.02 -4.55 39.65
CA GLU E 12 4.42 -3.84 40.77
C GLU E 12 3.51 -2.75 40.22
N LYS E 13 2.63 -2.25 41.10
CA LYS E 13 1.70 -1.17 40.77
C LYS E 13 2.17 0.10 41.46
N ARG E 14 2.65 1.05 40.66
CA ARG E 14 3.16 2.32 41.16
C ARG E 14 2.22 3.45 40.75
N GLY E 15 2.46 4.62 41.31
CA GLY E 15 1.68 5.79 40.99
C GLY E 15 0.56 6.02 41.99
N LYS E 16 -0.18 7.11 41.78
CA LYS E 16 -1.29 7.48 42.64
C LYS E 16 -2.51 6.64 42.31
N ASN E 17 -3.19 6.17 43.35
CA ASN E 17 -4.40 5.35 43.27
C ASN E 17 -4.17 4.01 42.58
N ASN E 18 -2.91 3.61 42.40
CA ASN E 18 -2.54 2.34 41.78
C ASN E 18 -3.18 2.20 40.39
N THR E 19 -2.85 3.16 39.53
CA THR E 19 -3.34 3.19 38.16
C THR E 19 -2.23 3.02 37.12
N VAL E 20 -0.99 2.78 37.55
CA VAL E 20 0.14 2.65 36.65
C VAL E 20 0.87 1.34 36.96
N GLY E 21 1.13 0.56 35.93
CA GLY E 21 1.89 -0.68 36.07
C GLY E 21 3.34 -0.46 35.65
N LEU E 22 4.24 -0.89 36.52
CA LEU E 22 5.68 -0.70 36.32
C LEU E 22 6.33 -2.08 36.16
N ILE E 23 6.88 -2.33 34.98
CA ILE E 23 7.60 -3.57 34.69
C ILE E 23 9.08 -3.23 34.59
N GLN E 24 9.85 -3.62 35.59
CA GLN E 24 11.29 -3.35 35.64
C GLN E 24 12.08 -4.62 35.33
N LEU E 25 13.01 -4.50 34.38
CA LEU E 25 13.87 -5.61 34.00
C LEU E 25 15.04 -5.68 34.98
N ASN E 26 15.07 -6.72 35.80
CA ASN E 26 16.08 -6.90 36.84
C ASN E 26 16.95 -8.09 36.47
N ARG E 27 18.02 -7.83 35.74
CA ARG E 27 19.01 -8.84 35.36
C ARG E 27 20.38 -8.19 35.27
N PRO E 28 21.04 -7.99 36.41
CA PRO E 28 22.35 -7.33 36.43
C PRO E 28 23.52 -8.21 36.04
N LYS E 29 23.28 -9.42 35.53
CA LYS E 29 24.35 -10.32 35.14
C LYS E 29 24.53 -10.44 33.63
N ALA E 30 23.57 -9.96 32.84
CA ALA E 30 23.66 -10.03 31.38
C ALA E 30 23.18 -8.74 30.73
N LEU E 31 23.16 -7.63 31.45
CA LEU E 31 22.68 -6.34 30.96
C LEU E 31 21.24 -6.46 30.44
N ASN E 32 20.42 -7.19 31.21
CA ASN E 32 19.01 -7.42 30.89
C ASN E 32 18.85 -8.04 29.51
N ALA E 33 19.44 -9.22 29.34
CA ALA E 33 19.34 -9.95 28.08
C ALA E 33 17.91 -10.46 27.88
N LEU E 34 17.38 -10.26 26.68
CA LEU E 34 16.01 -10.67 26.36
C LEU E 34 15.99 -12.16 26.03
N CYS E 35 16.06 -12.97 27.08
CA CYS E 35 15.97 -14.42 26.92
C CYS E 35 14.51 -14.85 26.82
N ASP E 36 14.30 -16.16 26.68
CA ASP E 36 12.95 -16.69 26.55
C ASP E 36 12.13 -16.52 27.82
N GLY E 37 12.70 -16.85 28.98
CA GLY E 37 11.96 -16.71 30.23
C GLY E 37 11.62 -15.26 30.54
N LEU E 38 12.56 -14.34 30.27
CA LEU E 38 12.28 -12.92 30.50
C LEU E 38 11.14 -12.44 29.62
N ILE E 39 11.12 -12.85 28.35
CA ILE E 39 10.05 -12.44 27.45
C ILE E 39 8.72 -13.06 27.85
N ASP E 40 8.72 -14.33 28.28
CA ASP E 40 7.49 -14.95 28.76
C ASP E 40 6.94 -14.24 30.00
N GLU E 41 7.83 -13.87 30.94
CA GLU E 41 7.38 -13.13 32.12
C GLU E 41 6.87 -11.74 31.74
N LEU E 42 7.53 -11.09 30.78
CA LEU E 42 7.06 -9.78 30.32
C LEU E 42 5.67 -9.88 29.71
N ASN E 43 5.44 -10.90 28.88
CA ASN E 43 4.12 -11.12 28.29
C ASN E 43 3.07 -11.44 29.34
N GLN E 44 3.41 -12.26 30.35
CA GLN E 44 2.47 -12.53 31.42
C GLN E 44 2.11 -11.27 32.20
N ALA E 45 3.11 -10.44 32.50
CA ALA E 45 2.85 -9.18 33.20
C ALA E 45 2.00 -8.24 32.36
N LEU E 46 2.25 -8.18 31.05
CA LEU E 46 1.41 -7.36 30.17
C LEU E 46 -0.02 -7.86 30.13
N LYS E 47 -0.21 -9.19 30.09
CA LYS E 47 -1.56 -9.74 30.11
C LYS E 47 -2.26 -9.42 31.43
N THR E 48 -1.53 -9.54 32.55
CA THR E 48 -2.12 -9.23 33.85
C THR E 48 -2.53 -7.76 33.92
N PHE E 49 -1.68 -6.87 33.41
CA PHE E 49 -2.00 -5.44 33.41
C PHE E 49 -3.09 -5.09 32.41
N GLU E 50 -3.27 -5.89 31.37
CA GLU E 50 -4.36 -5.70 30.41
C GLU E 50 -5.67 -6.33 30.87
N GLU E 51 -5.63 -7.19 31.88
CA GLU E 51 -6.84 -7.78 32.44
C GLU E 51 -7.15 -7.19 33.81
N ASP E 52 -6.71 -5.97 34.05
CA ASP E 52 -6.95 -5.26 35.30
C ASP E 52 -7.63 -3.93 34.99
N PRO E 53 -8.88 -3.73 35.42
CA PRO E 53 -9.57 -2.46 35.12
C PRO E 53 -8.98 -1.27 35.87
N ALA E 54 -8.14 -1.49 36.87
CA ALA E 54 -7.54 -0.40 37.62
C ALA E 54 -6.31 0.19 36.96
N VAL E 55 -5.67 -0.55 36.05
CA VAL E 55 -4.48 -0.08 35.36
C VAL E 55 -4.89 0.52 34.02
N GLY E 56 -4.36 1.71 33.73
CA GLY E 56 -4.67 2.37 32.48
C GLY E 56 -3.45 2.62 31.61
N ALA E 57 -2.27 2.46 32.19
CA ALA E 57 -1.04 2.67 31.45
C ALA E 57 0.06 1.82 32.06
N ILE E 58 1.00 1.39 31.23
CA ILE E 58 2.11 0.53 31.63
C ILE E 58 3.41 1.27 31.37
N VAL E 59 4.36 1.14 32.29
CA VAL E 59 5.69 1.72 32.17
C VAL E 59 6.71 0.60 32.19
N LEU E 60 7.42 0.43 31.08
CA LEU E 60 8.44 -0.61 30.95
C LEU E 60 9.81 0.03 31.07
N THR E 61 10.53 -0.30 32.14
CA THR E 61 11.85 0.26 32.41
C THR E 61 12.84 -0.88 32.67
N GLY E 62 14.11 -0.52 32.79
CA GLY E 62 15.16 -1.48 33.09
C GLY E 62 16.01 -1.08 34.27
N GLY E 63 17.32 -1.00 34.07
CA GLY E 63 18.23 -0.59 35.12
C GLY E 63 18.82 0.78 34.88
N ASP E 64 19.78 1.17 35.72
CA ASP E 64 20.42 2.47 35.58
C ASP E 64 21.62 2.45 34.65
N LYS E 65 22.19 1.28 34.38
CA LYS E 65 23.32 1.16 33.47
C LYS E 65 22.98 0.52 32.14
N ALA E 66 21.89 -0.24 32.06
CA ALA E 66 21.50 -0.89 30.83
C ALA E 66 20.02 -1.22 30.88
N PHE E 67 19.30 -0.86 29.81
CA PHE E 67 17.89 -1.19 29.70
C PHE E 67 17.69 -2.62 29.18
N ALA E 68 18.35 -2.95 28.07
CA ALA E 68 18.31 -4.30 27.51
C ALA E 68 19.46 -4.44 26.52
N ALA E 69 20.16 -5.56 26.60
CA ALA E 69 21.30 -5.83 25.74
C ALA E 69 20.92 -6.65 24.50
N GLY E 70 19.64 -6.93 24.31
CA GLY E 70 19.16 -7.70 23.18
C GLY E 70 18.83 -9.12 23.57
N ALA E 71 18.86 -9.92 22.52
CA ALA E 71 18.60 -11.32 22.68
C ALA E 71 19.84 -11.99 23.17
N ASP E 72 19.67 -13.08 23.89
CA ASP E 72 20.78 -13.75 24.44
C ASP E 72 21.54 -14.43 23.33
N ILE E 73 22.73 -13.94 22.98
CA ILE E 73 23.54 -14.48 21.92
C ILE E 73 23.94 -15.87 22.36
N LYS E 74 24.06 -16.08 23.65
CA LYS E 74 24.38 -17.38 24.17
C LYS E 74 23.18 -18.26 24.32
N GLU E 75 22.26 -18.25 23.37
CA GLU E 75 21.03 -19.01 23.42
C GLU E 75 20.60 -19.10 22.02
N MET E 76 21.13 -18.24 21.19
CA MET E 76 20.85 -18.31 19.81
C MET E 76 22.06 -18.66 19.00
N GLN E 77 23.04 -19.34 19.58
CA GLN E 77 24.29 -19.55 18.85
C GLN E 77 24.25 -20.87 18.08
N ASN E 78 23.87 -21.96 18.75
CA ASN E 78 23.83 -23.26 18.10
C ASN E 78 22.48 -23.51 17.44
N LEU E 79 22.05 -22.57 16.59
CA LEU E 79 20.79 -22.68 15.88
C LEU E 79 21.04 -22.63 14.38
N SER E 80 20.22 -23.37 13.64
CA SER E 80 20.30 -23.46 12.18
C SER E 80 19.07 -22.84 11.56
N PHE E 81 18.99 -22.92 10.23
CA PHE E 81 17.84 -22.36 9.52
C PHE E 81 16.58 -23.15 9.80
N GLN E 82 16.67 -24.48 9.83
CA GLN E 82 15.49 -25.30 10.08
C GLN E 82 15.04 -25.22 11.53
N ASP E 83 15.98 -25.08 12.47
CA ASP E 83 15.62 -24.96 13.88
C ASP E 83 15.00 -23.61 14.20
N CYS E 84 15.20 -22.60 13.35
CA CYS E 84 14.60 -21.29 13.56
C CYS E 84 13.28 -21.15 12.81
N TYR E 85 13.23 -21.60 11.55
CA TYR E 85 12.02 -21.45 10.76
C TYR E 85 10.93 -22.43 11.18
N SER E 86 11.30 -23.62 11.67
CA SER E 86 10.30 -24.60 12.07
C SER E 86 10.08 -24.53 13.58
N SER E 87 10.48 -23.42 14.20
CA SER E 87 10.19 -23.18 15.61
C SER E 87 9.66 -21.75 15.80
N LYS E 88 9.65 -20.98 14.72
CA LYS E 88 9.18 -19.60 14.71
C LYS E 88 9.92 -18.78 15.78
N PHE E 89 11.23 -18.69 15.59
CA PHE E 89 12.08 -17.99 16.54
C PHE E 89 11.68 -16.53 16.65
N LEU E 90 11.64 -16.02 17.88
CA LEU E 90 11.24 -14.65 18.18
C LEU E 90 9.80 -14.39 17.74
N LYS E 91 8.89 -15.31 18.08
CA LYS E 91 7.47 -15.13 17.78
C LYS E 91 6.69 -14.53 18.95
N HIS E 92 7.23 -14.58 20.16
CA HIS E 92 6.58 -14.01 21.33
C HIS E 92 7.04 -12.59 21.62
N TRP E 93 7.66 -11.93 20.64
CA TRP E 93 8.11 -10.56 20.79
C TRP E 93 7.16 -9.56 20.16
N ASP E 94 6.08 -10.02 19.53
CA ASP E 94 5.10 -9.12 18.92
C ASP E 94 3.84 -9.05 19.77
N HIS E 95 3.99 -9.34 21.07
CA HIS E 95 2.89 -9.22 22.01
C HIS E 95 2.75 -7.82 22.59
N LEU E 96 3.79 -7.00 22.52
CA LEU E 96 3.71 -5.63 22.99
C LEU E 96 2.94 -4.75 22.02
N THR E 97 3.01 -5.05 20.71
CA THR E 97 2.28 -4.30 19.71
C THR E 97 0.81 -4.69 19.63
N GLN E 98 0.37 -5.69 20.40
CA GLN E 98 -1.03 -6.10 20.44
C GLN E 98 -1.70 -5.66 21.74
N VAL E 99 -1.07 -4.75 22.48
CA VAL E 99 -1.60 -4.24 23.73
C VAL E 99 -2.34 -2.94 23.43
N LYS E 100 -3.59 -2.86 23.89
CA LYS E 100 -4.42 -1.68 23.66
C LYS E 100 -4.19 -0.57 24.67
N LYS E 101 -3.43 -0.83 25.75
CA LYS E 101 -3.10 0.19 26.73
C LYS E 101 -1.75 0.82 26.41
N PRO E 102 -1.58 2.10 26.70
CA PRO E 102 -0.30 2.77 26.41
C PRO E 102 0.84 2.17 27.23
N VAL E 103 1.98 2.00 26.57
CA VAL E 103 3.18 1.46 27.19
C VAL E 103 4.28 2.51 27.05
N ILE E 104 4.86 2.91 28.19
CA ILE E 104 5.94 3.88 28.22
C ILE E 104 7.25 3.14 28.43
N ALA E 105 8.26 3.51 27.65
CA ALA E 105 9.56 2.85 27.69
C ALA E 105 10.58 3.81 28.29
N ALA E 106 10.93 3.57 29.55
CA ALA E 106 11.97 4.35 30.22
C ALA E 106 13.32 3.71 29.98
N VAL E 107 14.18 4.39 29.22
CA VAL E 107 15.46 3.85 28.77
C VAL E 107 16.56 4.57 29.54
N ASN E 108 17.22 3.84 30.44
CA ASN E 108 18.39 4.35 31.16
C ASN E 108 19.56 3.41 30.91
N GLY E 109 20.60 3.93 30.29
CA GLY E 109 21.79 3.14 30.03
C GLY E 109 21.87 2.59 28.61
N TYR E 110 22.41 1.38 28.48
CA TYR E 110 22.59 0.77 27.17
C TYR E 110 21.28 0.19 26.66
N ALA E 111 20.91 0.56 25.43
CA ALA E 111 19.74 0.00 24.75
C ALA E 111 20.21 -0.45 23.37
N PHE E 112 20.73 -1.66 23.30
CA PHE E 112 21.35 -2.20 22.09
C PHE E 112 20.61 -3.45 21.64
N GLY E 113 20.53 -3.64 20.33
CA GLY E 113 19.88 -4.82 19.77
C GLY E 113 18.39 -4.85 20.01
N GLY E 114 17.93 -5.80 20.82
CA GLY E 114 16.54 -5.95 21.14
C GLY E 114 15.97 -4.85 22.01
N GLY E 115 16.81 -4.12 22.75
CA GLY E 115 16.31 -3.03 23.58
C GLY E 115 15.74 -1.88 22.78
N CYS E 116 16.43 -1.47 21.71
CA CYS E 116 15.91 -0.40 20.87
C CYS E 116 14.60 -0.80 20.20
N GLU E 117 14.50 -2.07 19.76
CA GLU E 117 13.24 -2.53 19.17
C GLU E 117 12.12 -2.56 20.20
N LEU E 118 12.41 -3.04 21.41
CA LEU E 118 11.40 -3.07 22.46
C LEU E 118 10.96 -1.66 22.84
N ALA E 119 11.87 -0.69 22.79
CA ALA E 119 11.51 0.69 23.06
C ALA E 119 10.66 1.27 21.94
N MET E 120 11.01 0.99 20.68
CA MET E 120 10.27 1.50 19.54
C MET E 120 8.91 0.84 19.38
N MET E 121 8.70 -0.35 19.95
CA MET E 121 7.39 -0.98 19.93
C MET E 121 6.42 -0.38 20.95
N CYS E 122 6.85 0.65 21.67
CA CYS E 122 6.01 1.34 22.64
C CYS E 122 5.45 2.62 22.03
N ASP E 123 4.48 3.22 22.73
CA ASP E 123 3.87 4.45 22.25
C ASP E 123 4.77 5.65 22.53
N ILE E 124 5.26 5.77 23.77
CA ILE E 124 6.11 6.88 24.17
C ILE E 124 7.46 6.34 24.60
N ILE E 125 8.52 7.00 24.14
CA ILE E 125 9.89 6.58 24.43
C ILE E 125 10.56 7.69 25.25
N TYR E 126 10.82 7.41 26.52
CA TYR E 126 11.50 8.34 27.41
C TYR E 126 12.90 7.81 27.71
N ALA E 127 13.92 8.62 27.44
CA ALA E 127 15.30 8.25 27.65
C ALA E 127 15.96 9.20 28.63
N GLY E 128 16.94 8.69 29.37
CA GLY E 128 17.67 9.49 30.32
C GLY E 128 18.77 10.32 29.67
N GLU E 129 19.49 11.06 30.52
CA GLU E 129 20.57 11.91 30.02
C GLU E 129 21.81 11.11 29.66
N LYS E 130 21.90 9.85 30.09
CA LYS E 130 23.05 9.01 29.77
C LYS E 130 22.60 7.75 29.05
N ALA E 131 21.64 7.88 28.14
CA ALA E 131 21.13 6.76 27.38
C ALA E 131 21.79 6.68 26.02
N GLN E 132 21.88 5.46 25.48
CA GLN E 132 22.51 5.22 24.19
C GLN E 132 21.70 4.20 23.41
N PHE E 133 21.51 4.46 22.12
CA PHE E 133 20.78 3.58 21.23
C PHE E 133 21.67 3.19 20.05
N ALA E 134 21.68 1.90 19.73
CA ALA E 134 22.52 1.39 18.65
C ALA E 134 21.99 0.05 18.19
N GLN E 135 22.43 -0.36 17.00
CA GLN E 135 22.07 -1.64 16.39
C GLN E 135 23.37 -2.41 16.14
N PRO E 136 23.86 -3.16 17.13
CA PRO E 136 25.15 -3.84 17.00
C PRO E 136 25.03 -5.22 16.38
N GLU E 137 23.87 -5.54 15.79
CA GLU E 137 23.69 -6.84 15.16
C GLU E 137 24.66 -7.06 14.01
N ILE E 138 25.05 -6.00 13.31
CA ILE E 138 25.96 -6.14 12.18
C ILE E 138 27.36 -6.54 12.64
N LEU E 139 27.69 -6.35 13.91
CA LEU E 139 28.99 -6.71 14.44
C LEU E 139 29.11 -8.19 14.80
N ILE E 140 28.00 -8.91 14.86
CA ILE E 140 28.01 -10.33 15.16
C ILE E 140 27.54 -11.16 13.97
N GLY E 141 27.42 -10.53 12.80
CA GLY E 141 27.07 -11.24 11.59
C GLY E 141 25.60 -11.45 11.34
N THR E 142 24.73 -10.69 12.01
CA THR E 142 23.29 -10.82 11.82
C THR E 142 22.67 -9.44 11.61
N ILE E 143 21.35 -9.43 11.48
CA ILE E 143 20.59 -8.20 11.29
C ILE E 143 19.49 -8.15 12.33
N PRO E 144 18.94 -6.97 12.65
CA PRO E 144 17.77 -6.92 13.55
C PRO E 144 16.59 -7.67 12.96
N GLY E 145 15.82 -8.31 13.83
CA GLY E 145 14.70 -9.11 13.39
C GLY E 145 13.43 -8.94 14.21
N ALA E 146 13.32 -7.83 14.94
CA ALA E 146 12.17 -7.55 15.78
C ALA E 146 11.74 -6.10 15.64
N GLY E 147 11.95 -5.51 14.47
CA GLY E 147 11.57 -4.15 14.21
C GLY E 147 12.68 -3.13 14.26
N GLY E 148 13.93 -3.53 14.07
CA GLY E 148 15.06 -2.64 14.11
C GLY E 148 15.39 -1.93 12.80
N THR E 149 14.75 -2.31 11.70
CA THR E 149 14.97 -1.67 10.41
C THR E 149 13.70 -1.11 9.79
N GLN E 150 12.56 -1.20 10.47
CA GLN E 150 11.31 -0.68 9.95
C GLN E 150 10.84 0.55 10.72
N ARG E 151 10.77 0.48 12.05
CA ARG E 151 10.37 1.64 12.83
C ARG E 151 11.49 2.66 12.96
N LEU E 152 12.73 2.18 13.09
CA LEU E 152 13.87 3.10 13.19
C LEU E 152 14.06 3.90 11.91
N THR E 153 13.80 3.27 10.76
CA THR E 153 13.94 3.98 9.49
C THR E 153 12.88 5.07 9.33
N ARG E 154 11.65 4.79 9.76
CA ARG E 154 10.58 5.77 9.65
C ARG E 154 10.59 6.79 10.80
N ALA E 155 11.39 6.55 11.84
CA ALA E 155 11.44 7.44 12.99
C ALA E 155 12.57 8.46 12.91
N VAL E 156 13.82 8.01 12.75
CA VAL E 156 14.95 8.92 12.74
C VAL E 156 15.37 9.33 11.34
N GLY E 157 14.87 8.67 10.31
CA GLY E 157 15.25 8.96 8.94
C GLY E 157 16.00 7.81 8.30
N LYS E 158 16.07 7.85 6.98
CA LYS E 158 16.72 6.78 6.22
C LYS E 158 18.22 6.78 6.45
N SER E 159 18.85 7.95 6.39
CA SER E 159 20.31 8.04 6.48
C SER E 159 20.81 7.62 7.85
N LEU E 160 20.19 8.15 8.91
CA LEU E 160 20.64 7.82 10.26
C LEU E 160 20.41 6.35 10.58
N ALA E 161 19.29 5.79 10.14
CA ALA E 161 19.03 4.37 10.35
C ALA E 161 20.04 3.52 9.60
N MET E 162 20.31 3.87 8.33
CA MET E 162 21.33 3.16 7.57
C MET E 162 22.67 3.20 8.28
N GLU E 163 23.06 4.36 8.79
CA GLU E 163 24.34 4.49 9.49
C GLU E 163 24.36 3.61 10.74
N MET E 164 23.32 3.69 11.56
CA MET E 164 23.28 2.93 12.80
C MET E 164 23.19 1.43 12.56
N VAL E 165 22.67 1.00 11.42
CA VAL E 165 22.54 -0.43 11.14
C VAL E 165 23.81 -0.98 10.52
N LEU E 166 24.43 -0.23 9.61
CA LEU E 166 25.60 -0.70 8.90
C LEU E 166 26.90 -0.45 9.66
N THR E 167 26.90 0.45 10.65
CA THR E 167 28.09 0.73 11.44
C THR E 167 27.97 0.30 12.88
N GLY E 168 26.75 0.18 13.42
CA GLY E 168 26.59 -0.16 14.81
C GLY E 168 27.05 0.89 15.78
N ASP E 169 27.08 2.16 15.38
CA ASP E 169 27.54 3.24 16.22
C ASP E 169 26.46 3.65 17.21
N ARG E 170 26.90 4.17 18.35
CA ARG E 170 26.00 4.57 19.42
C ARG E 170 25.66 6.05 19.30
N ILE E 171 24.38 6.37 19.52
CA ILE E 171 23.91 7.75 19.50
C ILE E 171 23.47 8.14 20.90
N SER E 172 23.54 9.43 21.19
CA SER E 172 23.16 9.95 22.49
C SER E 172 21.66 10.23 22.52
N ALA E 173 21.16 10.59 23.72
CA ALA E 173 19.74 10.93 23.84
C ALA E 173 19.42 12.23 23.12
N GLN E 174 20.38 13.16 23.06
CA GLN E 174 20.17 14.39 22.31
C GLN E 174 19.99 14.13 20.83
N ASP E 175 20.75 13.20 20.26
CA ASP E 175 20.57 12.84 18.86
C ASP E 175 19.22 12.17 18.63
N ALA E 176 18.77 11.33 19.57
CA ALA E 176 17.47 10.70 19.44
C ALA E 176 16.33 11.70 19.55
N LYS E 177 16.51 12.75 20.35
CA LYS E 177 15.50 13.81 20.44
C LYS E 177 15.50 14.68 19.20
N GLN E 178 16.69 14.97 18.66
CA GLN E 178 16.78 15.76 17.43
C GLN E 178 16.19 15.03 16.24
N ALA E 179 16.44 13.72 16.14
CA ALA E 179 15.93 12.96 15.00
C ALA E 179 14.45 12.63 15.17
N GLY E 180 14.06 12.20 16.36
CA GLY E 180 12.67 11.88 16.63
C GLY E 180 12.45 10.53 17.26
N LEU E 181 13.54 9.90 17.73
CA LEU E 181 13.42 8.59 18.36
C LEU E 181 12.81 8.68 19.75
N VAL E 182 13.20 9.68 20.55
CA VAL E 182 12.66 9.88 21.87
C VAL E 182 11.88 11.19 21.88
N SER E 183 11.02 11.34 22.88
CA SER E 183 10.14 12.51 22.98
C SER E 183 10.54 13.50 24.07
N LYS E 184 11.25 13.05 25.10
CA LYS E 184 11.65 13.93 26.19
C LYS E 184 12.91 13.39 26.85
N ILE E 185 13.84 14.28 27.17
CA ILE E 185 15.07 13.93 27.86
C ILE E 185 14.93 14.29 29.33
N CYS E 186 15.13 13.32 30.20
CA CYS E 186 14.99 13.48 31.63
C CYS E 186 16.25 13.04 32.35
N PRO E 187 16.49 13.52 33.58
CA PRO E 187 17.64 13.04 34.34
C PRO E 187 17.53 11.57 34.65
N VAL E 188 18.68 10.93 34.91
CA VAL E 188 18.71 9.50 35.15
C VAL E 188 18.06 9.15 36.47
N GLU E 189 18.07 10.07 37.43
CA GLU E 189 17.51 9.82 38.75
C GLU E 189 16.02 10.16 38.85
N THR E 190 15.46 10.83 37.85
CA THR E 190 14.05 11.22 37.87
C THR E 190 13.31 10.80 36.60
N LEU E 191 13.88 9.91 35.79
CA LEU E 191 13.20 9.47 34.58
C LEU E 191 11.99 8.60 34.92
N VAL E 192 12.13 7.70 35.89
CA VAL E 192 11.04 6.82 36.27
C VAL E 192 9.89 7.63 36.86
N GLU E 193 10.20 8.65 37.65
CA GLU E 193 9.14 9.48 38.24
C GLU E 193 8.36 10.23 37.17
N GLU E 194 9.07 10.82 36.19
CA GLU E 194 8.37 11.52 35.12
C GLU E 194 7.59 10.56 34.23
N ALA E 195 8.11 9.35 34.03
CA ALA E 195 7.35 8.35 33.27
C ALA E 195 6.07 7.95 34.00
N ILE E 196 6.14 7.79 35.32
CA ILE E 196 4.94 7.49 36.09
C ILE E 196 3.96 8.65 36.05
N GLN E 197 4.46 9.90 36.10
CA GLN E 197 3.58 11.05 36.00
C GLN E 197 2.90 11.12 34.63
N CYS E 198 3.64 10.83 33.55
CA CYS E 198 3.04 10.79 32.23
C CYS E 198 2.00 9.68 32.10
N ALA E 199 2.29 8.51 32.65
CA ALA E 199 1.32 7.42 32.65
C ALA E 199 0.07 7.75 33.47
N GLU E 200 0.22 8.50 34.55
CA GLU E 200 -0.94 8.99 35.31
C GLU E 200 -1.75 10.01 34.52
N LYS E 201 -1.11 10.85 33.72
CA LYS E 201 -1.84 11.81 32.92
C LYS E 201 -2.60 11.05 31.92
N ILE E 202 -1.96 10.06 31.36
CA ILE E 202 -2.65 9.28 30.34
C ILE E 202 -3.80 8.47 30.94
N ALA E 203 -3.59 7.87 32.11
CA ALA E 203 -4.61 7.03 32.73
C ALA E 203 -5.78 7.82 33.29
N SER E 204 -5.68 9.16 33.34
CA SER E 204 -6.77 10.00 33.82
C SER E 204 -7.84 10.23 32.76
N ASN E 205 -7.71 9.63 31.59
CA ASN E 205 -8.66 9.78 30.50
C ASN E 205 -9.43 8.48 30.27
N SER E 206 -10.47 8.56 29.44
CA SER E 206 -11.27 7.40 29.11
C SER E 206 -10.45 6.33 28.42
N LYS E 207 -10.57 5.09 28.90
CA LYS E 207 -9.75 4.00 28.39
C LYS E 207 -10.12 3.62 26.96
N ILE E 208 -11.42 3.62 26.62
CA ILE E 208 -11.83 3.27 25.27
C ILE E 208 -11.39 4.35 24.29
N VAL E 209 -11.52 5.61 24.68
CA VAL E 209 -11.07 6.71 23.81
C VAL E 209 -9.55 6.68 23.66
N VAL E 210 -8.82 6.35 24.73
CA VAL E 210 -7.37 6.23 24.64
C VAL E 210 -6.99 5.10 23.69
N ALA E 211 -7.71 3.98 23.75
CA ALA E 211 -7.43 2.88 22.84
C ALA E 211 -7.72 3.26 21.39
N MET E 212 -8.84 3.96 21.16
CA MET E 212 -9.15 4.42 19.81
C MET E 212 -8.08 5.38 19.30
N ALA E 213 -7.60 6.29 20.14
CA ALA E 213 -6.55 7.21 19.73
C ALA E 213 -5.25 6.47 19.43
N LYS E 214 -4.91 5.49 20.25
CA LYS E 214 -3.69 4.70 20.00
C LYS E 214 -3.79 3.95 18.69
N GLU E 215 -4.96 3.36 18.40
CA GLU E 215 -5.14 2.68 17.13
C GLU E 215 -5.07 3.65 15.95
N SER E 216 -5.64 4.84 16.11
CA SER E 216 -5.58 5.84 15.05
C SER E 216 -4.15 6.28 14.78
N VAL E 217 -3.34 6.44 15.83
CA VAL E 217 -1.95 6.84 15.65
C VAL E 217 -1.14 5.70 15.04
N ASN E 218 -1.40 4.46 15.46
CA ASN E 218 -0.68 3.31 14.90
C ASN E 218 -1.07 3.03 13.47
N ALA E 219 -2.26 3.44 13.04
CA ALA E 219 -2.71 3.24 11.67
C ALA E 219 -2.02 4.18 10.69
N ALA E 220 -1.07 4.99 11.13
CA ALA E 220 -0.33 5.91 10.27
C ALA E 220 0.89 5.26 9.63
N PHE E 221 1.16 3.98 9.93
CA PHE E 221 2.27 3.27 9.32
C PHE E 221 1.83 2.02 8.58
N GLU E 222 0.51 1.82 8.41
CA GLU E 222 0.00 0.61 7.76
C GLU E 222 -0.86 0.89 6.54
N MET E 223 -1.37 2.10 6.37
CA MET E 223 -2.26 2.44 5.26
C MET E 223 -1.78 3.73 4.61
N THR E 224 -2.58 4.24 3.69
CA THR E 224 -2.29 5.48 2.98
C THR E 224 -2.86 6.67 3.75
N LEU E 225 -2.55 7.87 3.24
CA LEU E 225 -3.04 9.08 3.89
C LEU E 225 -4.56 9.21 3.77
N THR E 226 -5.10 8.94 2.57
CA THR E 226 -6.55 9.03 2.37
C THR E 226 -7.29 7.99 3.21
N GLU E 227 -6.87 6.73 3.13
CA GLU E 227 -7.49 5.68 3.94
C GLU E 227 -7.24 5.86 5.43
N GLY E 228 -6.07 6.38 5.81
CA GLY E 228 -5.85 6.73 7.20
C GLY E 228 -6.81 7.79 7.70
N SER E 229 -7.02 8.85 6.92
CA SER E 229 -7.99 9.86 7.32
C SER E 229 -9.41 9.31 7.33
N LYS E 230 -9.73 8.39 6.41
CA LYS E 230 -11.05 7.76 6.44
C LYS E 230 -11.27 6.92 7.69
N LEU E 231 -10.28 6.10 8.07
CA LEU E 231 -10.39 5.33 9.30
C LEU E 231 -10.44 6.24 10.53
N GLU E 232 -9.68 7.33 10.52
CA GLU E 232 -9.75 8.32 11.59
C GLU E 232 -11.13 8.95 11.72
N LYS E 233 -11.74 9.33 10.60
CA LYS E 233 -13.09 9.87 10.63
C LYS E 233 -14.12 8.84 11.07
N LYS E 234 -13.96 7.57 10.67
CA LYS E 234 -14.85 6.52 11.15
C LYS E 234 -14.73 6.31 12.65
N LEU E 235 -13.50 6.29 13.19
CA LEU E 235 -13.33 6.17 14.63
C LEU E 235 -13.78 7.42 15.39
N PHE E 236 -13.75 8.58 14.74
CA PHE E 236 -14.30 9.78 15.36
C PHE E 236 -15.83 9.76 15.36
N TYR E 237 -16.43 9.16 14.34
CA TYR E 237 -17.88 8.97 14.35
C TYR E 237 -18.30 7.94 15.38
N SER E 238 -17.52 6.88 15.56
CA SER E 238 -17.88 5.79 16.46
C SER E 238 -17.67 6.12 17.93
N THR E 239 -17.24 7.34 18.26
CA THR E 239 -17.05 7.72 19.66
C THR E 239 -18.20 8.52 20.23
N PHE E 240 -19.16 8.96 19.40
CA PHE E 240 -20.32 9.69 19.87
C PHE E 240 -21.38 8.79 20.50
N ALA E 241 -21.12 7.49 20.61
CA ALA E 241 -22.05 6.56 21.22
C ALA E 241 -21.63 6.12 22.61
N THR E 242 -20.60 6.73 23.17
CA THR E 242 -20.09 6.39 24.50
C THR E 242 -20.62 7.38 25.53
N ASP E 243 -20.33 7.08 26.80
CA ASP E 243 -20.79 7.91 27.90
C ASP E 243 -19.76 8.93 28.36
N ASP E 244 -18.48 8.69 28.09
CA ASP E 244 -17.43 9.64 28.49
C ASP E 244 -17.30 10.81 27.53
N ARG E 245 -17.64 10.63 26.26
CA ARG E 245 -17.60 11.74 25.30
C ARG E 245 -18.61 12.82 25.67
N LYS E 246 -19.84 12.43 25.98
CA LYS E 246 -20.86 13.39 26.38
C LYS E 246 -20.48 14.07 27.69
N GLU E 247 -19.90 13.31 28.64
CA GLU E 247 -19.47 13.89 29.90
C GLU E 247 -18.36 14.92 29.68
N GLY E 248 -17.42 14.60 28.79
CA GLY E 248 -16.35 15.54 28.49
C GLY E 248 -16.86 16.80 27.82
N MET E 249 -17.78 16.65 26.86
CA MET E 249 -18.37 17.82 26.22
C MET E 249 -19.18 18.67 27.19
N THR E 250 -19.90 18.04 28.13
CA THR E 250 -20.62 18.77 29.15
C THR E 250 -19.69 19.50 30.11
N ALA E 251 -18.57 18.87 30.50
CA ALA E 251 -17.59 19.52 31.36
C ALA E 251 -16.80 20.59 30.62
N PHE E 252 -16.79 20.57 29.28
CA PHE E 252 -16.20 21.65 28.51
C PHE E 252 -17.17 22.83 28.39
N VAL E 253 -18.45 22.54 28.14
CA VAL E 253 -19.44 23.60 28.04
C VAL E 253 -19.63 24.29 29.39
N GLU E 254 -20.01 23.52 30.41
CA GLU E 254 -20.14 24.04 31.77
C GLU E 254 -18.79 23.88 32.45
N LYS E 255 -18.27 24.97 33.01
CA LYS E 255 -16.91 24.99 33.56
C LYS E 255 -16.86 24.11 34.80
N ARG E 256 -16.35 22.89 34.62
CA ARG E 256 -16.19 21.95 35.72
C ARG E 256 -15.21 20.87 35.28
N LYS E 257 -15.03 19.87 36.15
CA LYS E 257 -14.12 18.77 35.88
C LYS E 257 -14.87 17.61 35.23
N ALA E 258 -14.17 16.90 34.35
CA ALA E 258 -14.74 15.79 33.61
C ALA E 258 -14.42 14.48 34.32
N ASN E 259 -15.46 13.75 34.71
CA ASN E 259 -15.32 12.45 35.37
C ASN E 259 -15.67 11.36 34.35
N PHE E 260 -14.66 10.65 33.88
CA PHE E 260 -14.83 9.61 32.87
C PHE E 260 -15.14 8.28 33.55
N LYS E 261 -16.09 7.52 32.98
CA LYS E 261 -16.53 6.26 33.54
C LYS E 261 -16.02 5.06 32.75
N ASP E 262 -15.04 5.28 31.86
CA ASP E 262 -14.47 4.21 31.04
C ASP E 262 -15.54 3.52 30.19
N GLN E 263 -16.53 4.27 29.73
CA GLN E 263 -17.61 3.72 28.92
C GLN E 263 -18.24 4.79 28.04
N ALA F 4 -16.60 41.47 2.02
CA ALA F 4 -17.91 41.06 1.54
C ALA F 4 -18.90 40.92 2.69
N ASN F 5 -19.77 39.92 2.61
CA ASN F 5 -20.77 39.63 3.64
C ASN F 5 -20.33 38.47 4.53
N PHE F 6 -19.02 38.31 4.74
CA PHE F 6 -18.50 37.24 5.57
C PHE F 6 -18.63 37.63 7.04
N GLU F 7 -19.10 36.68 7.85
CA GLU F 7 -19.34 36.94 9.27
C GLU F 7 -18.22 36.47 10.18
N TYR F 8 -17.41 35.50 9.75
CA TYR F 8 -16.36 34.95 10.59
C TYR F 8 -14.96 35.04 9.98
N ILE F 9 -14.84 35.37 8.70
CA ILE F 9 -13.55 35.46 8.04
C ILE F 9 -13.42 36.82 7.37
N ILE F 10 -12.17 37.17 7.04
CA ILE F 10 -11.86 38.41 6.34
C ILE F 10 -11.06 38.04 5.10
N ALA F 11 -11.66 38.22 3.93
CA ALA F 11 -11.04 37.87 2.66
C ALA F 11 -10.57 39.14 1.96
N GLU F 12 -9.29 39.17 1.59
CA GLU F 12 -8.71 40.32 0.92
C GLU F 12 -7.50 39.86 0.11
N LYS F 13 -7.18 40.65 -0.92
CA LYS F 13 -6.04 40.37 -1.78
C LYS F 13 -4.86 41.20 -1.32
N ARG F 14 -3.82 40.54 -0.84
CA ARG F 14 -2.62 41.18 -0.32
C ARG F 14 -1.43 40.85 -1.23
N GLY F 15 -0.29 41.46 -0.94
CA GLY F 15 0.92 41.20 -1.67
C GLY F 15 1.09 42.13 -2.87
N LYS F 16 2.23 42.00 -3.53
CA LYS F 16 2.54 42.82 -4.69
C LYS F 16 1.69 42.38 -5.88
N ASN F 17 1.12 43.36 -6.58
CA ASN F 17 0.27 43.16 -7.75
C ASN F 17 -0.96 42.32 -7.45
N ASN F 18 -1.35 42.22 -6.18
CA ASN F 18 -2.53 41.47 -5.75
C ASN F 18 -2.47 40.02 -6.25
N THR F 19 -1.39 39.34 -5.87
CA THR F 19 -1.17 37.95 -6.25
C THR F 19 -1.25 36.99 -5.07
N VAL F 20 -1.57 37.48 -3.88
CA VAL F 20 -1.63 36.65 -2.67
C VAL F 20 -3.00 36.83 -2.02
N GLY F 21 -3.66 35.71 -1.73
CA GLY F 21 -4.95 35.72 -1.06
C GLY F 21 -4.77 35.46 0.43
N LEU F 22 -5.31 36.37 1.23
CA LEU F 22 -5.20 36.31 2.68
C LEU F 22 -6.56 36.00 3.29
N ILE F 23 -6.67 34.87 3.98
CA ILE F 23 -7.88 34.47 4.67
C ILE F 23 -7.61 34.52 6.16
N GLN F 24 -8.22 35.48 6.85
CA GLN F 24 -8.02 35.67 8.28
C GLN F 24 -9.30 35.35 9.04
N LEU F 25 -9.21 34.42 9.99
CA LEU F 25 -10.33 34.06 10.84
C LEU F 25 -10.52 35.15 11.90
N ASN F 26 -11.68 35.80 11.88
CA ASN F 26 -11.95 36.95 12.75
C ASN F 26 -13.15 36.63 13.64
N ARG F 27 -12.88 36.03 14.80
CA ARG F 27 -13.89 35.80 15.83
C ARG F 27 -13.20 35.59 17.17
N PRO F 28 -12.78 36.68 17.83
CA PRO F 28 -12.08 36.54 19.12
C PRO F 28 -12.98 36.22 20.30
N LYS F 29 -14.26 35.89 20.07
CA LYS F 29 -15.17 35.56 21.16
C LYS F 29 -15.19 34.08 21.48
N ALA F 30 -14.60 33.23 20.63
CA ALA F 30 -14.55 31.80 20.85
C ALA F 30 -13.19 31.21 20.50
N LEU F 31 -12.15 32.04 20.45
CA LEU F 31 -10.80 31.62 20.08
C LEU F 31 -10.79 30.96 18.70
N ASN F 32 -11.55 31.56 17.77
CA ASN F 32 -11.66 31.10 16.39
C ASN F 32 -12.15 29.65 16.34
N ALA F 33 -13.37 29.45 16.85
CA ALA F 33 -13.99 28.13 16.84
C ALA F 33 -14.40 27.75 15.41
N LEU F 34 -13.98 26.56 14.99
CA LEU F 34 -14.28 26.08 13.64
C LEU F 34 -15.72 25.60 13.57
N CYS F 35 -16.63 26.56 13.46
CA CYS F 35 -18.05 26.26 13.32
C CYS F 35 -18.39 25.97 11.87
N ASP F 36 -19.65 25.66 11.61
CA ASP F 36 -20.09 25.36 10.25
C ASP F 36 -20.06 26.58 9.34
N GLY F 37 -20.51 27.74 9.82
CA GLY F 37 -20.51 28.94 9.02
C GLY F 37 -19.12 29.39 8.63
N LEU F 38 -18.18 29.31 9.58
CA LEU F 38 -16.80 29.68 9.29
C LEU F 38 -16.19 28.75 8.24
N ILE F 39 -16.48 27.45 8.34
CA ILE F 39 -15.95 26.51 7.36
C ILE F 39 -16.57 26.76 5.99
N ASP F 40 -17.86 27.08 5.94
CA ASP F 40 -18.50 27.39 4.67
C ASP F 40 -17.90 28.65 4.04
N GLU F 41 -17.68 29.69 4.85
CA GLU F 41 -17.06 30.90 4.33
C GLU F 41 -15.62 30.64 3.87
N LEU F 42 -14.87 29.82 4.60
CA LEU F 42 -13.52 29.46 4.18
C LEU F 42 -13.52 28.70 2.86
N ASN F 43 -14.46 27.76 2.69
CA ASN F 43 -14.55 27.05 1.42
C ASN F 43 -14.94 27.98 0.28
N GLN F 44 -15.86 28.92 0.52
CA GLN F 44 -16.20 29.89 -0.51
C GLN F 44 -15.01 30.77 -0.88
N ALA F 45 -14.23 31.21 0.12
CA ALA F 45 -13.05 32.01 -0.17
C ALA F 45 -12.00 31.20 -0.93
N LEU F 46 -11.82 29.93 -0.58
CA LEU F 46 -10.91 29.07 -1.34
C LEU F 46 -11.36 28.89 -2.77
N LYS F 47 -12.66 28.70 -3.00
CA LYS F 47 -13.17 28.57 -4.37
C LYS F 47 -12.97 29.87 -5.15
N THR F 48 -13.18 31.01 -4.51
CA THR F 48 -12.98 32.30 -5.17
C THR F 48 -11.51 32.49 -5.55
N PHE F 49 -10.60 32.14 -4.62
CA PHE F 49 -9.18 32.28 -4.89
C PHE F 49 -8.66 31.24 -5.87
N GLU F 50 -9.37 30.12 -6.04
CA GLU F 50 -9.01 29.11 -7.02
C GLU F 50 -9.61 29.39 -8.40
N GLU F 51 -10.67 30.21 -8.47
CA GLU F 51 -11.23 30.61 -9.75
C GLU F 51 -10.76 32.00 -10.17
N ASP F 52 -9.67 32.48 -9.57
CA ASP F 52 -9.10 33.78 -9.90
C ASP F 52 -7.75 33.58 -10.54
N PRO F 53 -7.56 33.94 -11.82
CA PRO F 53 -6.25 33.74 -12.47
C PRO F 53 -5.17 34.70 -11.99
N ALA F 54 -5.45 35.57 -11.02
CA ALA F 54 -4.48 36.51 -10.51
C ALA F 54 -3.85 36.08 -9.20
N VAL F 55 -4.44 35.12 -8.50
CA VAL F 55 -3.92 34.62 -7.22
C VAL F 55 -3.18 33.33 -7.48
N GLY F 56 -1.94 33.24 -6.98
CA GLY F 56 -1.13 32.06 -7.15
C GLY F 56 -0.92 31.27 -5.89
N ALA F 57 -1.16 31.91 -4.74
CA ALA F 57 -0.97 31.26 -3.45
C ALA F 57 -1.91 31.88 -2.44
N ILE F 58 -2.30 31.08 -1.45
CA ILE F 58 -3.24 31.50 -0.41
C ILE F 58 -2.52 31.43 0.93
N VAL F 59 -2.76 32.43 1.78
CA VAL F 59 -2.17 32.50 3.11
C VAL F 59 -3.30 32.48 4.13
N LEU F 60 -3.44 31.36 4.83
CA LEU F 60 -4.46 31.21 5.87
C LEU F 60 -3.87 31.60 7.22
N THR F 61 -4.47 32.59 7.87
CA THR F 61 -3.99 33.07 9.16
C THR F 61 -5.17 33.26 10.11
N GLY F 62 -4.85 33.46 11.38
CA GLY F 62 -5.87 33.69 12.39
C GLY F 62 -5.66 35.00 13.13
N GLY F 63 -5.54 34.93 14.45
CA GLY F 63 -5.32 36.12 15.25
C GLY F 63 -3.94 36.17 15.86
N ASP F 64 -3.74 37.03 16.85
CA ASP F 64 -2.46 37.18 17.52
C ASP F 64 -2.36 36.36 18.80
N LYS F 65 -3.47 35.78 19.27
CA LYS F 65 -3.46 34.97 20.48
C LYS F 65 -3.95 33.54 20.25
N ALA F 66 -4.67 33.28 19.17
CA ALA F 66 -5.16 31.93 18.90
C ALA F 66 -5.51 31.82 17.42
N PHE F 67 -4.88 30.87 16.74
CA PHE F 67 -5.20 30.61 15.34
C PHE F 67 -6.57 29.97 15.19
N ALA F 68 -6.81 28.87 15.89
CA ALA F 68 -8.10 28.20 15.92
C ALA F 68 -8.11 27.22 17.08
N ALA F 69 -9.19 27.26 17.86
CA ALA F 69 -9.34 26.40 19.04
C ALA F 69 -10.02 25.08 18.71
N GLY F 70 -10.16 24.75 17.44
CA GLY F 70 -10.80 23.52 17.00
C GLY F 70 -12.25 23.76 16.64
N ALA F 71 -12.97 22.64 16.49
CA ALA F 71 -14.39 22.70 16.17
C ALA F 71 -15.18 23.22 17.36
N ASP F 72 -16.32 23.85 17.06
CA ASP F 72 -17.19 24.39 18.11
C ASP F 72 -17.84 23.25 18.86
N ILE F 73 -17.37 22.97 20.08
CA ILE F 73 -17.89 21.88 20.87
C ILE F 73 -19.29 22.18 21.39
N LYS F 74 -19.72 23.45 21.36
CA LYS F 74 -21.04 23.85 21.82
C LYS F 74 -22.11 23.63 20.75
N GLU F 75 -21.81 22.88 19.70
CA GLU F 75 -22.80 22.57 18.67
C GLU F 75 -22.95 21.07 18.51
N MET F 76 -21.84 20.33 18.65
CA MET F 76 -21.83 18.88 18.54
C MET F 76 -22.03 18.19 19.89
N GLN F 77 -22.45 18.94 20.92
CA GLN F 77 -22.63 18.33 22.23
C GLN F 77 -23.85 17.40 22.25
N ASN F 78 -24.88 17.74 21.49
CA ASN F 78 -26.11 16.96 21.50
C ASN F 78 -26.23 16.09 20.26
N LEU F 79 -25.09 15.58 19.78
CA LEU F 79 -25.05 14.71 18.61
C LEU F 79 -24.74 13.29 19.02
N SER F 80 -25.36 12.34 18.33
CA SER F 80 -25.18 10.92 18.58
C SER F 80 -24.51 10.26 17.38
N PHE F 81 -24.40 8.93 17.45
CA PHE F 81 -23.79 8.19 16.35
C PHE F 81 -24.61 8.32 15.07
N GLN F 82 -25.94 8.33 15.19
CA GLN F 82 -26.79 8.47 14.01
C GLN F 82 -26.68 9.86 13.41
N ASP F 83 -26.61 10.90 14.26
CA ASP F 83 -26.49 12.27 13.78
C ASP F 83 -25.09 12.61 13.27
N CYS F 84 -24.12 11.72 13.47
CA CYS F 84 -22.75 11.94 13.01
C CYS F 84 -22.38 11.09 11.80
N TYR F 85 -22.85 9.83 11.75
CA TYR F 85 -22.51 8.97 10.63
C TYR F 85 -23.29 9.35 9.38
N SER F 86 -24.62 9.29 9.43
CA SER F 86 -25.41 9.59 8.25
C SER F 86 -25.76 11.08 8.19
N SER F 87 -24.75 11.94 8.36
CA SER F 87 -24.92 13.37 8.16
C SER F 87 -23.64 13.97 7.58
N LYS F 88 -22.64 13.12 7.37
CA LYS F 88 -21.32 13.53 6.88
C LYS F 88 -20.78 14.71 7.70
N PHE F 89 -20.59 14.43 8.99
CA PHE F 89 -20.04 15.43 9.89
C PHE F 89 -18.59 15.73 9.52
N LEU F 90 -18.24 17.01 9.50
CA LEU F 90 -16.91 17.50 9.12
C LEU F 90 -16.55 17.16 7.67
N LYS F 91 -17.55 16.95 6.81
CA LYS F 91 -17.27 16.62 5.42
C LYS F 91 -16.73 17.79 4.63
N HIS F 92 -16.98 19.02 5.08
CA HIS F 92 -16.50 20.22 4.41
C HIS F 92 -15.09 20.62 4.87
N TRP F 93 -14.44 19.78 5.68
CA TRP F 93 -13.09 20.04 6.14
C TRP F 93 -12.03 19.42 5.25
N ASP F 94 -12.43 18.74 4.17
CA ASP F 94 -11.48 18.12 3.26
C ASP F 94 -11.38 18.93 1.98
N HIS F 95 -11.52 20.25 2.08
CA HIS F 95 -11.41 21.15 0.95
C HIS F 95 -10.03 21.80 0.85
N LEU F 96 -9.19 21.66 1.87
CA LEU F 96 -7.82 22.16 1.81
C LEU F 96 -6.89 21.21 1.07
N THR F 97 -7.22 19.92 1.02
CA THR F 97 -6.44 18.94 0.29
C THR F 97 -6.86 18.81 -1.17
N GLN F 98 -7.90 19.52 -1.58
CA GLN F 98 -8.37 19.49 -2.96
C GLN F 98 -8.07 20.78 -3.70
N VAL F 99 -7.36 21.72 -3.07
CA VAL F 99 -6.98 22.97 -3.73
C VAL F 99 -5.60 22.77 -4.36
N LYS F 100 -5.49 23.09 -5.65
CA LYS F 100 -4.25 22.92 -6.37
C LYS F 100 -3.25 24.02 -6.10
N LYS F 101 -3.71 25.20 -5.68
CA LYS F 101 -2.80 26.27 -5.33
C LYS F 101 -2.25 26.07 -3.92
N PRO F 102 -1.00 26.47 -3.68
CA PRO F 102 -0.42 26.29 -2.34
C PRO F 102 -1.11 27.15 -1.30
N VAL F 103 -1.32 26.57 -0.12
CA VAL F 103 -1.93 27.26 1.00
C VAL F 103 -0.91 27.35 2.12
N ILE F 104 -0.62 28.57 2.56
CA ILE F 104 0.34 28.80 3.63
C ILE F 104 -0.41 29.09 4.91
N ALA F 105 0.02 28.43 5.98
CA ALA F 105 -0.61 28.56 7.29
C ALA F 105 0.25 29.43 8.20
N ALA F 106 -0.33 30.51 8.71
CA ALA F 106 0.34 31.43 9.62
C ALA F 106 -0.28 31.25 11.00
N VAL F 107 0.45 30.61 11.91
CA VAL F 107 -0.06 30.25 13.23
C VAL F 107 0.56 31.20 14.25
N ASN F 108 -0.28 32.03 14.87
CA ASN F 108 0.13 32.89 15.97
C ASN F 108 -0.78 32.61 17.16
N GLY F 109 -0.22 32.02 18.22
CA GLY F 109 -0.99 31.74 19.42
C GLY F 109 -1.37 30.28 19.57
N TYR F 110 -2.61 30.04 20.01
CA TYR F 110 -3.09 28.70 20.29
C TYR F 110 -3.60 28.04 19.01
N ALA F 111 -3.04 26.90 18.67
CA ALA F 111 -3.50 26.07 17.55
C ALA F 111 -3.74 24.67 18.12
N PHE F 112 -4.94 24.44 18.64
CA PHE F 112 -5.29 23.21 19.33
C PHE F 112 -6.35 22.46 18.54
N GLY F 113 -6.12 21.17 18.31
CA GLY F 113 -7.08 20.33 17.63
C GLY F 113 -7.30 20.72 16.19
N GLY F 114 -8.48 21.29 15.90
CA GLY F 114 -8.81 21.71 14.55
C GLY F 114 -7.85 22.71 13.94
N GLY F 115 -7.28 23.61 14.73
CA GLY F 115 -6.27 24.51 14.20
C GLY F 115 -5.03 23.81 13.73
N CYS F 116 -4.51 22.88 14.55
CA CYS F 116 -3.35 22.09 14.13
C CYS F 116 -3.68 21.22 12.92
N GLU F 117 -4.89 20.68 12.86
CA GLU F 117 -5.29 19.89 11.70
C GLU F 117 -5.33 20.72 10.42
N LEU F 118 -5.95 21.91 10.48
CA LEU F 118 -5.99 22.78 9.32
C LEU F 118 -4.59 23.25 8.93
N ALA F 119 -3.71 23.44 9.92
CA ALA F 119 -2.33 23.81 9.61
C ALA F 119 -1.60 22.67 8.90
N MET F 120 -1.79 21.43 9.37
CA MET F 120 -1.15 20.28 8.76
C MET F 120 -1.73 19.92 7.39
N MET F 121 -2.97 20.32 7.11
CA MET F 121 -3.55 20.12 5.80
C MET F 121 -3.05 21.12 4.77
N CYS F 122 -2.14 22.02 5.15
CA CYS F 122 -1.53 22.97 4.24
C CYS F 122 -0.15 22.49 3.82
N ASP F 123 0.36 23.10 2.75
CA ASP F 123 1.69 22.73 2.25
C ASP F 123 2.79 23.23 3.16
N ILE F 124 2.80 24.53 3.45
CA ILE F 124 3.82 25.17 4.28
C ILE F 124 3.17 25.61 5.58
N ILE F 125 3.85 25.33 6.69
CA ILE F 125 3.36 25.67 8.03
C ILE F 125 4.32 26.67 8.63
N TYR F 126 3.88 27.91 8.79
CA TYR F 126 4.64 28.97 9.42
C TYR F 126 4.02 29.31 10.77
N ALA F 127 4.83 29.26 11.82
CA ALA F 127 4.37 29.52 13.18
C ALA F 127 5.16 30.68 13.78
N GLY F 128 4.56 31.31 14.79
CA GLY F 128 5.19 32.39 15.51
C GLY F 128 5.97 31.90 16.72
N GLU F 129 6.75 32.81 17.30
CA GLU F 129 7.53 32.46 18.48
C GLU F 129 6.65 32.12 19.67
N LYS F 130 5.53 32.82 19.81
CA LYS F 130 4.56 32.56 20.89
C LYS F 130 3.39 31.75 20.34
N ALA F 131 3.69 30.52 19.94
CA ALA F 131 2.70 29.62 19.37
C ALA F 131 2.83 28.25 20.02
N GLN F 132 1.69 27.57 20.19
CA GLN F 132 1.65 26.26 20.82
C GLN F 132 0.74 25.34 20.02
N PHE F 133 1.19 24.13 19.77
CA PHE F 133 0.43 23.13 19.02
C PHE F 133 0.11 21.96 19.95
N ALA F 134 -1.15 21.52 19.92
CA ALA F 134 -1.59 20.43 20.76
C ALA F 134 -2.86 19.82 20.16
N GLN F 135 -3.22 18.64 20.68
CA GLN F 135 -4.43 17.92 20.28
C GLN F 135 -5.21 17.58 21.53
N PRO F 136 -5.97 18.53 22.08
CA PRO F 136 -6.68 18.27 23.33
C PRO F 136 -8.03 17.62 23.13
N GLU F 137 -8.08 16.54 22.34
CA GLU F 137 -9.30 15.77 22.18
C GLU F 137 -9.46 14.72 23.26
N ILE F 138 -8.36 14.19 23.81
CA ILE F 138 -8.44 13.18 24.85
C ILE F 138 -8.98 13.72 26.17
N LEU F 139 -9.01 15.05 26.32
CA LEU F 139 -9.53 15.67 27.53
C LEU F 139 -11.03 15.94 27.48
N ILE F 140 -11.66 15.78 26.32
CA ILE F 140 -13.10 16.00 26.16
C ILE F 140 -13.85 14.72 25.81
N GLY F 141 -13.16 13.58 25.73
CA GLY F 141 -13.81 12.31 25.51
C GLY F 141 -13.84 11.84 24.06
N THR F 142 -13.12 12.50 23.16
CA THR F 142 -13.10 12.12 21.75
C THR F 142 -11.66 12.05 21.26
N ILE F 143 -11.53 11.82 19.96
CA ILE F 143 -10.22 11.75 19.30
C ILE F 143 -10.24 12.72 18.11
N PRO F 144 -9.08 13.15 17.62
CA PRO F 144 -9.07 13.96 16.39
C PRO F 144 -9.64 13.18 15.21
N GLY F 145 -10.40 13.88 14.38
CA GLY F 145 -11.06 13.22 13.26
C GLY F 145 -10.90 13.91 11.92
N ALA F 146 -9.99 14.88 11.85
CA ALA F 146 -9.76 15.65 10.63
C ALA F 146 -8.26 15.72 10.33
N GLY F 147 -7.58 14.58 10.47
CA GLY F 147 -6.17 14.50 10.16
C GLY F 147 -5.24 14.74 11.32
N GLY F 148 -5.72 14.67 12.56
CA GLY F 148 -4.90 14.90 13.72
C GLY F 148 -4.09 13.72 14.20
N THR F 149 -4.32 12.52 13.63
CA THR F 149 -3.58 11.33 14.01
C THR F 149 -2.83 10.70 12.85
N GLN F 150 -2.95 11.25 11.64
CA GLN F 150 -2.28 10.71 10.46
C GLN F 150 -1.16 11.61 9.97
N ARG F 151 -1.44 12.89 9.73
CA ARG F 151 -0.41 13.81 9.27
C ARG F 151 0.54 14.22 10.38
N LEU F 152 0.10 14.16 11.64
CA LEU F 152 0.97 14.53 12.75
C LEU F 152 2.00 13.44 13.04
N THR F 153 1.59 12.17 12.93
CA THR F 153 2.50 11.07 13.22
C THR F 153 3.61 10.95 12.18
N ARG F 154 3.31 11.22 10.92
CA ARG F 154 4.29 11.14 9.84
C ARG F 154 5.17 12.37 9.73
N ALA F 155 5.06 13.32 10.66
CA ALA F 155 5.83 14.56 10.58
C ALA F 155 6.76 14.71 11.78
N VAL F 156 6.23 14.53 12.99
CA VAL F 156 7.04 14.73 14.19
C VAL F 156 7.58 13.43 14.75
N GLY F 157 6.99 12.31 14.38
CA GLY F 157 7.42 11.02 14.90
C GLY F 157 6.31 10.33 15.65
N LYS F 158 6.45 9.00 15.81
CA LYS F 158 5.42 8.22 16.47
C LYS F 158 5.32 8.56 17.95
N SER F 159 6.47 8.71 18.62
CA SER F 159 6.47 8.93 20.05
C SER F 159 5.87 10.28 20.42
N LEU F 160 6.31 11.34 19.74
CA LEU F 160 5.80 12.68 20.04
C LEU F 160 4.31 12.79 19.72
N ALA F 161 3.87 12.19 18.61
CA ALA F 161 2.44 12.21 18.28
C ALA F 161 1.63 11.44 19.31
N MET F 162 2.11 10.26 19.71
CA MET F 162 1.44 9.50 20.76
C MET F 162 1.32 10.31 22.04
N GLU F 163 2.40 10.99 22.44
CA GLU F 163 2.36 11.80 23.66
C GLU F 163 1.36 12.94 23.52
N MET F 164 1.41 13.67 22.40
CA MET F 164 0.53 14.81 22.23
C MET F 164 -0.93 14.40 22.13
N VAL F 165 -1.21 13.17 21.69
CA VAL F 165 -2.59 12.71 21.54
C VAL F 165 -3.12 12.16 22.85
N LEU F 166 -2.28 11.40 23.57
CA LEU F 166 -2.73 10.74 24.79
C LEU F 166 -2.54 11.59 26.04
N THR F 167 -1.89 12.75 25.95
CA THR F 167 -1.70 13.62 27.09
C THR F 167 -2.32 15.00 26.92
N GLY F 168 -2.51 15.47 25.69
CA GLY F 168 -3.02 16.81 25.48
C GLY F 168 -2.05 17.90 25.82
N ASP F 169 -0.76 17.59 25.92
CA ASP F 169 0.25 18.58 26.27
C ASP F 169 0.56 19.49 25.09
N ARG F 170 1.03 20.69 25.40
CA ARG F 170 1.34 21.70 24.40
C ARG F 170 2.83 21.75 24.14
N ILE F 171 3.21 21.85 22.88
CA ILE F 171 4.60 21.94 22.47
C ILE F 171 4.89 23.35 21.97
N SER F 172 6.13 23.77 22.12
CA SER F 172 6.54 25.10 21.69
C SER F 172 6.86 25.10 20.19
N ALA F 173 7.08 26.31 19.65
CA ALA F 173 7.42 26.43 18.24
C ALA F 173 8.77 25.79 17.94
N GLN F 174 9.71 25.87 18.87
CA GLN F 174 11.02 25.26 18.67
C GLN F 174 10.90 23.74 18.58
N ASP F 175 10.01 23.14 19.37
CA ASP F 175 9.80 21.70 19.29
C ASP F 175 9.20 21.28 17.94
N ALA F 176 8.19 22.00 17.45
CA ALA F 176 7.62 21.71 16.15
C ALA F 176 8.58 22.01 15.00
N LYS F 177 9.56 22.89 15.22
CA LYS F 177 10.58 23.15 14.23
C LYS F 177 11.64 22.07 14.19
N GLN F 178 12.09 21.59 15.36
CA GLN F 178 13.08 20.52 15.41
C GLN F 178 12.47 19.17 15.10
N ALA F 179 11.15 19.03 15.21
CA ALA F 179 10.49 17.76 14.92
C ALA F 179 10.10 17.60 13.46
N GLY F 180 9.70 18.68 12.78
CA GLY F 180 9.33 18.60 11.39
C GLY F 180 7.93 19.08 11.11
N LEU F 181 7.30 19.72 12.09
CA LEU F 181 5.95 20.25 11.93
C LEU F 181 5.94 21.67 11.39
N VAL F 182 6.90 22.50 11.79
CA VAL F 182 7.01 23.87 11.31
C VAL F 182 8.34 24.03 10.61
N SER F 183 8.32 24.71 9.46
CA SER F 183 9.51 24.87 8.62
C SER F 183 10.30 26.13 8.93
N LYS F 184 9.71 27.12 9.58
CA LYS F 184 10.40 28.36 9.88
C LYS F 184 9.75 29.05 11.06
N ILE F 185 10.56 29.50 12.01
CA ILE F 185 10.08 30.24 13.18
C ILE F 185 10.23 31.72 12.89
N CYS F 186 9.14 32.47 13.08
CA CYS F 186 9.08 33.88 12.75
C CYS F 186 8.51 34.66 13.92
N PRO F 187 8.85 35.94 14.04
CA PRO F 187 8.26 36.77 15.11
C PRO F 187 6.76 36.92 14.92
N VAL F 188 6.08 37.31 16.00
CA VAL F 188 4.63 37.43 15.97
C VAL F 188 4.20 38.60 15.09
N GLU F 189 4.93 39.72 15.18
CA GLU F 189 4.55 40.92 14.46
C GLU F 189 5.00 40.92 13.00
N THR F 190 5.75 39.92 12.56
CA THR F 190 6.21 39.85 11.18
C THR F 190 5.94 38.50 10.53
N LEU F 191 5.10 37.67 11.13
CA LEU F 191 4.80 36.37 10.53
C LEU F 191 3.92 36.53 9.29
N VAL F 192 2.92 37.41 9.35
CA VAL F 192 2.02 37.59 8.21
C VAL F 192 2.76 38.18 7.02
N GLU F 193 3.63 39.16 7.25
CA GLU F 193 4.37 39.78 6.15
C GLU F 193 5.32 38.79 5.50
N GLU F 194 6.05 38.01 6.30
CA GLU F 194 6.94 37.01 5.74
C GLU F 194 6.20 35.87 5.04
N ALA F 195 5.02 35.49 5.54
CA ALA F 195 4.19 34.53 4.83
C ALA F 195 3.70 35.07 3.49
N ILE F 196 3.34 36.36 3.43
CA ILE F 196 2.96 36.97 2.16
C ILE F 196 4.14 37.00 1.22
N GLN F 197 5.35 37.27 1.74
CA GLN F 197 6.53 37.27 0.89
C GLN F 197 6.82 35.86 0.37
N CYS F 198 6.63 34.84 1.20
CA CYS F 198 6.82 33.47 0.74
C CYS F 198 5.79 33.11 -0.33
N ALA F 199 4.54 33.53 -0.15
CA ALA F 199 3.52 33.30 -1.17
C ALA F 199 3.83 34.03 -2.46
N GLU F 200 4.43 35.23 -2.38
CA GLU F 200 4.87 35.93 -3.58
C GLU F 200 6.01 35.19 -4.27
N LYS F 201 6.96 34.66 -3.51
CA LYS F 201 8.02 33.86 -4.10
C LYS F 201 7.48 32.58 -4.71
N ILE F 202 6.35 32.07 -4.20
CA ILE F 202 5.71 30.91 -4.81
C ILE F 202 4.87 31.29 -6.03
N ALA F 203 4.11 32.38 -5.95
CA ALA F 203 3.23 32.81 -7.04
C ALA F 203 3.98 33.51 -8.17
N SER F 204 5.31 33.56 -8.11
CA SER F 204 6.10 34.16 -9.17
C SER F 204 6.54 33.15 -10.22
N ASN F 205 6.17 31.89 -10.07
CA ASN F 205 6.51 30.83 -11.00
C ASN F 205 5.26 30.39 -11.75
N SER F 206 5.42 29.35 -12.59
CA SER F 206 4.33 28.83 -13.37
C SER F 206 3.32 28.12 -12.47
N LYS F 207 2.04 28.45 -12.64
CA LYS F 207 1.00 27.88 -11.79
C LYS F 207 0.81 26.39 -12.04
N ILE F 208 0.84 25.97 -13.30
CA ILE F 208 0.66 24.54 -13.60
C ILE F 208 1.84 23.73 -13.10
N VAL F 209 3.07 24.24 -13.23
CA VAL F 209 4.23 23.54 -12.73
C VAL F 209 4.22 23.50 -11.20
N VAL F 210 3.78 24.59 -10.56
CA VAL F 210 3.64 24.59 -9.11
C VAL F 210 2.61 23.55 -8.66
N ALA F 211 1.49 23.45 -9.38
CA ALA F 211 0.48 22.44 -9.04
C ALA F 211 1.03 21.03 -9.22
N MET F 212 1.77 20.79 -10.31
CA MET F 212 2.39 19.48 -10.51
C MET F 212 3.38 19.14 -9.41
N ALA F 213 4.20 20.11 -8.98
CA ALA F 213 5.12 19.89 -7.88
C ALA F 213 4.39 19.60 -6.58
N LYS F 214 3.29 20.33 -6.33
CA LYS F 214 2.50 20.08 -5.13
C LYS F 214 1.91 18.68 -5.14
N GLU F 215 1.40 18.24 -6.29
CA GLU F 215 0.88 16.88 -6.40
C GLU F 215 1.98 15.83 -6.20
N SER F 216 3.16 16.08 -6.78
CA SER F 216 4.27 15.14 -6.62
C SER F 216 4.73 15.06 -5.17
N VAL F 217 4.70 16.17 -4.44
CA VAL F 217 5.07 16.12 -3.02
C VAL F 217 3.98 15.48 -2.17
N ASN F 218 2.71 15.74 -2.45
CA ASN F 218 1.62 15.13 -1.70
C ASN F 218 1.46 13.65 -2.00
N ALA F 219 1.96 13.17 -3.13
CA ALA F 219 1.90 11.75 -3.46
C ALA F 219 2.89 10.91 -2.67
N ALA F 220 3.68 11.52 -1.79
CA ALA F 220 4.66 10.79 -1.00
C ALA F 220 4.07 10.10 0.22
N PHE F 221 2.79 10.32 0.51
CA PHE F 221 2.12 9.67 1.64
C PHE F 221 0.96 8.79 1.21
N GLU F 222 0.78 8.55 -0.09
CA GLU F 222 -0.35 7.79 -0.59
C GLU F 222 0.04 6.49 -1.26
N MET F 223 1.33 6.25 -1.49
CA MET F 223 1.77 5.03 -2.15
C MET F 223 3.23 4.75 -1.78
N THR F 224 3.83 3.78 -2.46
CA THR F 224 5.18 3.34 -2.17
C THR F 224 6.20 4.27 -2.81
N LEU F 225 7.47 4.02 -2.48
CA LEU F 225 8.55 4.86 -3.01
C LEU F 225 8.76 4.66 -4.50
N THR F 226 8.69 3.41 -4.97
CA THR F 226 8.88 3.15 -6.40
C THR F 226 7.73 3.75 -7.23
N GLU F 227 6.49 3.54 -6.81
CA GLU F 227 5.36 4.13 -7.52
C GLU F 227 5.37 5.64 -7.44
N GLY F 228 5.78 6.21 -6.31
CA GLY F 228 5.93 7.65 -6.21
C GLY F 228 6.98 8.20 -7.15
N SER F 229 8.14 7.54 -7.23
CA SER F 229 9.18 7.95 -8.16
C SER F 229 8.74 7.83 -9.61
N LYS F 230 8.01 6.77 -9.96
CA LYS F 230 7.49 6.63 -11.31
C LYS F 230 6.45 7.68 -11.66
N LEU F 231 5.52 7.99 -10.74
CA LEU F 231 4.58 9.07 -10.97
C LEU F 231 5.26 10.43 -11.08
N GLU F 232 6.30 10.68 -10.27
CA GLU F 232 7.11 11.88 -10.39
C GLU F 232 7.81 11.98 -11.74
N LYS F 233 8.37 10.86 -12.23
CA LYS F 233 9.01 10.86 -13.54
C LYS F 233 8.00 11.10 -14.65
N LYS F 234 6.79 10.54 -14.53
CA LYS F 234 5.74 10.81 -15.51
C LYS F 234 5.30 12.26 -15.50
N LEU F 235 5.12 12.85 -14.32
CA LEU F 235 4.77 14.26 -14.24
C LEU F 235 5.89 15.17 -14.71
N PHE F 236 7.14 14.75 -14.58
CA PHE F 236 8.27 15.49 -15.15
C PHE F 236 8.30 15.39 -16.67
N TYR F 237 7.99 14.22 -17.23
CA TYR F 237 7.86 14.10 -18.67
C TYR F 237 6.71 14.93 -19.21
N SER F 238 5.64 15.07 -18.42
CA SER F 238 4.47 15.85 -18.82
C SER F 238 4.70 17.35 -18.76
N THR F 239 5.91 17.80 -18.43
CA THR F 239 6.24 19.21 -18.39
C THR F 239 6.89 19.73 -19.66
N PHE F 240 7.38 18.84 -20.53
CA PHE F 240 8.03 19.22 -21.77
C PHE F 240 7.04 19.62 -22.86
N ALA F 241 5.75 19.63 -22.56
CA ALA F 241 4.72 20.01 -23.53
C ALA F 241 4.17 21.41 -23.28
N THR F 242 4.74 22.15 -22.33
CA THR F 242 4.29 23.49 -21.99
C THR F 242 5.31 24.51 -22.49
N ASP F 243 4.94 25.79 -22.38
CA ASP F 243 5.79 26.88 -22.82
C ASP F 243 6.62 27.48 -21.70
N ASP F 244 6.16 27.44 -20.46
CA ASP F 244 6.91 28.01 -19.34
C ASP F 244 8.19 27.25 -19.06
N ARG F 245 8.19 25.92 -19.19
CA ARG F 245 9.42 25.15 -19.02
C ARG F 245 10.47 25.55 -20.04
N LYS F 246 10.07 25.65 -21.32
CA LYS F 246 11.00 26.07 -22.35
C LYS F 246 11.48 27.49 -22.13
N GLU F 247 10.58 28.38 -21.69
CA GLU F 247 10.98 29.76 -21.40
C GLU F 247 12.01 29.81 -20.28
N GLY F 248 11.78 29.05 -19.21
CA GLY F 248 12.73 29.02 -18.11
C GLY F 248 14.08 28.44 -18.52
N MET F 249 14.06 27.36 -19.31
CA MET F 249 15.32 26.80 -19.80
C MET F 249 16.06 27.74 -20.72
N THR F 250 15.37 28.45 -21.61
CA THR F 250 16.00 29.45 -22.46
C THR F 250 16.57 30.62 -21.66
N ALA F 251 15.85 31.08 -20.64
CA ALA F 251 16.37 32.15 -19.79
C ALA F 251 17.55 31.70 -18.95
N PHE F 252 17.60 30.42 -18.58
CA PHE F 252 18.76 29.91 -17.84
C PHE F 252 19.97 29.73 -18.75
N VAL F 253 19.74 29.30 -19.99
CA VAL F 253 20.85 29.14 -20.92
C VAL F 253 21.40 30.50 -21.36
N GLU F 254 20.53 31.47 -21.63
CA GLU F 254 20.95 32.79 -22.06
C GLU F 254 21.22 33.71 -20.88
N LYS F 255 21.09 33.23 -19.65
CA LYS F 255 21.39 33.98 -18.43
C LYS F 255 20.55 35.26 -18.36
N ARG F 256 19.24 35.08 -18.31
CA ARG F 256 18.30 36.18 -18.19
C ARG F 256 17.12 35.74 -17.33
N LYS F 257 16.12 36.59 -17.23
CA LYS F 257 14.94 36.31 -16.42
C LYS F 257 13.87 35.63 -17.27
N ALA F 258 13.15 34.71 -16.63
CA ALA F 258 12.12 33.93 -17.31
C ALA F 258 10.74 34.49 -17.00
N ASN F 259 9.97 34.77 -18.06
CA ASN F 259 8.62 35.31 -17.93
C ASN F 259 7.63 34.19 -18.22
N PHE F 260 7.06 33.61 -17.17
CA PHE F 260 6.10 32.51 -17.31
C PHE F 260 4.71 33.07 -17.62
N LYS F 261 4.00 32.38 -18.51
CA LYS F 261 2.66 32.80 -18.92
C LYS F 261 1.57 31.86 -18.41
N ASP F 262 1.90 31.03 -17.41
CA ASP F 262 0.95 30.05 -16.86
C ASP F 262 0.41 29.11 -17.93
N GLN F 263 1.26 28.75 -18.89
CA GLN F 263 0.85 27.87 -19.98
C GLN F 263 2.03 27.06 -20.50
#